data_1DG5
# 
_entry.id   1DG5 
# 
_audit_conform.dict_name       mmcif_pdbx.dic 
_audit_conform.dict_version    5.385 
_audit_conform.dict_location   http://mmcif.pdb.org/dictionaries/ascii/mmcif_pdbx.dic 
# 
loop_
_database_2.database_id 
_database_2.database_code 
_database_2.pdbx_database_accession 
_database_2.pdbx_DOI 
PDB   1DG5         pdb_00001dg5 10.2210/pdb1dg5/pdb 
RCSB  RCSB010057   ?            ?                   
WWPDB D_1000010057 ?            ?                   
# 
loop_
_pdbx_audit_revision_history.ordinal 
_pdbx_audit_revision_history.data_content_type 
_pdbx_audit_revision_history.major_revision 
_pdbx_audit_revision_history.minor_revision 
_pdbx_audit_revision_history.revision_date 
1 'Structure model' 1 0 2000-03-09 
2 'Structure model' 1 1 2008-04-27 
3 'Structure model' 1 2 2011-07-13 
4 'Structure model' 1 3 2024-02-07 
# 
_pdbx_audit_revision_details.ordinal             1 
_pdbx_audit_revision_details.revision_ordinal    1 
_pdbx_audit_revision_details.data_content_type   'Structure model' 
_pdbx_audit_revision_details.provider            repository 
_pdbx_audit_revision_details.type                'Initial release' 
_pdbx_audit_revision_details.description         ? 
_pdbx_audit_revision_details.details             ? 
# 
loop_
_pdbx_audit_revision_group.ordinal 
_pdbx_audit_revision_group.revision_ordinal 
_pdbx_audit_revision_group.data_content_type 
_pdbx_audit_revision_group.group 
1 2 'Structure model' 'Version format compliance' 
2 3 'Structure model' 'Non-polymer description'   
3 3 'Structure model' 'Version format compliance' 
4 4 'Structure model' 'Data collection'           
5 4 'Structure model' 'Database references'       
6 4 'Structure model' 'Derived calculations'      
# 
loop_
_pdbx_audit_revision_category.ordinal 
_pdbx_audit_revision_category.revision_ordinal 
_pdbx_audit_revision_category.data_content_type 
_pdbx_audit_revision_category.category 
1 4 'Structure model' chem_comp_atom 
2 4 'Structure model' chem_comp_bond 
3 4 'Structure model' database_2     
4 4 'Structure model' struct_site    
# 
loop_
_pdbx_audit_revision_item.ordinal 
_pdbx_audit_revision_item.revision_ordinal 
_pdbx_audit_revision_item.data_content_type 
_pdbx_audit_revision_item.item 
1 4 'Structure model' '_database_2.pdbx_DOI'                
2 4 'Structure model' '_database_2.pdbx_database_accession' 
3 4 'Structure model' '_struct_site.pdbx_auth_asym_id'      
4 4 'Structure model' '_struct_site.pdbx_auth_comp_id'      
5 4 'Structure model' '_struct_site.pdbx_auth_seq_id'       
# 
_pdbx_database_status.status_code                     REL 
_pdbx_database_status.entry_id                        1DG5 
_pdbx_database_status.recvd_initial_deposition_date   1999-11-23 
_pdbx_database_status.deposit_site                    RCSB 
_pdbx_database_status.process_site                    RCSB 
_pdbx_database_status.SG_entry                        . 
_pdbx_database_status.pdb_format_compatible           Y 
_pdbx_database_status.status_code_mr                  ? 
_pdbx_database_status.status_code_sf                  ? 
_pdbx_database_status.status_code_cs                  ? 
_pdbx_database_status.status_code_nmr_data            ? 
_pdbx_database_status.methods_development_category    ? 
# 
loop_
_pdbx_database_related.db_name 
_pdbx_database_related.db_id 
_pdbx_database_related.details 
_pdbx_database_related.content_type 
PDB 1DF7 . unspecified 
PDB 1DG7 . unspecified 
PDB 1DG8 . unspecified 
# 
loop_
_audit_author.name 
_audit_author.pdbx_ordinal 
'Li, R.'           1 
'Sirawaraporn, R.' 2 
'Chitnumsub, P.'   3 
'Sirawaraporn, W.' 4 
'Wooden, J.'       5 
'Athappilly, F.'   6 
'Turley, S.'       7 
'Hol, W.G.'        8 
# 
loop_
_citation.id 
_citation.title 
_citation.journal_abbrev 
_citation.journal_volume 
_citation.page_first 
_citation.page_last 
_citation.year 
_citation.journal_id_ASTM 
_citation.country 
_citation.journal_id_ISSN 
_citation.journal_id_CSD 
_citation.book_publisher 
_citation.pdbx_database_id_PubMed 
_citation.pdbx_database_id_DOI 
primary 
;Three-dimensional structure of M. tuberculosis dihydrofolate reductase reveals opportunities for the design of novel tuberculosis drugs.
;
J.Mol.Biol.  295 307   323   2000 JMOBAK UK 0022-2836 0070 ? 10623528 10.1006/jmbi.1999.3328 
1       
;Comparison of Two Independent Crystal Structures of Human Dihydrofolate Reductase Ternary Complexes Reduced with Nicotinamide Adenine Dinucleotide Phosphate and the Very Tight-Binding Inhibitor PT523
;
Biochemistry 36  13897 13903 1997 BICHAW US 0006-2960 0033 ? ?        10.1021/bi971711l      
# 
loop_
_citation_author.citation_id 
_citation_author.name 
_citation_author.ordinal 
_citation_author.identifier_ORCID 
primary 'Li, R.'           1  ? 
primary 'Sirawaraporn, R.' 2  ? 
primary 'Chitnumsub, P.'   3  ? 
primary 'Sirawaraporn, W.' 4  ? 
primary 'Wooden, J.'       5  ? 
primary 'Athappilly, F.'   6  ? 
primary 'Turley, S.'       7  ? 
primary 'Hol, W.G.'        8  ? 
1       'Cody, V.'         9  ? 
1       'Galitsky, N.'     10 ? 
1       'Luft, J.R.'       11 ? 
1       'Pangborn, W.'     12 ? 
1       'Rosowsky, A.'     13 ? 
1       'Blakley, R.L.'    14 ? 
# 
loop_
_entity.id 
_entity.type 
_entity.src_method 
_entity.pdbx_description 
_entity.formula_weight 
_entity.pdbx_number_of_molecules 
_entity.pdbx_ec 
_entity.pdbx_mutation 
_entity.pdbx_fragment 
_entity.details 
1 polymer     nat 'DIHYDROFOLATE REDUCTASE'                                   17660.992 1   1.5.1.3 ? ? ? 
2 non-polymer syn 'NADPH DIHYDRO-NICOTINAMIDE-ADENINE-DINUCLEOTIDE PHOSPHATE' 745.421   1   ?       ? ? ? 
3 non-polymer syn TRIMETHOPRIM                                                290.318   1   ?       ? ? ? 
4 non-polymer syn GLYCEROL                                                    92.094    3   ?       ? ? ? 
5 water       nat water                                                       18.015    113 ?       ? ? ? 
# 
_entity_name_com.entity_id   1 
_entity_name_com.name        DHFR 
# 
_entity_poly.entity_id                      1 
_entity_poly.type                           'polypeptide(L)' 
_entity_poly.nstd_linkage                   no 
_entity_poly.nstd_monomer                   no 
_entity_poly.pdbx_seq_one_letter_code       
;MVGLIWAQATSGVIGRGGDIPWRLPEDQAHFREITMGHTIVMGRRTWDSLPAKVRPLPGRRNVVLSRQADFMASGAEVVG
SLEEALTSPETWVIGGGQVYALALPYATRCEVTEVDIGLPREAGDALAPVLDETWRGETGEWRFSRSGLRYRLYSYHRS
;
_entity_poly.pdbx_seq_one_letter_code_can   
;MVGLIWAQATSGVIGRGGDIPWRLPEDQAHFREITMGHTIVMGRRTWDSLPAKVRPLPGRRNVVLSRQADFMASGAEVVG
SLEEALTSPETWVIGGGQVYALALPYATRCEVTEVDIGLPREAGDALAPVLDETWRGETGEWRFSRSGLRYRLYSYHRS
;
_entity_poly.pdbx_strand_id                 A 
_entity_poly.pdbx_target_identifier         ? 
# 
loop_
_pdbx_entity_nonpoly.entity_id 
_pdbx_entity_nonpoly.name 
_pdbx_entity_nonpoly.comp_id 
2 'NADPH DIHYDRO-NICOTINAMIDE-ADENINE-DINUCLEOTIDE PHOSPHATE' NDP 
3 TRIMETHOPRIM                                                TOP 
4 GLYCEROL                                                    GOL 
5 water                                                       HOH 
# 
loop_
_entity_poly_seq.entity_id 
_entity_poly_seq.num 
_entity_poly_seq.mon_id 
_entity_poly_seq.hetero 
1 1   MET n 
1 2   VAL n 
1 3   GLY n 
1 4   LEU n 
1 5   ILE n 
1 6   TRP n 
1 7   ALA n 
1 8   GLN n 
1 9   ALA n 
1 10  THR n 
1 11  SER n 
1 12  GLY n 
1 13  VAL n 
1 14  ILE n 
1 15  GLY n 
1 16  ARG n 
1 17  GLY n 
1 18  GLY n 
1 19  ASP n 
1 20  ILE n 
1 21  PRO n 
1 22  TRP n 
1 23  ARG n 
1 24  LEU n 
1 25  PRO n 
1 26  GLU n 
1 27  ASP n 
1 28  GLN n 
1 29  ALA n 
1 30  HIS n 
1 31  PHE n 
1 32  ARG n 
1 33  GLU n 
1 34  ILE n 
1 35  THR n 
1 36  MET n 
1 37  GLY n 
1 38  HIS n 
1 39  THR n 
1 40  ILE n 
1 41  VAL n 
1 42  MET n 
1 43  GLY n 
1 44  ARG n 
1 45  ARG n 
1 46  THR n 
1 47  TRP n 
1 48  ASP n 
1 49  SER n 
1 50  LEU n 
1 51  PRO n 
1 52  ALA n 
1 53  LYS n 
1 54  VAL n 
1 55  ARG n 
1 56  PRO n 
1 57  LEU n 
1 58  PRO n 
1 59  GLY n 
1 60  ARG n 
1 61  ARG n 
1 62  ASN n 
1 63  VAL n 
1 64  VAL n 
1 65  LEU n 
1 66  SER n 
1 67  ARG n 
1 68  GLN n 
1 69  ALA n 
1 70  ASP n 
1 71  PHE n 
1 72  MET n 
1 73  ALA n 
1 74  SER n 
1 75  GLY n 
1 76  ALA n 
1 77  GLU n 
1 78  VAL n 
1 79  VAL n 
1 80  GLY n 
1 81  SER n 
1 82  LEU n 
1 83  GLU n 
1 84  GLU n 
1 85  ALA n 
1 86  LEU n 
1 87  THR n 
1 88  SER n 
1 89  PRO n 
1 90  GLU n 
1 91  THR n 
1 92  TRP n 
1 93  VAL n 
1 94  ILE n 
1 95  GLY n 
1 96  GLY n 
1 97  GLY n 
1 98  GLN n 
1 99  VAL n 
1 100 TYR n 
1 101 ALA n 
1 102 LEU n 
1 103 ALA n 
1 104 LEU n 
1 105 PRO n 
1 106 TYR n 
1 107 ALA n 
1 108 THR n 
1 109 ARG n 
1 110 CYS n 
1 111 GLU n 
1 112 VAL n 
1 113 THR n 
1 114 GLU n 
1 115 VAL n 
1 116 ASP n 
1 117 ILE n 
1 118 GLY n 
1 119 LEU n 
1 120 PRO n 
1 121 ARG n 
1 122 GLU n 
1 123 ALA n 
1 124 GLY n 
1 125 ASP n 
1 126 ALA n 
1 127 LEU n 
1 128 ALA n 
1 129 PRO n 
1 130 VAL n 
1 131 LEU n 
1 132 ASP n 
1 133 GLU n 
1 134 THR n 
1 135 TRP n 
1 136 ARG n 
1 137 GLY n 
1 138 GLU n 
1 139 THR n 
1 140 GLY n 
1 141 GLU n 
1 142 TRP n 
1 143 ARG n 
1 144 PHE n 
1 145 SER n 
1 146 ARG n 
1 147 SER n 
1 148 GLY n 
1 149 LEU n 
1 150 ARG n 
1 151 TYR n 
1 152 ARG n 
1 153 LEU n 
1 154 TYR n 
1 155 SER n 
1 156 TYR n 
1 157 HIS n 
1 158 ARG n 
1 159 SER n 
# 
_entity_src_nat.entity_id                  1 
_entity_src_nat.pdbx_src_id                1 
_entity_src_nat.pdbx_alt_source_flag       sample 
_entity_src_nat.pdbx_beg_seq_num           ? 
_entity_src_nat.pdbx_end_seq_num           ? 
_entity_src_nat.common_name                ? 
_entity_src_nat.pdbx_organism_scientific   'Mycobacterium tuberculosis' 
_entity_src_nat.pdbx_ncbi_taxonomy_id      1773 
_entity_src_nat.genus                      Mycobacterium 
_entity_src_nat.species                    ? 
_entity_src_nat.strain                     ? 
_entity_src_nat.tissue                     ? 
_entity_src_nat.tissue_fraction            ? 
_entity_src_nat.pdbx_secretion             ? 
_entity_src_nat.pdbx_fragment              ? 
_entity_src_nat.pdbx_variant               ? 
_entity_src_nat.pdbx_cell_line             ? 
_entity_src_nat.pdbx_atcc                  ? 
_entity_src_nat.pdbx_cellular_location     ? 
_entity_src_nat.pdbx_organ                 ? 
_entity_src_nat.pdbx_organelle             ? 
_entity_src_nat.pdbx_cell                  ? 
_entity_src_nat.pdbx_plasmid_name          ? 
_entity_src_nat.pdbx_plasmid_details       ? 
_entity_src_nat.details                    ? 
# 
loop_
_chem_comp.id 
_chem_comp.type 
_chem_comp.mon_nstd_flag 
_chem_comp.name 
_chem_comp.pdbx_synonyms 
_chem_comp.formula 
_chem_comp.formula_weight 
ALA 'L-peptide linking' y ALANINE                                                     ?                               'C3 H7 N O2' 
89.093  
ARG 'L-peptide linking' y ARGININE                                                    ?                               
'C6 H15 N4 O2 1'    175.209 
ASN 'L-peptide linking' y ASPARAGINE                                                  ?                               
'C4 H8 N2 O3'       132.118 
ASP 'L-peptide linking' y 'ASPARTIC ACID'                                             ?                               'C4 H7 N O4' 
133.103 
CYS 'L-peptide linking' y CYSTEINE                                                    ?                               
'C3 H7 N O2 S'      121.158 
GLN 'L-peptide linking' y GLUTAMINE                                                   ?                               
'C5 H10 N2 O3'      146.144 
GLU 'L-peptide linking' y 'GLUTAMIC ACID'                                             ?                               'C5 H9 N O4' 
147.129 
GLY 'peptide linking'   y GLYCINE                                                     ?                               'C2 H5 N O2' 
75.067  
GOL non-polymer         . GLYCEROL                                                    'GLYCERIN; PROPANE-1,2,3-TRIOL' 'C3 H8 O3' 
92.094  
HIS 'L-peptide linking' y HISTIDINE                                                   ?                               
'C6 H10 N3 O2 1'    156.162 
HOH non-polymer         . WATER                                                       ?                               'H2 O' 
18.015  
ILE 'L-peptide linking' y ISOLEUCINE                                                  ?                               
'C6 H13 N O2'       131.173 
LEU 'L-peptide linking' y LEUCINE                                                     ?                               
'C6 H13 N O2'       131.173 
LYS 'L-peptide linking' y LYSINE                                                      ?                               
'C6 H15 N2 O2 1'    147.195 
MET 'L-peptide linking' y METHIONINE                                                  ?                               
'C5 H11 N O2 S'     149.211 
NDP non-polymer         . 'NADPH DIHYDRO-NICOTINAMIDE-ADENINE-DINUCLEOTIDE PHOSPHATE' ?                               
'C21 H30 N7 O17 P3' 745.421 
PHE 'L-peptide linking' y PHENYLALANINE                                               ?                               
'C9 H11 N O2'       165.189 
PRO 'L-peptide linking' y PROLINE                                                     ?                               'C5 H9 N O2' 
115.130 
SER 'L-peptide linking' y SERINE                                                      ?                               'C3 H7 N O3' 
105.093 
THR 'L-peptide linking' y THREONINE                                                   ?                               'C4 H9 N O3' 
119.119 
TOP non-polymer         . TRIMETHOPRIM                                                ?                               
'C14 H18 N4 O3'     290.318 
TRP 'L-peptide linking' y TRYPTOPHAN                                                  ?                               
'C11 H12 N2 O2'     204.225 
TYR 'L-peptide linking' y TYROSINE                                                    ?                               
'C9 H11 N O3'       181.189 
VAL 'L-peptide linking' y VALINE                                                      ?                               
'C5 H11 N O2'       117.146 
# 
loop_
_pdbx_poly_seq_scheme.asym_id 
_pdbx_poly_seq_scheme.entity_id 
_pdbx_poly_seq_scheme.seq_id 
_pdbx_poly_seq_scheme.mon_id 
_pdbx_poly_seq_scheme.ndb_seq_num 
_pdbx_poly_seq_scheme.pdb_seq_num 
_pdbx_poly_seq_scheme.auth_seq_num 
_pdbx_poly_seq_scheme.pdb_mon_id 
_pdbx_poly_seq_scheme.auth_mon_id 
_pdbx_poly_seq_scheme.pdb_strand_id 
_pdbx_poly_seq_scheme.pdb_ins_code 
_pdbx_poly_seq_scheme.hetero 
A 1 1   MET 1   1   1   MET MET A . n 
A 1 2   VAL 2   2   2   VAL VAL A . n 
A 1 3   GLY 3   3   3   GLY GLY A . n 
A 1 4   LEU 4   4   4   LEU LEU A . n 
A 1 5   ILE 5   5   5   ILE ILE A . n 
A 1 6   TRP 6   6   6   TRP TRP A . n 
A 1 7   ALA 7   7   7   ALA ALA A . n 
A 1 8   GLN 8   8   8   GLN GLN A . n 
A 1 9   ALA 9   9   9   ALA ALA A . n 
A 1 10  THR 10  10  10  THR THR A . n 
A 1 11  SER 11  11  11  SER SER A . n 
A 1 12  GLY 12  12  12  GLY GLY A . n 
A 1 13  VAL 13  13  13  VAL VAL A . n 
A 1 14  ILE 14  14  14  ILE ILE A . n 
A 1 15  GLY 15  15  15  GLY GLY A . n 
A 1 16  ARG 16  16  16  ARG ARG A . n 
A 1 17  GLY 17  17  17  GLY GLY A . n 
A 1 18  GLY 18  18  18  GLY GLY A . n 
A 1 19  ASP 19  19  19  ASP ASP A . n 
A 1 20  ILE 20  20  20  ILE ILE A . n 
A 1 21  PRO 21  21  21  PRO PRO A . n 
A 1 22  TRP 22  22  22  TRP TRP A . n 
A 1 23  ARG 23  23  23  ARG ARG A . n 
A 1 24  LEU 24  24  24  LEU LEU A . n 
A 1 25  PRO 25  25  25  PRO PRO A . n 
A 1 26  GLU 26  26  26  GLU GLU A . n 
A 1 27  ASP 27  27  27  ASP ASP A . n 
A 1 28  GLN 28  28  28  GLN GLN A . n 
A 1 29  ALA 29  29  29  ALA ALA A . n 
A 1 30  HIS 30  30  30  HIS HIS A . n 
A 1 31  PHE 31  31  31  PHE PHE A . n 
A 1 32  ARG 32  32  32  ARG ARG A . n 
A 1 33  GLU 33  33  33  GLU GLU A . n 
A 1 34  ILE 34  34  34  ILE ILE A . n 
A 1 35  THR 35  35  35  THR THR A . n 
A 1 36  MET 36  36  36  MET MET A . n 
A 1 37  GLY 37  37  37  GLY GLY A . n 
A 1 38  HIS 38  38  38  HIS HIS A . n 
A 1 39  THR 39  39  39  THR THR A . n 
A 1 40  ILE 40  40  40  ILE ILE A . n 
A 1 41  VAL 41  41  41  VAL VAL A . n 
A 1 42  MET 42  42  42  MET MET A . n 
A 1 43  GLY 43  43  43  GLY GLY A . n 
A 1 44  ARG 44  44  44  ARG ARG A . n 
A 1 45  ARG 45  45  45  ARG ARG A . n 
A 1 46  THR 46  46  46  THR THR A . n 
A 1 47  TRP 47  47  47  TRP TRP A . n 
A 1 48  ASP 48  48  48  ASP ASP A . n 
A 1 49  SER 49  49  49  SER SER A . n 
A 1 50  LEU 50  50  50  LEU LEU A . n 
A 1 51  PRO 51  51  51  PRO PRO A . n 
A 1 52  ALA 52  52  52  ALA ALA A . n 
A 1 53  LYS 53  53  53  LYS LYS A . n 
A 1 54  VAL 54  54  54  VAL VAL A . n 
A 1 55  ARG 55  55  55  ARG ARG A . n 
A 1 56  PRO 56  56  56  PRO PRO A . n 
A 1 57  LEU 57  57  57  LEU LEU A . n 
A 1 58  PRO 58  58  58  PRO PRO A . n 
A 1 59  GLY 59  59  59  GLY GLY A . n 
A 1 60  ARG 60  60  60  ARG ARG A . n 
A 1 61  ARG 61  61  61  ARG ARG A . n 
A 1 62  ASN 62  62  62  ASN ASN A . n 
A 1 63  VAL 63  63  63  VAL VAL A . n 
A 1 64  VAL 64  64  64  VAL VAL A . n 
A 1 65  LEU 65  65  65  LEU LEU A . n 
A 1 66  SER 66  66  66  SER SER A . n 
A 1 67  ARG 67  67  67  ARG ARG A . n 
A 1 68  GLN 68  68  68  GLN GLN A . n 
A 1 69  ALA 69  69  69  ALA ALA A . n 
A 1 70  ASP 70  70  70  ASP ASP A . n 
A 1 71  PHE 71  71  71  PHE PHE A . n 
A 1 72  MET 72  72  72  MET MET A . n 
A 1 73  ALA 73  73  73  ALA ALA A . n 
A 1 74  SER 74  74  74  SER SER A . n 
A 1 75  GLY 75  75  75  GLY GLY A . n 
A 1 76  ALA 76  76  76  ALA ALA A . n 
A 1 77  GLU 77  77  77  GLU GLU A . n 
A 1 78  VAL 78  78  78  VAL VAL A . n 
A 1 79  VAL 79  79  79  VAL VAL A . n 
A 1 80  GLY 80  80  80  GLY GLY A . n 
A 1 81  SER 81  81  81  SER SER A . n 
A 1 82  LEU 82  82  82  LEU LEU A . n 
A 1 83  GLU 83  83  83  GLU GLU A . n 
A 1 84  GLU 84  84  84  GLU GLU A . n 
A 1 85  ALA 85  85  85  ALA ALA A . n 
A 1 86  LEU 86  86  86  LEU LEU A . n 
A 1 87  THR 87  87  87  THR THR A . n 
A 1 88  SER 88  88  88  SER SER A . n 
A 1 89  PRO 89  89  89  PRO PRO A . n 
A 1 90  GLU 90  90  90  GLU GLU A . n 
A 1 91  THR 91  91  91  THR THR A . n 
A 1 92  TRP 92  92  92  TRP TRP A . n 
A 1 93  VAL 93  93  93  VAL VAL A . n 
A 1 94  ILE 94  94  94  ILE ILE A . n 
A 1 95  GLY 95  95  95  GLY GLY A . n 
A 1 96  GLY 96  96  96  GLY GLY A . n 
A 1 97  GLY 97  97  97  GLY GLY A . n 
A 1 98  GLN 98  98  98  GLN GLN A . n 
A 1 99  VAL 99  99  99  VAL VAL A . n 
A 1 100 TYR 100 100 100 TYR TYR A . n 
A 1 101 ALA 101 101 101 ALA ALA A . n 
A 1 102 LEU 102 102 102 LEU LEU A . n 
A 1 103 ALA 103 103 103 ALA ALA A . n 
A 1 104 LEU 104 104 104 LEU LEU A . n 
A 1 105 PRO 105 105 105 PRO PRO A . n 
A 1 106 TYR 106 106 106 TYR TYR A . n 
A 1 107 ALA 107 107 107 ALA ALA A . n 
A 1 108 THR 108 108 108 THR THR A . n 
A 1 109 ARG 109 109 109 ARG ARG A . n 
A 1 110 CYS 110 110 110 CYS CYS A . n 
A 1 111 GLU 111 111 111 GLU GLU A . n 
A 1 112 VAL 112 112 112 VAL VAL A . n 
A 1 113 THR 113 113 113 THR THR A . n 
A 1 114 GLU 114 114 114 GLU GLU A . n 
A 1 115 VAL 115 115 115 VAL VAL A . n 
A 1 116 ASP 116 116 116 ASP ASP A . n 
A 1 117 ILE 117 117 117 ILE ILE A . n 
A 1 118 GLY 118 118 118 GLY GLY A . n 
A 1 119 LEU 119 119 119 LEU LEU A . n 
A 1 120 PRO 120 120 120 PRO PRO A . n 
A 1 121 ARG 121 121 121 ARG ARG A . n 
A 1 122 GLU 122 122 122 GLU GLU A . n 
A 1 123 ALA 123 123 123 ALA ALA A . n 
A 1 124 GLY 124 124 124 GLY GLY A . n 
A 1 125 ASP 125 125 125 ASP ASP A . n 
A 1 126 ALA 126 126 126 ALA ALA A . n 
A 1 127 LEU 127 127 127 LEU LEU A . n 
A 1 128 ALA 128 128 128 ALA ALA A . n 
A 1 129 PRO 129 129 129 PRO PRO A . n 
A 1 130 VAL 130 130 130 VAL VAL A . n 
A 1 131 LEU 131 131 131 LEU LEU A . n 
A 1 132 ASP 132 132 132 ASP ASP A . n 
A 1 133 GLU 133 133 133 GLU GLU A . n 
A 1 134 THR 134 134 134 THR THR A . n 
A 1 135 TRP 135 135 135 TRP TRP A . n 
A 1 136 ARG 136 136 136 ARG ARG A . n 
A 1 137 GLY 137 137 137 GLY GLY A . n 
A 1 138 GLU 138 138 138 GLU GLU A . n 
A 1 139 THR 139 139 139 THR THR A . n 
A 1 140 GLY 140 140 140 GLY GLY A . n 
A 1 141 GLU 141 141 141 GLU GLU A . n 
A 1 142 TRP 142 142 142 TRP TRP A . n 
A 1 143 ARG 143 143 143 ARG ARG A . n 
A 1 144 PHE 144 144 144 PHE PHE A . n 
A 1 145 SER 145 145 145 SER SER A . n 
A 1 146 ARG 146 146 146 ARG ARG A . n 
A 1 147 SER 147 147 147 SER SER A . n 
A 1 148 GLY 148 148 148 GLY GLY A . n 
A 1 149 LEU 149 149 149 LEU LEU A . n 
A 1 150 ARG 150 150 150 ARG ARG A . n 
A 1 151 TYR 151 151 151 TYR TYR A . n 
A 1 152 ARG 152 152 152 ARG ARG A . n 
A 1 153 LEU 153 153 153 LEU LEU A . n 
A 1 154 TYR 154 154 154 TYR TYR A . n 
A 1 155 SER 155 155 155 SER SER A . n 
A 1 156 TYR 156 156 156 TYR TYR A . n 
A 1 157 HIS 157 157 157 HIS HIS A . n 
A 1 158 ARG 158 158 158 ARG ARG A . n 
A 1 159 SER 159 159 159 SER SER A . n 
# 
loop_
_pdbx_nonpoly_scheme.asym_id 
_pdbx_nonpoly_scheme.entity_id 
_pdbx_nonpoly_scheme.mon_id 
_pdbx_nonpoly_scheme.ndb_seq_num 
_pdbx_nonpoly_scheme.pdb_seq_num 
_pdbx_nonpoly_scheme.auth_seq_num 
_pdbx_nonpoly_scheme.pdb_mon_id 
_pdbx_nonpoly_scheme.auth_mon_id 
_pdbx_nonpoly_scheme.pdb_strand_id 
_pdbx_nonpoly_scheme.pdb_ins_code 
B 2 NDP 1   200 1   NDP NDP A . 
C 3 TOP 1   201 2   TOP TMP A . 
D 4 GOL 1   202 1   GOL GOL A . 
E 4 GOL 1   203 2   GOL GOL A . 
F 4 GOL 1   204 3   GOL GOL A . 
G 5 HOH 1   205 1   HOH WAT A . 
G 5 HOH 2   206 2   HOH WAT A . 
G 5 HOH 3   207 3   HOH WAT A . 
G 5 HOH 4   208 4   HOH WAT A . 
G 5 HOH 5   209 5   HOH WAT A . 
G 5 HOH 6   210 6   HOH WAT A . 
G 5 HOH 7   211 7   HOH WAT A . 
G 5 HOH 8   212 8   HOH WAT A . 
G 5 HOH 9   213 9   HOH WAT A . 
G 5 HOH 10  214 10  HOH WAT A . 
G 5 HOH 11  215 11  HOH WAT A . 
G 5 HOH 12  216 12  HOH WAT A . 
G 5 HOH 13  217 13  HOH WAT A . 
G 5 HOH 14  218 14  HOH WAT A . 
G 5 HOH 15  219 15  HOH WAT A . 
G 5 HOH 16  220 16  HOH WAT A . 
G 5 HOH 17  221 17  HOH WAT A . 
G 5 HOH 18  222 18  HOH WAT A . 
G 5 HOH 19  223 19  HOH WAT A . 
G 5 HOH 20  224 20  HOH WAT A . 
G 5 HOH 21  225 21  HOH WAT A . 
G 5 HOH 22  226 22  HOH WAT A . 
G 5 HOH 23  227 23  HOH WAT A . 
G 5 HOH 24  228 24  HOH WAT A . 
G 5 HOH 25  229 25  HOH WAT A . 
G 5 HOH 26  230 26  HOH WAT A . 
G 5 HOH 27  231 27  HOH WAT A . 
G 5 HOH 28  232 28  HOH WAT A . 
G 5 HOH 29  233 29  HOH WAT A . 
G 5 HOH 30  234 30  HOH WAT A . 
G 5 HOH 31  235 31  HOH WAT A . 
G 5 HOH 32  236 32  HOH WAT A . 
G 5 HOH 33  237 33  HOH WAT A . 
G 5 HOH 34  238 34  HOH WAT A . 
G 5 HOH 35  239 35  HOH WAT A . 
G 5 HOH 36  240 36  HOH WAT A . 
G 5 HOH 37  241 37  HOH WAT A . 
G 5 HOH 38  242 38  HOH WAT A . 
G 5 HOH 39  243 39  HOH WAT A . 
G 5 HOH 40  244 40  HOH WAT A . 
G 5 HOH 41  245 41  HOH WAT A . 
G 5 HOH 42  246 42  HOH WAT A . 
G 5 HOH 43  247 43  HOH WAT A . 
G 5 HOH 44  248 44  HOH WAT A . 
G 5 HOH 45  249 45  HOH WAT A . 
G 5 HOH 46  250 46  HOH WAT A . 
G 5 HOH 47  251 47  HOH WAT A . 
G 5 HOH 48  252 48  HOH WAT A . 
G 5 HOH 49  253 49  HOH WAT A . 
G 5 HOH 50  254 50  HOH WAT A . 
G 5 HOH 51  255 51  HOH WAT A . 
G 5 HOH 52  256 52  HOH WAT A . 
G 5 HOH 53  257 53  HOH WAT A . 
G 5 HOH 54  258 54  HOH WAT A . 
G 5 HOH 55  259 55  HOH WAT A . 
G 5 HOH 56  260 56  HOH WAT A . 
G 5 HOH 57  261 57  HOH WAT A . 
G 5 HOH 58  262 58  HOH WAT A . 
G 5 HOH 59  263 59  HOH WAT A . 
G 5 HOH 60  264 60  HOH WAT A . 
G 5 HOH 61  265 61  HOH WAT A . 
G 5 HOH 62  266 62  HOH WAT A . 
G 5 HOH 63  267 63  HOH WAT A . 
G 5 HOH 64  268 64  HOH WAT A . 
G 5 HOH 65  269 65  HOH WAT A . 
G 5 HOH 66  270 66  HOH WAT A . 
G 5 HOH 67  271 67  HOH WAT A . 
G 5 HOH 68  272 68  HOH WAT A . 
G 5 HOH 69  273 69  HOH WAT A . 
G 5 HOH 70  274 70  HOH WAT A . 
G 5 HOH 71  275 71  HOH WAT A . 
G 5 HOH 72  276 72  HOH WAT A . 
G 5 HOH 73  277 73  HOH WAT A . 
G 5 HOH 74  278 74  HOH WAT A . 
G 5 HOH 75  279 75  HOH WAT A . 
G 5 HOH 76  280 76  HOH WAT A . 
G 5 HOH 77  281 77  HOH WAT A . 
G 5 HOH 78  282 78  HOH WAT A . 
G 5 HOH 79  283 79  HOH WAT A . 
G 5 HOH 80  284 80  HOH WAT A . 
G 5 HOH 81  285 81  HOH WAT A . 
G 5 HOH 82  286 82  HOH WAT A . 
G 5 HOH 83  287 83  HOH WAT A . 
G 5 HOH 84  288 84  HOH WAT A . 
G 5 HOH 85  289 85  HOH WAT A . 
G 5 HOH 86  290 86  HOH WAT A . 
G 5 HOH 87  291 87  HOH WAT A . 
G 5 HOH 88  292 88  HOH WAT A . 
G 5 HOH 89  293 89  HOH WAT A . 
G 5 HOH 90  294 90  HOH WAT A . 
G 5 HOH 91  295 91  HOH WAT A . 
G 5 HOH 92  296 92  HOH WAT A . 
G 5 HOH 93  297 93  HOH WAT A . 
G 5 HOH 94  298 94  HOH WAT A . 
G 5 HOH 95  299 95  HOH WAT A . 
G 5 HOH 96  300 96  HOH WAT A . 
G 5 HOH 97  301 97  HOH WAT A . 
G 5 HOH 98  302 98  HOH WAT A . 
G 5 HOH 99  303 99  HOH WAT A . 
G 5 HOH 100 304 100 HOH WAT A . 
G 5 HOH 101 305 101 HOH WAT A . 
G 5 HOH 102 306 102 HOH WAT A . 
G 5 HOH 103 307 103 HOH WAT A . 
G 5 HOH 104 308 104 HOH WAT A . 
G 5 HOH 105 309 105 HOH WAT A . 
G 5 HOH 106 310 106 HOH WAT A . 
G 5 HOH 107 311 107 HOH WAT A . 
G 5 HOH 108 312 108 HOH WAT A . 
G 5 HOH 109 313 109 HOH WAT A . 
G 5 HOH 110 314 110 HOH WAT A . 
G 5 HOH 111 315 111 HOH WAT A . 
G 5 HOH 112 316 112 HOH WAT A . 
G 5 HOH 113 317 113 HOH WAT A . 
# 
loop_
_software.name 
_software.classification 
_software.version 
_software.citation_id 
_software.pdbx_ordinal 
SHARP     phasing          . ? 1 
X-PLOR    refinement       . ? 2 
DENZO     'data reduction' . ? 3 
SCALEPACK 'data scaling'   . ? 4 
# 
_cell.entry_id           1DG5 
_cell.length_a           60.750 
_cell.length_b           60.750 
_cell.length_c           59.420 
_cell.angle_alpha        90.00 
_cell.angle_beta         90.00 
_cell.angle_gamma        90.00 
_cell.Z_PDB              4 
_cell.pdbx_unique_axis   ? 
# 
_symmetry.entry_id                         1DG5 
_symmetry.space_group_name_H-M             'P 41' 
_symmetry.pdbx_full_space_group_name_H-M   ? 
_symmetry.cell_setting                     ? 
_symmetry.Int_Tables_number                76 
# 
_exptl.entry_id          1DG5 
_exptl.method            'X-RAY DIFFRACTION' 
_exptl.crystals_number   1 
# 
_exptl_crystal.id                    1 
_exptl_crystal.density_meas          ? 
_exptl_crystal.density_Matthews      3.10 
_exptl_crystal.density_percent_sol   60.36 
_exptl_crystal.description           ? 
# 
_exptl_crystal_grow.crystal_id      1 
_exptl_crystal_grow.method          'VAPOR DIFFUSION, HANGING DROP' 
_exptl_crystal_grow.temp            277 
_exptl_crystal_grow.temp_details    ? 
_exptl_crystal_grow.pH              4.5 
_exptl_crystal_grow.pdbx_details    
;AMMONIUM SULFATE, SODIUM ACETATE, GLYCEROL, NADPH, TRIMETHOPRIM, POTASSIUM 
PHOSPHATE, DTT, POTASSIUM CHLORIDE, pH 4.5, VAPOR DIFFUSION, HANGING DROP, temperature 277K
;
_exptl_crystal_grow.pdbx_pH_range   . 
# 
_diffrn.id                     1 
_diffrn.ambient_temp           100 
_diffrn.ambient_temp_details   ? 
_diffrn.crystal_id             1 
# 
_diffrn_detector.diffrn_id              1 
_diffrn_detector.detector               CCD 
_diffrn_detector.type                   SBC-2 
_diffrn_detector.pdbx_collection_date   1998-09-17 
_diffrn_detector.details                ? 
# 
_diffrn_radiation.diffrn_id                        1 
_diffrn_radiation.wavelength_id                    1 
_diffrn_radiation.pdbx_monochromatic_or_laue_m_l   M 
_diffrn_radiation.monochromator                    ? 
_diffrn_radiation.pdbx_diffrn_protocol             'SINGLE WAVELENGTH' 
_diffrn_radiation.pdbx_scattering_type             x-ray 
# 
_diffrn_radiation_wavelength.id           1 
_diffrn_radiation_wavelength.wavelength   1.0949 
_diffrn_radiation_wavelength.wt           1.0 
# 
_diffrn_source.diffrn_id                   1 
_diffrn_source.source                      SYNCHROTRON 
_diffrn_source.type                        'APS BEAMLINE 19-ID' 
_diffrn_source.pdbx_synchrotron_site       APS 
_diffrn_source.pdbx_synchrotron_beamline   19-ID 
_diffrn_source.pdbx_wavelength             1.0949 
_diffrn_source.pdbx_wavelength_list        ? 
# 
_reflns.entry_id                     1DG5 
_reflns.observed_criterion_sigma_I   ? 
_reflns.observed_criterion_sigma_F   ? 
_reflns.d_resolution_low             50.0 
_reflns.d_resolution_high            2.0 
_reflns.number_obs                   14679 
_reflns.number_all                   ? 
_reflns.percent_possible_obs         99.8 
_reflns.pdbx_Rmerge_I_obs            0.0360000 
_reflns.pdbx_Rsym_value              ? 
_reflns.pdbx_netI_over_sigmaI        ? 
_reflns.B_iso_Wilson_estimate        ? 
_reflns.pdbx_redundancy              5.0 
_reflns.R_free_details               ? 
_reflns.limit_h_max                  ? 
_reflns.limit_h_min                  ? 
_reflns.limit_k_max                  ? 
_reflns.limit_k_min                  ? 
_reflns.limit_l_max                  ? 
_reflns.limit_l_min                  ? 
_reflns.observed_criterion_F_max     ? 
_reflns.observed_criterion_F_min     ? 
_reflns.pdbx_ordinal                 1 
_reflns.pdbx_diffrn_id               1 
# 
_reflns_shell.d_res_high             2.00 
_reflns_shell.d_res_low              2.09 
_reflns_shell.percent_possible_all   98.3 
_reflns_shell.Rmerge_I_obs           0.1120000 
_reflns_shell.pdbx_Rsym_value        ? 
_reflns_shell.meanI_over_sigI_obs    ? 
_reflns_shell.pdbx_redundancy        ? 
_reflns_shell.percent_possible_obs   ? 
_reflns_shell.number_unique_all      ? 
_reflns_shell.pdbx_ordinal           1 
_reflns_shell.pdbx_diffrn_id         1 
# 
_refine.entry_id                                 1DG5 
_refine.ls_number_reflns_obs                     ? 
_refine.ls_number_reflns_all                     ? 
_refine.pdbx_ls_sigma_I                          ? 
_refine.pdbx_ls_sigma_F                          1 
_refine.pdbx_data_cutoff_high_absF               ? 
_refine.pdbx_data_cutoff_low_absF                ? 
_refine.pdbx_data_cutoff_high_rms_absF           ? 
_refine.ls_d_res_low                             50.0 
_refine.ls_d_res_high                            2.0 
_refine.ls_percent_reflns_obs                    ? 
_refine.ls_R_factor_obs                          0.1880000 
_refine.ls_R_factor_all                          ? 
_refine.ls_R_factor_R_work                       0.1880000 
_refine.ls_R_factor_R_free                       0.2430000 
_refine.ls_R_factor_R_free_error                 ? 
_refine.ls_R_factor_R_free_error_details         ? 
_refine.ls_percent_reflns_R_free                 ? 
_refine.ls_number_reflns_R_free                  ? 
_refine.ls_number_parameters                     ? 
_refine.ls_number_restraints                     ? 
_refine.occupancy_min                            ? 
_refine.occupancy_max                            ? 
_refine.B_iso_mean                               ? 
_refine.aniso_B[1][1]                            ? 
_refine.aniso_B[2][2]                            ? 
_refine.aniso_B[3][3]                            ? 
_refine.aniso_B[1][2]                            ? 
_refine.aniso_B[1][3]                            ? 
_refine.aniso_B[2][3]                            ? 
_refine.solvent_model_details                    ? 
_refine.solvent_model_param_ksol                 ? 
_refine.solvent_model_param_bsol                 ? 
_refine.pdbx_ls_cross_valid_method               ? 
_refine.details                                  ? 
_refine.pdbx_starting_model                      ? 
_refine.pdbx_method_to_determine_struct          ? 
_refine.pdbx_isotropic_thermal_model             ? 
_refine.pdbx_stereochemistry_target_values       'ENGH & HUBER' 
_refine.pdbx_stereochem_target_val_spec_case     ? 
_refine.pdbx_R_Free_selection_details            ? 
_refine.pdbx_overall_ESU_R                       ? 
_refine.pdbx_overall_ESU_R_Free                  ? 
_refine.overall_SU_ML                            ? 
_refine.overall_SU_B                             ? 
_refine.ls_redundancy_reflns_obs                 ? 
_refine.B_iso_min                                ? 
_refine.B_iso_max                                ? 
_refine.pdbx_refine_id                           'X-RAY DIFFRACTION' 
_refine.pdbx_diffrn_id                           1 
_refine.pdbx_TLS_residual_ADP_flag               ? 
_refine.correlation_coeff_Fo_to_Fc               ? 
_refine.correlation_coeff_Fo_to_Fc_free          ? 
_refine.pdbx_solvent_vdw_probe_radii             ? 
_refine.pdbx_solvent_ion_probe_radii             ? 
_refine.pdbx_solvent_shrinkage_radii             ? 
_refine.pdbx_overall_phase_error                 ? 
_refine.overall_SU_R_Cruickshank_DPI             ? 
_refine.pdbx_overall_SU_R_free_Cruickshank_DPI   ? 
_refine.pdbx_overall_SU_R_Blow_DPI               ? 
_refine.pdbx_overall_SU_R_free_Blow_DPI          ? 
# 
_refine_hist.pdbx_refine_id                   'X-RAY DIFFRACTION' 
_refine_hist.cycle_id                         LAST 
_refine_hist.pdbx_number_atoms_protein        1244 
_refine_hist.pdbx_number_atoms_nucleic_acid   0 
_refine_hist.pdbx_number_atoms_ligand         87 
_refine_hist.number_atoms_solvent             113 
_refine_hist.number_atoms_total               1444 
_refine_hist.d_res_high                       2.0 
_refine_hist.d_res_low                        50.0 
# 
loop_
_refine_ls_restr.type 
_refine_ls_restr.dev_ideal 
_refine_ls_restr.dev_ideal_target 
_refine_ls_restr.weight 
_refine_ls_restr.number 
_refine_ls_restr.pdbx_refine_id 
_refine_ls_restr.pdbx_restraint_function 
x_bond_d                0.014 ? ? ? 'X-RAY DIFFRACTION' ? 
x_bond_d_na             ?     ? ? ? 'X-RAY DIFFRACTION' ? 
x_bond_d_prot           ?     ? ? ? 'X-RAY DIFFRACTION' ? 
x_angle_d               ?     ? ? ? 'X-RAY DIFFRACTION' ? 
x_angle_d_na            ?     ? ? ? 'X-RAY DIFFRACTION' ? 
x_angle_d_prot          ?     ? ? ? 'X-RAY DIFFRACTION' ? 
x_angle_deg             1.8   ? ? ? 'X-RAY DIFFRACTION' ? 
x_angle_deg_na          ?     ? ? ? 'X-RAY DIFFRACTION' ? 
x_angle_deg_prot        ?     ? ? ? 'X-RAY DIFFRACTION' ? 
x_dihedral_angle_d      ?     ? ? ? 'X-RAY DIFFRACTION' ? 
x_dihedral_angle_d_na   ?     ? ? ? 'X-RAY DIFFRACTION' ? 
x_dihedral_angle_d_prot ?     ? ? ? 'X-RAY DIFFRACTION' ? 
x_improper_angle_d      ?     ? ? ? 'X-RAY DIFFRACTION' ? 
x_improper_angle_d_na   ?     ? ? ? 'X-RAY DIFFRACTION' ? 
x_improper_angle_d_prot ?     ? ? ? 'X-RAY DIFFRACTION' ? 
x_mcbond_it             ?     ? ? ? 'X-RAY DIFFRACTION' ? 
x_mcangle_it            ?     ? ? ? 'X-RAY DIFFRACTION' ? 
x_scbond_it             ?     ? ? ? 'X-RAY DIFFRACTION' ? 
x_scangle_it            ?     ? ? ? 'X-RAY DIFFRACTION' ? 
# 
_struct.entry_id                  1DG5 
_struct.title                     'DIHYDROFOLATE REDUCTASE OF MYCOBACTERIUM TUBERCULOSIS COMPLEXED WITH NADPH AND TRIMETHOPRIM' 
_struct.pdbx_model_details        ? 
_struct.pdbx_CASP_flag            ? 
_struct.pdbx_model_type_details   ? 
# 
_struct_keywords.entry_id        1DG5 
_struct_keywords.pdbx_keywords   OXIDOREDUCTASE 
_struct_keywords.text            
;DIHYDROFOLATE REDUCTASE, STRUCTURE-BASED INHIBITOR DESIGN, FOLATEANALOGS, ROSSMANN FOLD, NICOTINAMIDE ADENINE DINUCLEOTIDE, TRIMETHOPRIM, TUBERCULOSIS, OXIDOREDUCTASE
;
# 
loop_
_struct_asym.id 
_struct_asym.pdbx_blank_PDB_chainid_flag 
_struct_asym.pdbx_modified 
_struct_asym.entity_id 
_struct_asym.details 
A N N 1 ? 
B N N 2 ? 
C N N 3 ? 
D N N 4 ? 
E N N 4 ? 
F N N 4 ? 
G N N 5 ? 
# 
_struct_ref.id                         1 
_struct_ref.db_name                    UNP 
_struct_ref.db_code                    DYR_MYCTU 
_struct_ref.entity_id                  1 
_struct_ref.pdbx_db_accession          P0A546 
_struct_ref.pdbx_align_begin           ? 
_struct_ref.pdbx_seq_one_letter_code   ? 
_struct_ref.pdbx_db_isoform            ? 
# 
_struct_ref_seq.align_id                      1 
_struct_ref_seq.ref_id                        1 
_struct_ref_seq.pdbx_PDB_id_code              1DG5 
_struct_ref_seq.pdbx_strand_id                A 
_struct_ref_seq.seq_align_beg                 1 
_struct_ref_seq.pdbx_seq_align_beg_ins_code   ? 
_struct_ref_seq.seq_align_end                 159 
_struct_ref_seq.pdbx_seq_align_end_ins_code   ? 
_struct_ref_seq.pdbx_db_accession             P0A546 
_struct_ref_seq.db_align_beg                  1 
_struct_ref_seq.pdbx_db_align_beg_ins_code    ? 
_struct_ref_seq.db_align_end                  159 
_struct_ref_seq.pdbx_db_align_end_ins_code    ? 
_struct_ref_seq.pdbx_auth_seq_align_beg       1 
_struct_ref_seq.pdbx_auth_seq_align_end       159 
# 
_pdbx_struct_assembly.id                   1 
_pdbx_struct_assembly.details              author_defined_assembly 
_pdbx_struct_assembly.method_details       ? 
_pdbx_struct_assembly.oligomeric_details   monomeric 
_pdbx_struct_assembly.oligomeric_count     1 
# 
_pdbx_struct_assembly_gen.assembly_id       1 
_pdbx_struct_assembly_gen.oper_expression   1 
_pdbx_struct_assembly_gen.asym_id_list      A,B,C,D,E,F,G 
# 
_pdbx_struct_oper_list.id                   1 
_pdbx_struct_oper_list.type                 'identity operation' 
_pdbx_struct_oper_list.name                 1_555 
_pdbx_struct_oper_list.symmetry_operation   x,y,z 
_pdbx_struct_oper_list.matrix[1][1]         1.0000000000 
_pdbx_struct_oper_list.matrix[1][2]         0.0000000000 
_pdbx_struct_oper_list.matrix[1][3]         0.0000000000 
_pdbx_struct_oper_list.vector[1]            0.0000000000 
_pdbx_struct_oper_list.matrix[2][1]         0.0000000000 
_pdbx_struct_oper_list.matrix[2][2]         1.0000000000 
_pdbx_struct_oper_list.matrix[2][3]         0.0000000000 
_pdbx_struct_oper_list.vector[2]            0.0000000000 
_pdbx_struct_oper_list.matrix[3][1]         0.0000000000 
_pdbx_struct_oper_list.matrix[3][2]         0.0000000000 
_pdbx_struct_oper_list.matrix[3][3]         1.0000000000 
_pdbx_struct_oper_list.vector[3]            0.0000000000 
# 
_struct_biol.id   1 
# 
loop_
_struct_conf.conf_type_id 
_struct_conf.id 
_struct_conf.pdbx_PDB_helix_id 
_struct_conf.beg_label_comp_id 
_struct_conf.beg_label_asym_id 
_struct_conf.beg_label_seq_id 
_struct_conf.pdbx_beg_PDB_ins_code 
_struct_conf.end_label_comp_id 
_struct_conf.end_label_asym_id 
_struct_conf.end_label_seq_id 
_struct_conf.pdbx_end_PDB_ins_code 
_struct_conf.beg_auth_comp_id 
_struct_conf.beg_auth_asym_id 
_struct_conf.beg_auth_seq_id 
_struct_conf.end_auth_comp_id 
_struct_conf.end_auth_asym_id 
_struct_conf.end_auth_seq_id 
_struct_conf.pdbx_PDB_helix_class 
_struct_conf.details 
_struct_conf.pdbx_PDB_helix_length 
HELX_P HELX_P1 1 LEU A 24  ? MET A 36  ? LEU A 24  MET A 36  1 ? 13 
HELX_P HELX_P2 2 ARG A 44  ? LEU A 50  ? ARG A 44  LEU A 50  1 ? 7  
HELX_P HELX_P3 3 SER A 81  ? LEU A 86  ? SER A 81  LEU A 86  1 ? 6  
HELX_P HELX_P4 4 GLY A 96  ? LEU A 104 ? GLY A 96  LEU A 104 1 ? 9  
HELX_P HELX_P5 5 PRO A 105 ? ALA A 107 ? PRO A 105 ALA A 107 5 ? 3  
# 
_struct_conf_type.id          HELX_P 
_struct_conf_type.criteria    ? 
_struct_conf_type.reference   ? 
# 
_struct_mon_prot_cis.pdbx_id                1 
_struct_mon_prot_cis.label_comp_id          ARG 
_struct_mon_prot_cis.label_seq_id           55 
_struct_mon_prot_cis.label_asym_id          A 
_struct_mon_prot_cis.label_alt_id           . 
_struct_mon_prot_cis.pdbx_PDB_ins_code      ? 
_struct_mon_prot_cis.auth_comp_id           ARG 
_struct_mon_prot_cis.auth_seq_id            55 
_struct_mon_prot_cis.auth_asym_id           A 
_struct_mon_prot_cis.pdbx_label_comp_id_2   PRO 
_struct_mon_prot_cis.pdbx_label_seq_id_2    56 
_struct_mon_prot_cis.pdbx_label_asym_id_2   A 
_struct_mon_prot_cis.pdbx_PDB_ins_code_2    ? 
_struct_mon_prot_cis.pdbx_auth_comp_id_2    PRO 
_struct_mon_prot_cis.pdbx_auth_seq_id_2     56 
_struct_mon_prot_cis.pdbx_auth_asym_id_2    A 
_struct_mon_prot_cis.pdbx_PDB_model_num     1 
_struct_mon_prot_cis.pdbx_omega_angle       -0.11 
# 
loop_
_struct_sheet.id 
_struct_sheet.type 
_struct_sheet.number_strands 
_struct_sheet.details 
A  ? 8 ? 
A1 ? 8 ? 
B  ? 2 ? 
# 
loop_
_struct_sheet_order.sheet_id 
_struct_sheet_order.range_id_1 
_struct_sheet_order.range_id_2 
_struct_sheet_order.offset 
_struct_sheet_order.sense 
A  1 2 ? parallel      
A  2 3 ? parallel      
A  3 4 ? parallel      
A  4 5 ? parallel      
A  5 6 ? parallel      
A  6 7 ? anti-parallel 
A  7 8 ? anti-parallel 
A1 1 2 ? parallel      
A1 2 3 ? parallel      
A1 3 4 ? parallel      
A1 4 5 ? parallel      
A1 5 6 ? parallel      
A1 6 7 ? anti-parallel 
A1 7 8 ? anti-parallel 
B  1 2 ? anti-parallel 
# 
loop_
_struct_sheet_range.sheet_id 
_struct_sheet_range.id 
_struct_sheet_range.beg_label_comp_id 
_struct_sheet_range.beg_label_asym_id 
_struct_sheet_range.beg_label_seq_id 
_struct_sheet_range.pdbx_beg_PDB_ins_code 
_struct_sheet_range.end_label_comp_id 
_struct_sheet_range.end_label_asym_id 
_struct_sheet_range.end_label_seq_id 
_struct_sheet_range.pdbx_end_PDB_ins_code 
_struct_sheet_range.beg_auth_comp_id 
_struct_sheet_range.beg_auth_asym_id 
_struct_sheet_range.beg_auth_seq_id 
_struct_sheet_range.end_auth_comp_id 
_struct_sheet_range.end_auth_asym_id 
_struct_sheet_range.end_auth_seq_id 
A  1 GLU A 77  ? VAL A 79  ? GLU A 77  VAL A 79  
A  2 ARG A 61  ? LEU A 65  ? ARG A 61  LEU A 65  
A  3 THR A 39  ? GLY A 43  ? THR A 39  GLY A 43  
A  4 THR A 91  ? GLY A 95  ? THR A 91  GLY A 95  
A  5 VAL A 2   ? ALA A 9   ? VAL A 2   ALA A 9   
A  6 ARG A 109 ? ASP A 116 ? ARG A 109 ASP A 116 
A  7 ARG A 150 ? HIS A 157 ? ARG A 150 HIS A 157 
A  8 ARG A 136 ? THR A 139 ? ARG A 136 THR A 139 
A1 1 GLU A 77  ? VAL A 79  ? GLU A 77  VAL A 79  
A1 2 ARG A 61  ? LEU A 65  ? ARG A 61  LEU A 65  
A1 3 THR A 39  ? GLY A 43  ? THR A 39  GLY A 43  
A1 4 THR A 91  ? GLY A 95  ? THR A 91  GLY A 95  
A1 5 VAL A 2   ? ALA A 9   ? VAL A 2   ALA A 9   
A1 6 ARG A 109 ? ASP A 116 ? ARG A 109 ASP A 116 
A1 7 ARG A 150 ? HIS A 157 ? ARG A 150 HIS A 157 
A1 8 ARG A 143 ? PHE A 144 ? ARG A 143 PHE A 144 
B  1 VAL A 13  ? GLY A 15  ? VAL A 13  GLY A 15  
B  2 ALA A 126 ? LEU A 127 ? ALA A 126 LEU A 127 
# 
loop_
_pdbx_struct_sheet_hbond.sheet_id 
_pdbx_struct_sheet_hbond.range_id_1 
_pdbx_struct_sheet_hbond.range_id_2 
_pdbx_struct_sheet_hbond.range_1_label_atom_id 
_pdbx_struct_sheet_hbond.range_1_label_comp_id 
_pdbx_struct_sheet_hbond.range_1_label_asym_id 
_pdbx_struct_sheet_hbond.range_1_label_seq_id 
_pdbx_struct_sheet_hbond.range_1_PDB_ins_code 
_pdbx_struct_sheet_hbond.range_1_auth_atom_id 
_pdbx_struct_sheet_hbond.range_1_auth_comp_id 
_pdbx_struct_sheet_hbond.range_1_auth_asym_id 
_pdbx_struct_sheet_hbond.range_1_auth_seq_id 
_pdbx_struct_sheet_hbond.range_2_label_atom_id 
_pdbx_struct_sheet_hbond.range_2_label_comp_id 
_pdbx_struct_sheet_hbond.range_2_label_asym_id 
_pdbx_struct_sheet_hbond.range_2_label_seq_id 
_pdbx_struct_sheet_hbond.range_2_PDB_ins_code 
_pdbx_struct_sheet_hbond.range_2_auth_atom_id 
_pdbx_struct_sheet_hbond.range_2_auth_comp_id 
_pdbx_struct_sheet_hbond.range_2_auth_asym_id 
_pdbx_struct_sheet_hbond.range_2_auth_seq_id 
A  1 2 N GLU A 77  ? N GLU A 77  O ASN A 62  ? O ASN A 62  
A  2 3 O ARG A 61  ? O ARG A 61  N ILE A 40  ? N ILE A 40  
A  3 4 N VAL A 41  ? N VAL A 41  O TRP A 92  ? O TRP A 92  
A  4 5 N VAL A 93  ? N VAL A 93  O GLY A 3   ? O GLY A 3   
A  5 6 N LEU A 4   ? N LEU A 4   O ARG A 109 ? O ARG A 109 
A  6 7 N ASP A 116 ? N ASP A 116 O ARG A 150 ? O ARG A 150 
A  7 8 O HIS A 157 ? O HIS A 157 N ARG A 136 ? N ARG A 136 
A1 1 2 N GLU A 77  ? N GLU A 77  O ASN A 62  ? O ASN A 62  
A1 2 3 O ARG A 61  ? O ARG A 61  N ILE A 40  ? N ILE A 40  
A1 3 4 N VAL A 41  ? N VAL A 41  O TRP A 92  ? O TRP A 92  
A1 4 5 N VAL A 93  ? N VAL A 93  O GLY A 3   ? O GLY A 3   
A1 5 6 N LEU A 4   ? N LEU A 4   O ARG A 109 ? O ARG A 109 
A1 6 7 N ASP A 116 ? N ASP A 116 O ARG A 150 ? O ARG A 150 
A1 7 8 O TYR A 151 ? O TYR A 151 N ARG A 143 ? N ARG A 143 
B  1 2 N ILE A 14  ? N ILE A 14  O ALA A 126 ? O ALA A 126 
# 
loop_
_struct_site.id 
_struct_site.pdbx_evidence_code 
_struct_site.pdbx_auth_asym_id 
_struct_site.pdbx_auth_comp_id 
_struct_site.pdbx_auth_seq_id 
_struct_site.pdbx_auth_ins_code 
_struct_site.pdbx_num_residues 
_struct_site.details 
AC1 Software A NDP 200 ? 32 'BINDING SITE FOR RESIDUE NDP A 200' 
AC2 Software A TOP 201 ? 10 'BINDING SITE FOR RESIDUE TOP A 201' 
AC3 Software A GOL 202 ? 9  'BINDING SITE FOR RESIDUE GOL A 202' 
AC4 Software A GOL 203 ? 4  'BINDING SITE FOR RESIDUE GOL A 203' 
AC5 Software A GOL 204 ? 8  'BINDING SITE FOR RESIDUE GOL A 204' 
# 
loop_
_struct_site_gen.id 
_struct_site_gen.site_id 
_struct_site_gen.pdbx_num_res 
_struct_site_gen.label_comp_id 
_struct_site_gen.label_asym_id 
_struct_site_gen.label_seq_id 
_struct_site_gen.pdbx_auth_ins_code 
_struct_site_gen.auth_comp_id 
_struct_site_gen.auth_asym_id 
_struct_site_gen.auth_seq_id 
_struct_site_gen.label_atom_id 
_struct_site_gen.label_alt_id 
_struct_site_gen.symmetry 
_struct_site_gen.details 
1  AC1 32 TRP A 6   ? TRP A 6   . ? 1_555 ? 
2  AC1 32 ALA A 7   ? ALA A 7   . ? 1_555 ? 
3  AC1 32 ILE A 14  ? ILE A 14  . ? 1_555 ? 
4  AC1 32 GLY A 15  ? GLY A 15  . ? 1_555 ? 
5  AC1 32 GLY A 18  ? GLY A 18  . ? 1_555 ? 
6  AC1 32 ASP A 19  ? ASP A 19  . ? 1_555 ? 
7  AC1 32 GLY A 43  ? GLY A 43  . ? 1_555 ? 
8  AC1 32 ARG A 44  ? ARG A 44  . ? 1_555 ? 
9  AC1 32 ARG A 45  ? ARG A 45  . ? 1_555 ? 
10 AC1 32 THR A 46  ? THR A 46  . ? 1_555 ? 
11 AC1 32 SER A 49  ? SER A 49  . ? 1_555 ? 
12 AC1 32 LEU A 65  ? LEU A 65  . ? 1_555 ? 
13 AC1 32 SER A 66  ? SER A 66  . ? 1_555 ? 
14 AC1 32 ARG A 67  ? ARG A 67  . ? 1_555 ? 
15 AC1 32 GLN A 68  ? GLN A 68  . ? 1_555 ? 
16 AC1 32 GLY A 80  ? GLY A 80  . ? 1_555 ? 
17 AC1 32 ILE A 94  ? ILE A 94  . ? 1_555 ? 
18 AC1 32 GLY A 95  ? GLY A 95  . ? 1_555 ? 
19 AC1 32 GLY A 96  ? GLY A 96  . ? 1_555 ? 
20 AC1 32 GLY A 97  ? GLY A 97  . ? 1_555 ? 
21 AC1 32 GLN A 98  ? GLN A 98  . ? 1_555 ? 
22 AC1 32 VAL A 99  ? VAL A 99  . ? 1_555 ? 
23 AC1 32 TYR A 100 ? TYR A 100 . ? 1_555 ? 
24 AC1 32 LEU A 102 ? LEU A 102 . ? 1_555 ? 
25 AC1 32 ALA A 126 ? ALA A 126 . ? 1_555 ? 
26 AC1 32 TOP C .   ? TOP A 201 . ? 1_555 ? 
27 AC1 32 GOL D .   ? GOL A 202 . ? 1_555 ? 
28 AC1 32 HOH G .   ? HOH A 228 . ? 1_555 ? 
29 AC1 32 HOH G .   ? HOH A 236 . ? 1_555 ? 
30 AC1 32 HOH G .   ? HOH A 259 . ? 1_555 ? 
31 AC1 32 HOH G .   ? HOH A 264 . ? 1_555 ? 
32 AC1 32 HOH G .   ? HOH A 276 . ? 1_555 ? 
33 AC2 10 ILE A 5   ? ILE A 5   . ? 1_555 ? 
34 AC2 10 TRP A 6   ? TRP A 6   . ? 1_555 ? 
35 AC2 10 ASP A 27  ? ASP A 27  . ? 1_555 ? 
36 AC2 10 PHE A 31  ? PHE A 31  . ? 1_555 ? 
37 AC2 10 SER A 49  ? SER A 49  . ? 1_555 ? 
38 AC2 10 LEU A 50  ? LEU A 50  . ? 1_555 ? 
39 AC2 10 ILE A 94  ? ILE A 94  . ? 1_555 ? 
40 AC2 10 TYR A 100 ? TYR A 100 . ? 1_555 ? 
41 AC2 10 NDP B .   ? NDP A 200 . ? 1_555 ? 
42 AC2 10 GOL E .   ? GOL A 203 . ? 1_555 ? 
43 AC3 9  ARG A 45  ? ARG A 45  . ? 1_555 ? 
44 AC3 9  GLN A 98  ? GLN A 98  . ? 1_555 ? 
45 AC3 9  GLY A 124 ? GLY A 124 . ? 1_555 ? 
46 AC3 9  ALA A 126 ? ALA A 126 . ? 1_555 ? 
47 AC3 9  GLY A 148 ? GLY A 148 . ? 3_655 ? 
48 AC3 9  LEU A 149 ? LEU A 149 . ? 3_655 ? 
49 AC3 9  NDP B .   ? NDP A 200 . ? 1_555 ? 
50 AC3 9  HOH G .   ? HOH A 210 . ? 3_655 ? 
51 AC3 9  HOH G .   ? HOH A 215 . ? 1_555 ? 
52 AC4 4  PHE A 31  ? PHE A 31  . ? 1_555 ? 
53 AC4 4  ARG A 60  ? ARG A 60  . ? 1_555 ? 
54 AC4 4  TOP C .   ? TOP A 201 . ? 1_555 ? 
55 AC4 4  HOH G .   ? HOH A 304 . ? 1_555 ? 
56 AC5 8  ALA A 101 ? ALA A 101 . ? 1_555 ? 
57 AC5 8  ALA A 128 ? ALA A 128 . ? 1_555 ? 
58 AC5 8  PRO A 129 ? PRO A 129 . ? 1_555 ? 
59 AC5 8  VAL A 130 ? VAL A 130 . ? 1_555 ? 
60 AC5 8  ARG A 150 ? ARG A 150 . ? 3_655 ? 
61 AC5 8  HOH G .   ? HOH A 207 . ? 1_555 ? 
62 AC5 8  HOH G .   ? HOH A 299 . ? 1_555 ? 
63 AC5 8  HOH G .   ? HOH A 305 . ? 1_555 ? 
# 
loop_
_pdbx_validate_torsion.id 
_pdbx_validate_torsion.PDB_model_num 
_pdbx_validate_torsion.auth_comp_id 
_pdbx_validate_torsion.auth_asym_id 
_pdbx_validate_torsion.auth_seq_id 
_pdbx_validate_torsion.PDB_ins_code 
_pdbx_validate_torsion.label_alt_id 
_pdbx_validate_torsion.phi 
_pdbx_validate_torsion.psi 
1 1 PRO A 21  ? ? -76.15  36.13   
2 1 LEU A 119 ? ? -153.17 74.51   
3 1 ASP A 132 ? ? -78.56  -168.76 
# 
_pdbx_validate_main_chain_plane.id                       1 
_pdbx_validate_main_chain_plane.PDB_model_num            1 
_pdbx_validate_main_chain_plane.auth_comp_id             GLY 
_pdbx_validate_main_chain_plane.auth_asym_id             A 
_pdbx_validate_main_chain_plane.auth_seq_id              95 
_pdbx_validate_main_chain_plane.PDB_ins_code             ? 
_pdbx_validate_main_chain_plane.label_alt_id             ? 
_pdbx_validate_main_chain_plane.improper_torsion_angle   -10.06 
# 
loop_
_chem_comp_atom.comp_id 
_chem_comp_atom.atom_id 
_chem_comp_atom.type_symbol 
_chem_comp_atom.pdbx_aromatic_flag 
_chem_comp_atom.pdbx_stereo_config 
_chem_comp_atom.pdbx_ordinal 
ALA N    N N N 1   
ALA CA   C N S 2   
ALA C    C N N 3   
ALA O    O N N 4   
ALA CB   C N N 5   
ALA OXT  O N N 6   
ALA H    H N N 7   
ALA H2   H N N 8   
ALA HA   H N N 9   
ALA HB1  H N N 10  
ALA HB2  H N N 11  
ALA HB3  H N N 12  
ALA HXT  H N N 13  
ARG N    N N N 14  
ARG CA   C N S 15  
ARG C    C N N 16  
ARG O    O N N 17  
ARG CB   C N N 18  
ARG CG   C N N 19  
ARG CD   C N N 20  
ARG NE   N N N 21  
ARG CZ   C N N 22  
ARG NH1  N N N 23  
ARG NH2  N N N 24  
ARG OXT  O N N 25  
ARG H    H N N 26  
ARG H2   H N N 27  
ARG HA   H N N 28  
ARG HB2  H N N 29  
ARG HB3  H N N 30  
ARG HG2  H N N 31  
ARG HG3  H N N 32  
ARG HD2  H N N 33  
ARG HD3  H N N 34  
ARG HE   H N N 35  
ARG HH11 H N N 36  
ARG HH12 H N N 37  
ARG HH21 H N N 38  
ARG HH22 H N N 39  
ARG HXT  H N N 40  
ASN N    N N N 41  
ASN CA   C N S 42  
ASN C    C N N 43  
ASN O    O N N 44  
ASN CB   C N N 45  
ASN CG   C N N 46  
ASN OD1  O N N 47  
ASN ND2  N N N 48  
ASN OXT  O N N 49  
ASN H    H N N 50  
ASN H2   H N N 51  
ASN HA   H N N 52  
ASN HB2  H N N 53  
ASN HB3  H N N 54  
ASN HD21 H N N 55  
ASN HD22 H N N 56  
ASN HXT  H N N 57  
ASP N    N N N 58  
ASP CA   C N S 59  
ASP C    C N N 60  
ASP O    O N N 61  
ASP CB   C N N 62  
ASP CG   C N N 63  
ASP OD1  O N N 64  
ASP OD2  O N N 65  
ASP OXT  O N N 66  
ASP H    H N N 67  
ASP H2   H N N 68  
ASP HA   H N N 69  
ASP HB2  H N N 70  
ASP HB3  H N N 71  
ASP HD2  H N N 72  
ASP HXT  H N N 73  
CYS N    N N N 74  
CYS CA   C N R 75  
CYS C    C N N 76  
CYS O    O N N 77  
CYS CB   C N N 78  
CYS SG   S N N 79  
CYS OXT  O N N 80  
CYS H    H N N 81  
CYS H2   H N N 82  
CYS HA   H N N 83  
CYS HB2  H N N 84  
CYS HB3  H N N 85  
CYS HG   H N N 86  
CYS HXT  H N N 87  
GLN N    N N N 88  
GLN CA   C N S 89  
GLN C    C N N 90  
GLN O    O N N 91  
GLN CB   C N N 92  
GLN CG   C N N 93  
GLN CD   C N N 94  
GLN OE1  O N N 95  
GLN NE2  N N N 96  
GLN OXT  O N N 97  
GLN H    H N N 98  
GLN H2   H N N 99  
GLN HA   H N N 100 
GLN HB2  H N N 101 
GLN HB3  H N N 102 
GLN HG2  H N N 103 
GLN HG3  H N N 104 
GLN HE21 H N N 105 
GLN HE22 H N N 106 
GLN HXT  H N N 107 
GLU N    N N N 108 
GLU CA   C N S 109 
GLU C    C N N 110 
GLU O    O N N 111 
GLU CB   C N N 112 
GLU CG   C N N 113 
GLU CD   C N N 114 
GLU OE1  O N N 115 
GLU OE2  O N N 116 
GLU OXT  O N N 117 
GLU H    H N N 118 
GLU H2   H N N 119 
GLU HA   H N N 120 
GLU HB2  H N N 121 
GLU HB3  H N N 122 
GLU HG2  H N N 123 
GLU HG3  H N N 124 
GLU HE2  H N N 125 
GLU HXT  H N N 126 
GLY N    N N N 127 
GLY CA   C N N 128 
GLY C    C N N 129 
GLY O    O N N 130 
GLY OXT  O N N 131 
GLY H    H N N 132 
GLY H2   H N N 133 
GLY HA2  H N N 134 
GLY HA3  H N N 135 
GLY HXT  H N N 136 
GOL C1   C N N 137 
GOL O1   O N N 138 
GOL C2   C N N 139 
GOL O2   O N N 140 
GOL C3   C N N 141 
GOL O3   O N N 142 
GOL H11  H N N 143 
GOL H12  H N N 144 
GOL HO1  H N N 145 
GOL H2   H N N 146 
GOL HO2  H N N 147 
GOL H31  H N N 148 
GOL H32  H N N 149 
GOL HO3  H N N 150 
HIS N    N N N 151 
HIS CA   C N S 152 
HIS C    C N N 153 
HIS O    O N N 154 
HIS CB   C N N 155 
HIS CG   C Y N 156 
HIS ND1  N Y N 157 
HIS CD2  C Y N 158 
HIS CE1  C Y N 159 
HIS NE2  N Y N 160 
HIS OXT  O N N 161 
HIS H    H N N 162 
HIS H2   H N N 163 
HIS HA   H N N 164 
HIS HB2  H N N 165 
HIS HB3  H N N 166 
HIS HD1  H N N 167 
HIS HD2  H N N 168 
HIS HE1  H N N 169 
HIS HE2  H N N 170 
HIS HXT  H N N 171 
HOH O    O N N 172 
HOH H1   H N N 173 
HOH H2   H N N 174 
ILE N    N N N 175 
ILE CA   C N S 176 
ILE C    C N N 177 
ILE O    O N N 178 
ILE CB   C N S 179 
ILE CG1  C N N 180 
ILE CG2  C N N 181 
ILE CD1  C N N 182 
ILE OXT  O N N 183 
ILE H    H N N 184 
ILE H2   H N N 185 
ILE HA   H N N 186 
ILE HB   H N N 187 
ILE HG12 H N N 188 
ILE HG13 H N N 189 
ILE HG21 H N N 190 
ILE HG22 H N N 191 
ILE HG23 H N N 192 
ILE HD11 H N N 193 
ILE HD12 H N N 194 
ILE HD13 H N N 195 
ILE HXT  H N N 196 
LEU N    N N N 197 
LEU CA   C N S 198 
LEU C    C N N 199 
LEU O    O N N 200 
LEU CB   C N N 201 
LEU CG   C N N 202 
LEU CD1  C N N 203 
LEU CD2  C N N 204 
LEU OXT  O N N 205 
LEU H    H N N 206 
LEU H2   H N N 207 
LEU HA   H N N 208 
LEU HB2  H N N 209 
LEU HB3  H N N 210 
LEU HG   H N N 211 
LEU HD11 H N N 212 
LEU HD12 H N N 213 
LEU HD13 H N N 214 
LEU HD21 H N N 215 
LEU HD22 H N N 216 
LEU HD23 H N N 217 
LEU HXT  H N N 218 
LYS N    N N N 219 
LYS CA   C N S 220 
LYS C    C N N 221 
LYS O    O N N 222 
LYS CB   C N N 223 
LYS CG   C N N 224 
LYS CD   C N N 225 
LYS CE   C N N 226 
LYS NZ   N N N 227 
LYS OXT  O N N 228 
LYS H    H N N 229 
LYS H2   H N N 230 
LYS HA   H N N 231 
LYS HB2  H N N 232 
LYS HB3  H N N 233 
LYS HG2  H N N 234 
LYS HG3  H N N 235 
LYS HD2  H N N 236 
LYS HD3  H N N 237 
LYS HE2  H N N 238 
LYS HE3  H N N 239 
LYS HZ1  H N N 240 
LYS HZ2  H N N 241 
LYS HZ3  H N N 242 
LYS HXT  H N N 243 
MET N    N N N 244 
MET CA   C N S 245 
MET C    C N N 246 
MET O    O N N 247 
MET CB   C N N 248 
MET CG   C N N 249 
MET SD   S N N 250 
MET CE   C N N 251 
MET OXT  O N N 252 
MET H    H N N 253 
MET H2   H N N 254 
MET HA   H N N 255 
MET HB2  H N N 256 
MET HB3  H N N 257 
MET HG2  H N N 258 
MET HG3  H N N 259 
MET HE1  H N N 260 
MET HE2  H N N 261 
MET HE3  H N N 262 
MET HXT  H N N 263 
NDP PA   P N S 264 
NDP O1A  O N N 265 
NDP O2A  O N N 266 
NDP O5B  O N N 267 
NDP C5B  C N N 268 
NDP C4B  C N R 269 
NDP O4B  O N N 270 
NDP C3B  C N R 271 
NDP O3B  O N N 272 
NDP C2B  C N R 273 
NDP O2B  O N N 274 
NDP C1B  C N R 275 
NDP N9A  N Y N 276 
NDP C8A  C Y N 277 
NDP N7A  N Y N 278 
NDP C5A  C Y N 279 
NDP C6A  C Y N 280 
NDP N6A  N N N 281 
NDP N1A  N Y N 282 
NDP C2A  C Y N 283 
NDP N3A  N Y N 284 
NDP C4A  C Y N 285 
NDP O3   O N N 286 
NDP PN   P N S 287 
NDP O1N  O N N 288 
NDP O2N  O N N 289 
NDP O5D  O N N 290 
NDP C5D  C N N 291 
NDP C4D  C N R 292 
NDP O4D  O N N 293 
NDP C3D  C N S 294 
NDP O3D  O N N 295 
NDP C2D  C N R 296 
NDP O2D  O N N 297 
NDP C1D  C N R 298 
NDP N1N  N N N 299 
NDP C2N  C N N 300 
NDP C3N  C N N 301 
NDP C7N  C N N 302 
NDP O7N  O N N 303 
NDP N7N  N N N 304 
NDP C4N  C N N 305 
NDP C5N  C N N 306 
NDP C6N  C N N 307 
NDP P2B  P N N 308 
NDP O1X  O N N 309 
NDP O2X  O N N 310 
NDP O3X  O N N 311 
NDP HOA2 H N N 312 
NDP H51A H N N 313 
NDP H52A H N N 314 
NDP H4B  H N N 315 
NDP H3B  H N N 316 
NDP HO3A H N N 317 
NDP H2B  H N N 318 
NDP H1B  H N N 319 
NDP H8A  H N N 320 
NDP H61A H N N 321 
NDP H62A H N N 322 
NDP H2A  H N N 323 
NDP H21N H N N 324 
NDP H51N H N N 325 
NDP H52N H N N 326 
NDP H4D  H N N 327 
NDP H3D  H N N 328 
NDP HO3N H N N 329 
NDP H2D  H N N 330 
NDP HO2N H N N 331 
NDP H1D  H N N 332 
NDP H2N  H N N 333 
NDP H71N H N N 334 
NDP H72N H N N 335 
NDP H41N H N N 336 
NDP H42N H N N 337 
NDP H5N  H N N 338 
NDP H6N  H N N 339 
NDP HOP2 H N N 340 
NDP HOP3 H N N 341 
PHE N    N N N 342 
PHE CA   C N S 343 
PHE C    C N N 344 
PHE O    O N N 345 
PHE CB   C N N 346 
PHE CG   C Y N 347 
PHE CD1  C Y N 348 
PHE CD2  C Y N 349 
PHE CE1  C Y N 350 
PHE CE2  C Y N 351 
PHE CZ   C Y N 352 
PHE OXT  O N N 353 
PHE H    H N N 354 
PHE H2   H N N 355 
PHE HA   H N N 356 
PHE HB2  H N N 357 
PHE HB3  H N N 358 
PHE HD1  H N N 359 
PHE HD2  H N N 360 
PHE HE1  H N N 361 
PHE HE2  H N N 362 
PHE HZ   H N N 363 
PHE HXT  H N N 364 
PRO N    N N N 365 
PRO CA   C N S 366 
PRO C    C N N 367 
PRO O    O N N 368 
PRO CB   C N N 369 
PRO CG   C N N 370 
PRO CD   C N N 371 
PRO OXT  O N N 372 
PRO H    H N N 373 
PRO HA   H N N 374 
PRO HB2  H N N 375 
PRO HB3  H N N 376 
PRO HG2  H N N 377 
PRO HG3  H N N 378 
PRO HD2  H N N 379 
PRO HD3  H N N 380 
PRO HXT  H N N 381 
SER N    N N N 382 
SER CA   C N S 383 
SER C    C N N 384 
SER O    O N N 385 
SER CB   C N N 386 
SER OG   O N N 387 
SER OXT  O N N 388 
SER H    H N N 389 
SER H2   H N N 390 
SER HA   H N N 391 
SER HB2  H N N 392 
SER HB3  H N N 393 
SER HG   H N N 394 
SER HXT  H N N 395 
THR N    N N N 396 
THR CA   C N S 397 
THR C    C N N 398 
THR O    O N N 399 
THR CB   C N R 400 
THR OG1  O N N 401 
THR CG2  C N N 402 
THR OXT  O N N 403 
THR H    H N N 404 
THR H2   H N N 405 
THR HA   H N N 406 
THR HB   H N N 407 
THR HG1  H N N 408 
THR HG21 H N N 409 
THR HG22 H N N 410 
THR HG23 H N N 411 
THR HXT  H N N 412 
TOP C1   C Y N 413 
TOP N2   N Y N 414 
TOP C3   C Y N 415 
TOP N4   N N N 416 
TOP N5   N Y N 417 
TOP C6   C Y N 418 
TOP N7   N N N 419 
TOP C8   C Y N 420 
TOP C9   C N N 421 
TOP C10  C Y N 422 
TOP C11  C Y N 423 
TOP C12  C Y N 424 
TOP O13  O N N 425 
TOP C14  C N N 426 
TOP C15  C Y N 427 
TOP O16  O N N 428 
TOP C17  C N N 429 
TOP C18  C Y N 430 
TOP O19  O N N 431 
TOP C20  C N N 432 
TOP C21  C Y N 433 
TOP H1   H N N 434 
TOP HN41 H N N 435 
TOP HN42 H N N 436 
TOP HN71 H N N 437 
TOP HN72 H N N 438 
TOP H91  H N N 439 
TOP H92  H N N 440 
TOP H11  H N N 441 
TOP H141 H N N 442 
TOP H142 H N N 443 
TOP H143 H N N 444 
TOP H171 H N N 445 
TOP H172 H N N 446 
TOP H173 H N N 447 
TOP H201 H N N 448 
TOP H202 H N N 449 
TOP H203 H N N 450 
TOP H21  H N N 451 
TRP N    N N N 452 
TRP CA   C N S 453 
TRP C    C N N 454 
TRP O    O N N 455 
TRP CB   C N N 456 
TRP CG   C Y N 457 
TRP CD1  C Y N 458 
TRP CD2  C Y N 459 
TRP NE1  N Y N 460 
TRP CE2  C Y N 461 
TRP CE3  C Y N 462 
TRP CZ2  C Y N 463 
TRP CZ3  C Y N 464 
TRP CH2  C Y N 465 
TRP OXT  O N N 466 
TRP H    H N N 467 
TRP H2   H N N 468 
TRP HA   H N N 469 
TRP HB2  H N N 470 
TRP HB3  H N N 471 
TRP HD1  H N N 472 
TRP HE1  H N N 473 
TRP HE3  H N N 474 
TRP HZ2  H N N 475 
TRP HZ3  H N N 476 
TRP HH2  H N N 477 
TRP HXT  H N N 478 
TYR N    N N N 479 
TYR CA   C N S 480 
TYR C    C N N 481 
TYR O    O N N 482 
TYR CB   C N N 483 
TYR CG   C Y N 484 
TYR CD1  C Y N 485 
TYR CD2  C Y N 486 
TYR CE1  C Y N 487 
TYR CE2  C Y N 488 
TYR CZ   C Y N 489 
TYR OH   O N N 490 
TYR OXT  O N N 491 
TYR H    H N N 492 
TYR H2   H N N 493 
TYR HA   H N N 494 
TYR HB2  H N N 495 
TYR HB3  H N N 496 
TYR HD1  H N N 497 
TYR HD2  H N N 498 
TYR HE1  H N N 499 
TYR HE2  H N N 500 
TYR HH   H N N 501 
TYR HXT  H N N 502 
VAL N    N N N 503 
VAL CA   C N S 504 
VAL C    C N N 505 
VAL O    O N N 506 
VAL CB   C N N 507 
VAL CG1  C N N 508 
VAL CG2  C N N 509 
VAL OXT  O N N 510 
VAL H    H N N 511 
VAL H2   H N N 512 
VAL HA   H N N 513 
VAL HB   H N N 514 
VAL HG11 H N N 515 
VAL HG12 H N N 516 
VAL HG13 H N N 517 
VAL HG21 H N N 518 
VAL HG22 H N N 519 
VAL HG23 H N N 520 
VAL HXT  H N N 521 
# 
loop_
_chem_comp_bond.comp_id 
_chem_comp_bond.atom_id_1 
_chem_comp_bond.atom_id_2 
_chem_comp_bond.value_order 
_chem_comp_bond.pdbx_aromatic_flag 
_chem_comp_bond.pdbx_stereo_config 
_chem_comp_bond.pdbx_ordinal 
ALA N   CA   sing N N 1   
ALA N   H    sing N N 2   
ALA N   H2   sing N N 3   
ALA CA  C    sing N N 4   
ALA CA  CB   sing N N 5   
ALA CA  HA   sing N N 6   
ALA C   O    doub N N 7   
ALA C   OXT  sing N N 8   
ALA CB  HB1  sing N N 9   
ALA CB  HB2  sing N N 10  
ALA CB  HB3  sing N N 11  
ALA OXT HXT  sing N N 12  
ARG N   CA   sing N N 13  
ARG N   H    sing N N 14  
ARG N   H2   sing N N 15  
ARG CA  C    sing N N 16  
ARG CA  CB   sing N N 17  
ARG CA  HA   sing N N 18  
ARG C   O    doub N N 19  
ARG C   OXT  sing N N 20  
ARG CB  CG   sing N N 21  
ARG CB  HB2  sing N N 22  
ARG CB  HB3  sing N N 23  
ARG CG  CD   sing N N 24  
ARG CG  HG2  sing N N 25  
ARG CG  HG3  sing N N 26  
ARG CD  NE   sing N N 27  
ARG CD  HD2  sing N N 28  
ARG CD  HD3  sing N N 29  
ARG NE  CZ   sing N N 30  
ARG NE  HE   sing N N 31  
ARG CZ  NH1  sing N N 32  
ARG CZ  NH2  doub N N 33  
ARG NH1 HH11 sing N N 34  
ARG NH1 HH12 sing N N 35  
ARG NH2 HH21 sing N N 36  
ARG NH2 HH22 sing N N 37  
ARG OXT HXT  sing N N 38  
ASN N   CA   sing N N 39  
ASN N   H    sing N N 40  
ASN N   H2   sing N N 41  
ASN CA  C    sing N N 42  
ASN CA  CB   sing N N 43  
ASN CA  HA   sing N N 44  
ASN C   O    doub N N 45  
ASN C   OXT  sing N N 46  
ASN CB  CG   sing N N 47  
ASN CB  HB2  sing N N 48  
ASN CB  HB3  sing N N 49  
ASN CG  OD1  doub N N 50  
ASN CG  ND2  sing N N 51  
ASN ND2 HD21 sing N N 52  
ASN ND2 HD22 sing N N 53  
ASN OXT HXT  sing N N 54  
ASP N   CA   sing N N 55  
ASP N   H    sing N N 56  
ASP N   H2   sing N N 57  
ASP CA  C    sing N N 58  
ASP CA  CB   sing N N 59  
ASP CA  HA   sing N N 60  
ASP C   O    doub N N 61  
ASP C   OXT  sing N N 62  
ASP CB  CG   sing N N 63  
ASP CB  HB2  sing N N 64  
ASP CB  HB3  sing N N 65  
ASP CG  OD1  doub N N 66  
ASP CG  OD2  sing N N 67  
ASP OD2 HD2  sing N N 68  
ASP OXT HXT  sing N N 69  
CYS N   CA   sing N N 70  
CYS N   H    sing N N 71  
CYS N   H2   sing N N 72  
CYS CA  C    sing N N 73  
CYS CA  CB   sing N N 74  
CYS CA  HA   sing N N 75  
CYS C   O    doub N N 76  
CYS C   OXT  sing N N 77  
CYS CB  SG   sing N N 78  
CYS CB  HB2  sing N N 79  
CYS CB  HB3  sing N N 80  
CYS SG  HG   sing N N 81  
CYS OXT HXT  sing N N 82  
GLN N   CA   sing N N 83  
GLN N   H    sing N N 84  
GLN N   H2   sing N N 85  
GLN CA  C    sing N N 86  
GLN CA  CB   sing N N 87  
GLN CA  HA   sing N N 88  
GLN C   O    doub N N 89  
GLN C   OXT  sing N N 90  
GLN CB  CG   sing N N 91  
GLN CB  HB2  sing N N 92  
GLN CB  HB3  sing N N 93  
GLN CG  CD   sing N N 94  
GLN CG  HG2  sing N N 95  
GLN CG  HG3  sing N N 96  
GLN CD  OE1  doub N N 97  
GLN CD  NE2  sing N N 98  
GLN NE2 HE21 sing N N 99  
GLN NE2 HE22 sing N N 100 
GLN OXT HXT  sing N N 101 
GLU N   CA   sing N N 102 
GLU N   H    sing N N 103 
GLU N   H2   sing N N 104 
GLU CA  C    sing N N 105 
GLU CA  CB   sing N N 106 
GLU CA  HA   sing N N 107 
GLU C   O    doub N N 108 
GLU C   OXT  sing N N 109 
GLU CB  CG   sing N N 110 
GLU CB  HB2  sing N N 111 
GLU CB  HB3  sing N N 112 
GLU CG  CD   sing N N 113 
GLU CG  HG2  sing N N 114 
GLU CG  HG3  sing N N 115 
GLU CD  OE1  doub N N 116 
GLU CD  OE2  sing N N 117 
GLU OE2 HE2  sing N N 118 
GLU OXT HXT  sing N N 119 
GLY N   CA   sing N N 120 
GLY N   H    sing N N 121 
GLY N   H2   sing N N 122 
GLY CA  C    sing N N 123 
GLY CA  HA2  sing N N 124 
GLY CA  HA3  sing N N 125 
GLY C   O    doub N N 126 
GLY C   OXT  sing N N 127 
GLY OXT HXT  sing N N 128 
GOL C1  O1   sing N N 129 
GOL C1  C2   sing N N 130 
GOL C1  H11  sing N N 131 
GOL C1  H12  sing N N 132 
GOL O1  HO1  sing N N 133 
GOL C2  O2   sing N N 134 
GOL C2  C3   sing N N 135 
GOL C2  H2   sing N N 136 
GOL O2  HO2  sing N N 137 
GOL C3  O3   sing N N 138 
GOL C3  H31  sing N N 139 
GOL C3  H32  sing N N 140 
GOL O3  HO3  sing N N 141 
HIS N   CA   sing N N 142 
HIS N   H    sing N N 143 
HIS N   H2   sing N N 144 
HIS CA  C    sing N N 145 
HIS CA  CB   sing N N 146 
HIS CA  HA   sing N N 147 
HIS C   O    doub N N 148 
HIS C   OXT  sing N N 149 
HIS CB  CG   sing N N 150 
HIS CB  HB2  sing N N 151 
HIS CB  HB3  sing N N 152 
HIS CG  ND1  sing Y N 153 
HIS CG  CD2  doub Y N 154 
HIS ND1 CE1  doub Y N 155 
HIS ND1 HD1  sing N N 156 
HIS CD2 NE2  sing Y N 157 
HIS CD2 HD2  sing N N 158 
HIS CE1 NE2  sing Y N 159 
HIS CE1 HE1  sing N N 160 
HIS NE2 HE2  sing N N 161 
HIS OXT HXT  sing N N 162 
HOH O   H1   sing N N 163 
HOH O   H2   sing N N 164 
ILE N   CA   sing N N 165 
ILE N   H    sing N N 166 
ILE N   H2   sing N N 167 
ILE CA  C    sing N N 168 
ILE CA  CB   sing N N 169 
ILE CA  HA   sing N N 170 
ILE C   O    doub N N 171 
ILE C   OXT  sing N N 172 
ILE CB  CG1  sing N N 173 
ILE CB  CG2  sing N N 174 
ILE CB  HB   sing N N 175 
ILE CG1 CD1  sing N N 176 
ILE CG1 HG12 sing N N 177 
ILE CG1 HG13 sing N N 178 
ILE CG2 HG21 sing N N 179 
ILE CG2 HG22 sing N N 180 
ILE CG2 HG23 sing N N 181 
ILE CD1 HD11 sing N N 182 
ILE CD1 HD12 sing N N 183 
ILE CD1 HD13 sing N N 184 
ILE OXT HXT  sing N N 185 
LEU N   CA   sing N N 186 
LEU N   H    sing N N 187 
LEU N   H2   sing N N 188 
LEU CA  C    sing N N 189 
LEU CA  CB   sing N N 190 
LEU CA  HA   sing N N 191 
LEU C   O    doub N N 192 
LEU C   OXT  sing N N 193 
LEU CB  CG   sing N N 194 
LEU CB  HB2  sing N N 195 
LEU CB  HB3  sing N N 196 
LEU CG  CD1  sing N N 197 
LEU CG  CD2  sing N N 198 
LEU CG  HG   sing N N 199 
LEU CD1 HD11 sing N N 200 
LEU CD1 HD12 sing N N 201 
LEU CD1 HD13 sing N N 202 
LEU CD2 HD21 sing N N 203 
LEU CD2 HD22 sing N N 204 
LEU CD2 HD23 sing N N 205 
LEU OXT HXT  sing N N 206 
LYS N   CA   sing N N 207 
LYS N   H    sing N N 208 
LYS N   H2   sing N N 209 
LYS CA  C    sing N N 210 
LYS CA  CB   sing N N 211 
LYS CA  HA   sing N N 212 
LYS C   O    doub N N 213 
LYS C   OXT  sing N N 214 
LYS CB  CG   sing N N 215 
LYS CB  HB2  sing N N 216 
LYS CB  HB3  sing N N 217 
LYS CG  CD   sing N N 218 
LYS CG  HG2  sing N N 219 
LYS CG  HG3  sing N N 220 
LYS CD  CE   sing N N 221 
LYS CD  HD2  sing N N 222 
LYS CD  HD3  sing N N 223 
LYS CE  NZ   sing N N 224 
LYS CE  HE2  sing N N 225 
LYS CE  HE3  sing N N 226 
LYS NZ  HZ1  sing N N 227 
LYS NZ  HZ2  sing N N 228 
LYS NZ  HZ3  sing N N 229 
LYS OXT HXT  sing N N 230 
MET N   CA   sing N N 231 
MET N   H    sing N N 232 
MET N   H2   sing N N 233 
MET CA  C    sing N N 234 
MET CA  CB   sing N N 235 
MET CA  HA   sing N N 236 
MET C   O    doub N N 237 
MET C   OXT  sing N N 238 
MET CB  CG   sing N N 239 
MET CB  HB2  sing N N 240 
MET CB  HB3  sing N N 241 
MET CG  SD   sing N N 242 
MET CG  HG2  sing N N 243 
MET CG  HG3  sing N N 244 
MET SD  CE   sing N N 245 
MET CE  HE1  sing N N 246 
MET CE  HE2  sing N N 247 
MET CE  HE3  sing N N 248 
MET OXT HXT  sing N N 249 
NDP PA  O1A  doub N N 250 
NDP PA  O2A  sing N N 251 
NDP PA  O5B  sing N N 252 
NDP PA  O3   sing N N 253 
NDP O2A HOA2 sing N N 254 
NDP O5B C5B  sing N N 255 
NDP C5B C4B  sing N N 256 
NDP C5B H51A sing N N 257 
NDP C5B H52A sing N N 258 
NDP C4B O4B  sing N N 259 
NDP C4B C3B  sing N N 260 
NDP C4B H4B  sing N N 261 
NDP O4B C1B  sing N N 262 
NDP C3B O3B  sing N N 263 
NDP C3B C2B  sing N N 264 
NDP C3B H3B  sing N N 265 
NDP O3B HO3A sing N N 266 
NDP C2B O2B  sing N N 267 
NDP C2B C1B  sing N N 268 
NDP C2B H2B  sing N N 269 
NDP O2B P2B  sing N N 270 
NDP C1B N9A  sing N N 271 
NDP C1B H1B  sing N N 272 
NDP N9A C8A  sing Y N 273 
NDP N9A C4A  sing Y N 274 
NDP C8A N7A  doub Y N 275 
NDP C8A H8A  sing N N 276 
NDP N7A C5A  sing Y N 277 
NDP C5A C6A  sing Y N 278 
NDP C5A C4A  doub Y N 279 
NDP C6A N6A  sing N N 280 
NDP C6A N1A  doub Y N 281 
NDP N6A H61A sing N N 282 
NDP N6A H62A sing N N 283 
NDP N1A C2A  sing Y N 284 
NDP C2A N3A  doub Y N 285 
NDP C2A H2A  sing N N 286 
NDP N3A C4A  sing Y N 287 
NDP O3  PN   sing N N 288 
NDP PN  O1N  doub N N 289 
NDP PN  O2N  sing N N 290 
NDP PN  O5D  sing N N 291 
NDP O2N H21N sing N N 292 
NDP O5D C5D  sing N N 293 
NDP C5D C4D  sing N N 294 
NDP C5D H51N sing N N 295 
NDP C5D H52N sing N N 296 
NDP C4D O4D  sing N N 297 
NDP C4D C3D  sing N N 298 
NDP C4D H4D  sing N N 299 
NDP O4D C1D  sing N N 300 
NDP C3D O3D  sing N N 301 
NDP C3D C2D  sing N N 302 
NDP C3D H3D  sing N N 303 
NDP O3D HO3N sing N N 304 
NDP C2D O2D  sing N N 305 
NDP C2D C1D  sing N N 306 
NDP C2D H2D  sing N N 307 
NDP O2D HO2N sing N N 308 
NDP C1D N1N  sing N N 309 
NDP C1D H1D  sing N N 310 
NDP N1N C2N  sing N N 311 
NDP N1N C6N  sing N N 312 
NDP C2N C3N  doub N N 313 
NDP C2N H2N  sing N N 314 
NDP C3N C7N  sing N N 315 
NDP C3N C4N  sing N N 316 
NDP C7N O7N  doub N N 317 
NDP C7N N7N  sing N N 318 
NDP N7N H71N sing N N 319 
NDP N7N H72N sing N N 320 
NDP C4N C5N  sing N N 321 
NDP C4N H41N sing N N 322 
NDP C4N H42N sing N N 323 
NDP C5N C6N  doub N N 324 
NDP C5N H5N  sing N N 325 
NDP C6N H6N  sing N N 326 
NDP P2B O1X  doub N N 327 
NDP P2B O2X  sing N N 328 
NDP P2B O3X  sing N N 329 
NDP O2X HOP2 sing N N 330 
NDP O3X HOP3 sing N N 331 
PHE N   CA   sing N N 332 
PHE N   H    sing N N 333 
PHE N   H2   sing N N 334 
PHE CA  C    sing N N 335 
PHE CA  CB   sing N N 336 
PHE CA  HA   sing N N 337 
PHE C   O    doub N N 338 
PHE C   OXT  sing N N 339 
PHE CB  CG   sing N N 340 
PHE CB  HB2  sing N N 341 
PHE CB  HB3  sing N N 342 
PHE CG  CD1  doub Y N 343 
PHE CG  CD2  sing Y N 344 
PHE CD1 CE1  sing Y N 345 
PHE CD1 HD1  sing N N 346 
PHE CD2 CE2  doub Y N 347 
PHE CD2 HD2  sing N N 348 
PHE CE1 CZ   doub Y N 349 
PHE CE1 HE1  sing N N 350 
PHE CE2 CZ   sing Y N 351 
PHE CE2 HE2  sing N N 352 
PHE CZ  HZ   sing N N 353 
PHE OXT HXT  sing N N 354 
PRO N   CA   sing N N 355 
PRO N   CD   sing N N 356 
PRO N   H    sing N N 357 
PRO CA  C    sing N N 358 
PRO CA  CB   sing N N 359 
PRO CA  HA   sing N N 360 
PRO C   O    doub N N 361 
PRO C   OXT  sing N N 362 
PRO CB  CG   sing N N 363 
PRO CB  HB2  sing N N 364 
PRO CB  HB3  sing N N 365 
PRO CG  CD   sing N N 366 
PRO CG  HG2  sing N N 367 
PRO CG  HG3  sing N N 368 
PRO CD  HD2  sing N N 369 
PRO CD  HD3  sing N N 370 
PRO OXT HXT  sing N N 371 
SER N   CA   sing N N 372 
SER N   H    sing N N 373 
SER N   H2   sing N N 374 
SER CA  C    sing N N 375 
SER CA  CB   sing N N 376 
SER CA  HA   sing N N 377 
SER C   O    doub N N 378 
SER C   OXT  sing N N 379 
SER CB  OG   sing N N 380 
SER CB  HB2  sing N N 381 
SER CB  HB3  sing N N 382 
SER OG  HG   sing N N 383 
SER OXT HXT  sing N N 384 
THR N   CA   sing N N 385 
THR N   H    sing N N 386 
THR N   H2   sing N N 387 
THR CA  C    sing N N 388 
THR CA  CB   sing N N 389 
THR CA  HA   sing N N 390 
THR C   O    doub N N 391 
THR C   OXT  sing N N 392 
THR CB  OG1  sing N N 393 
THR CB  CG2  sing N N 394 
THR CB  HB   sing N N 395 
THR OG1 HG1  sing N N 396 
THR CG2 HG21 sing N N 397 
THR CG2 HG22 sing N N 398 
THR CG2 HG23 sing N N 399 
THR OXT HXT  sing N N 400 
TOP C1  N2   doub Y N 401 
TOP C1  C8   sing Y N 402 
TOP C1  H1   sing N N 403 
TOP N2  C3   sing Y N 404 
TOP C3  N4   sing N N 405 
TOP C3  N5   doub Y N 406 
TOP N4  HN41 sing N N 407 
TOP N4  HN42 sing N N 408 
TOP N5  C6   sing Y N 409 
TOP C6  N7   sing N N 410 
TOP C6  C8   doub Y N 411 
TOP N7  HN71 sing N N 412 
TOP N7  HN72 sing N N 413 
TOP C8  C9   sing N N 414 
TOP C9  C10  sing N N 415 
TOP C9  H91  sing N N 416 
TOP C9  H92  sing N N 417 
TOP C10 C11  doub Y N 418 
TOP C10 C21  sing Y N 419 
TOP C11 C12  sing Y N 420 
TOP C11 H11  sing N N 421 
TOP C12 O13  sing N N 422 
TOP C12 C15  doub Y N 423 
TOP O13 C14  sing N N 424 
TOP C14 H141 sing N N 425 
TOP C14 H142 sing N N 426 
TOP C14 H143 sing N N 427 
TOP C15 O16  sing N N 428 
TOP C15 C18  sing Y N 429 
TOP O16 C17  sing N N 430 
TOP C17 H171 sing N N 431 
TOP C17 H172 sing N N 432 
TOP C17 H173 sing N N 433 
TOP C18 O19  sing N N 434 
TOP C18 C21  doub Y N 435 
TOP O19 C20  sing N N 436 
TOP C20 H201 sing N N 437 
TOP C20 H202 sing N N 438 
TOP C20 H203 sing N N 439 
TOP C21 H21  sing N N 440 
TRP N   CA   sing N N 441 
TRP N   H    sing N N 442 
TRP N   H2   sing N N 443 
TRP CA  C    sing N N 444 
TRP CA  CB   sing N N 445 
TRP CA  HA   sing N N 446 
TRP C   O    doub N N 447 
TRP C   OXT  sing N N 448 
TRP CB  CG   sing N N 449 
TRP CB  HB2  sing N N 450 
TRP CB  HB3  sing N N 451 
TRP CG  CD1  doub Y N 452 
TRP CG  CD2  sing Y N 453 
TRP CD1 NE1  sing Y N 454 
TRP CD1 HD1  sing N N 455 
TRP CD2 CE2  doub Y N 456 
TRP CD2 CE3  sing Y N 457 
TRP NE1 CE2  sing Y N 458 
TRP NE1 HE1  sing N N 459 
TRP CE2 CZ2  sing Y N 460 
TRP CE3 CZ3  doub Y N 461 
TRP CE3 HE3  sing N N 462 
TRP CZ2 CH2  doub Y N 463 
TRP CZ2 HZ2  sing N N 464 
TRP CZ3 CH2  sing Y N 465 
TRP CZ3 HZ3  sing N N 466 
TRP CH2 HH2  sing N N 467 
TRP OXT HXT  sing N N 468 
TYR N   CA   sing N N 469 
TYR N   H    sing N N 470 
TYR N   H2   sing N N 471 
TYR CA  C    sing N N 472 
TYR CA  CB   sing N N 473 
TYR CA  HA   sing N N 474 
TYR C   O    doub N N 475 
TYR C   OXT  sing N N 476 
TYR CB  CG   sing N N 477 
TYR CB  HB2  sing N N 478 
TYR CB  HB3  sing N N 479 
TYR CG  CD1  doub Y N 480 
TYR CG  CD2  sing Y N 481 
TYR CD1 CE1  sing Y N 482 
TYR CD1 HD1  sing N N 483 
TYR CD2 CE2  doub Y N 484 
TYR CD2 HD2  sing N N 485 
TYR CE1 CZ   doub Y N 486 
TYR CE1 HE1  sing N N 487 
TYR CE2 CZ   sing Y N 488 
TYR CE2 HE2  sing N N 489 
TYR CZ  OH   sing N N 490 
TYR OH  HH   sing N N 491 
TYR OXT HXT  sing N N 492 
VAL N   CA   sing N N 493 
VAL N   H    sing N N 494 
VAL N   H2   sing N N 495 
VAL CA  C    sing N N 496 
VAL CA  CB   sing N N 497 
VAL CA  HA   sing N N 498 
VAL C   O    doub N N 499 
VAL C   OXT  sing N N 500 
VAL CB  CG1  sing N N 501 
VAL CB  CG2  sing N N 502 
VAL CB  HB   sing N N 503 
VAL CG1 HG11 sing N N 504 
VAL CG1 HG12 sing N N 505 
VAL CG1 HG13 sing N N 506 
VAL CG2 HG21 sing N N 507 
VAL CG2 HG22 sing N N 508 
VAL CG2 HG23 sing N N 509 
VAL OXT HXT  sing N N 510 
# 
_atom_sites.entry_id                    1DG5 
_atom_sites.fract_transf_matrix[1][1]   0.01625610 
_atom_sites.fract_transf_matrix[1][2]   -0.00237886 
_atom_sites.fract_transf_matrix[1][3]   -0.00102218 
_atom_sites.fract_transf_matrix[2][1]   0.00244970 
_atom_sites.fract_transf_matrix[2][2]   0.01623522 
_atom_sites.fract_transf_matrix[2][3]   0.00117518 
_atom_sites.fract_transf_matrix[3][1]   0.00085707 
_atom_sites.fract_transf_matrix[3][2]   -0.00134201 
_atom_sites.fract_transf_matrix[3][3]   0.01675350 
_atom_sites.fract_transf_vector[1]      0.130606 
_atom_sites.fract_transf_vector[2]      0.338907 
_atom_sites.fract_transf_vector[3]      0.156039 
# 
loop_
_atom_type.symbol 
C 
N 
O 
P 
S 
# 
loop_
_atom_site.group_PDB 
_atom_site.id 
_atom_site.type_symbol 
_atom_site.label_atom_id 
_atom_site.label_alt_id 
_atom_site.label_comp_id 
_atom_site.label_asym_id 
_atom_site.label_entity_id 
_atom_site.label_seq_id 
_atom_site.pdbx_PDB_ins_code 
_atom_site.Cartn_x 
_atom_site.Cartn_y 
_atom_site.Cartn_z 
_atom_site.occupancy 
_atom_site.B_iso_or_equiv 
_atom_site.pdbx_formal_charge 
_atom_site.auth_seq_id 
_atom_site.auth_comp_id 
_atom_site.auth_asym_id 
_atom_site.auth_atom_id 
_atom_site.pdbx_PDB_model_num 
ATOM   1    N N   . MET A 1 1   ? -9.748  -10.315 -8.531  1.00 25.29 ? 1   MET A N   1 
ATOM   2    C CA  . MET A 1 1   ? -8.772  -9.219  -8.782  1.00 24.11 ? 1   MET A CA  1 
ATOM   3    C C   . MET A 1 1   ? -8.127  -8.738  -7.483  1.00 22.26 ? 1   MET A C   1 
ATOM   4    O O   . MET A 1 1   ? -8.816  -8.303  -6.550  1.00 21.71 ? 1   MET A O   1 
ATOM   5    C CB  . MET A 1 1   ? -9.472  -8.033  -9.458  1.00 25.61 ? 1   MET A CB  1 
ATOM   6    C CG  . MET A 1 1   ? -8.550  -6.969  -10.119 1.00 28.61 ? 1   MET A CG  1 
ATOM   7    S SD  . MET A 1 1   ? -7.466  -5.904  -9.074  1.00 30.37 ? 1   MET A SD  1 
ATOM   8    C CE  . MET A 1 1   ? -8.609  -4.999  -8.086  1.00 27.50 ? 1   MET A CE  1 
ATOM   9    N N   . VAL A 1 2   ? -6.807  -8.879  -7.409  1.00 19.46 ? 2   VAL A N   1 
ATOM   10   C CA  . VAL A 1 2   ? -6.051  -8.403  -6.267  1.00 17.56 ? 2   VAL A CA  1 
ATOM   11   C C   . VAL A 1 2   ? -5.114  -7.341  -6.809  1.00 16.72 ? 2   VAL A C   1 
ATOM   12   O O   . VAL A 1 2   ? -4.420  -7.554  -7.803  1.00 16.08 ? 2   VAL A O   1 
ATOM   13   C CB  . VAL A 1 2   ? -5.246  -9.514  -5.593  1.00 16.36 ? 2   VAL A CB  1 
ATOM   14   C CG1 . VAL A 1 2   ? -4.357  -8.939  -4.523  1.00 15.06 ? 2   VAL A CG1 1 
ATOM   15   C CG2 . VAL A 1 2   ? -6.177  -10.508 -4.969  1.00 17.03 ? 2   VAL A CG2 1 
ATOM   16   N N   . GLY A 1 3   ? -5.163  -6.165  -6.198  1.00 16.61 ? 3   GLY A N   1 
ATOM   17   C CA  . GLY A 1 3   ? -4.296  -5.084  -6.613  1.00 13.93 ? 3   GLY A CA  1 
ATOM   18   C C   . GLY A 1 3   ? -3.456  -4.611  -5.455  1.00 12.19 ? 3   GLY A C   1 
ATOM   19   O O   . GLY A 1 3   ? -3.816  -4.810  -4.300  1.00 12.19 ? 3   GLY A O   1 
ATOM   20   N N   . LEU A 1 4   ? -2.298  -4.051  -5.765  1.00 11.61 ? 4   LEU A N   1 
ATOM   21   C CA  . LEU A 1 4   ? -1.423  -3.513  -4.745  1.00 11.90 ? 4   LEU A CA  1 
ATOM   22   C C   . LEU A 1 4   ? -1.383  -2.006  -4.945  1.00 9.90  ? 4   LEU A C   1 
ATOM   23   O O   . LEU A 1 4   ? -1.476  -1.539  -6.066  1.00 10.02 ? 4   LEU A O   1 
ATOM   24   C CB  . LEU A 1 4   ? -0.004  -4.064  -4.906  1.00 12.90 ? 4   LEU A CB  1 
ATOM   25   C CG  . LEU A 1 4   ? 0.419   -5.369  -4.224  1.00 16.08 ? 4   LEU A CG  1 
ATOM   26   C CD1 . LEU A 1 4   ? -0.603  -6.458  -4.403  1.00 14.52 ? 4   LEU A CD1 1 
ATOM   27   C CD2 . LEU A 1 4   ? 1.785   -5.795  -4.760  1.00 14.14 ? 4   LEU A CD2 1 
ATOM   28   N N   . ILE A 1 5   ? -1.316  -1.243  -3.859  1.00 11.37 ? 5   ILE A N   1 
ATOM   29   C CA  . ILE A 1 5   ? -1.215  0.206   -3.975  1.00 11.79 ? 5   ILE A CA  1 
ATOM   30   C C   . ILE A 1 5   ? -0.228  0.719   -2.934  1.00 10.46 ? 5   ILE A C   1 
ATOM   31   O O   . ILE A 1 5   ? -0.254  0.295   -1.778  1.00 9.88  ? 5   ILE A O   1 
ATOM   32   C CB  . ILE A 1 5   ? -2.604  0.926   -3.870  1.00 11.49 ? 5   ILE A CB  1 
ATOM   33   C CG1 . ILE A 1 5   ? -2.418  2.449   -3.948  1.00 12.42 ? 5   ILE A CG1 1 
ATOM   34   C CG2 . ILE A 1 5   ? -3.333  0.548   -2.596  1.00 10.27 ? 5   ILE A CG2 1 
ATOM   35   C CD1 . ILE A 1 5   ? -3.713  3.218   -4.171  1.00 11.08 ? 5   ILE A CD1 1 
ATOM   36   N N   . TRP A 1 6   ? 0.711   1.549   -3.377  1.00 11.89 ? 6   TRP A N   1 
ATOM   37   C CA  . TRP A 1 6   ? 1.712   2.120   -2.489  1.00 10.68 ? 6   TRP A CA  1 
ATOM   38   C C   . TRP A 1 6   ? 2.327   3.378   -3.089  1.00 10.33 ? 6   TRP A C   1 
ATOM   39   O O   . TRP A 1 6   ? 2.171   3.659   -4.277  1.00 9.21  ? 6   TRP A O   1 
ATOM   40   C CB  . TRP A 1 6   ? 2.837   1.108   -2.204  1.00 12.08 ? 6   TRP A CB  1 
ATOM   41   C CG  . TRP A 1 6   ? 3.803   0.847   -3.364  1.00 12.64 ? 6   TRP A CG  1 
ATOM   42   C CD1 . TRP A 1 6   ? 4.920   1.576   -3.688  1.00 13.71 ? 6   TRP A CD1 1 
ATOM   43   C CD2 . TRP A 1 6   ? 3.739   -0.228  -4.313  1.00 13.89 ? 6   TRP A CD2 1 
ATOM   44   N NE1 . TRP A 1 6   ? 5.554   1.019   -4.773  1.00 13.11 ? 6   TRP A NE1 1 
ATOM   45   C CE2 . TRP A 1 6   ? 4.851   -0.087  -5.177  1.00 14.36 ? 6   TRP A CE2 1 
ATOM   46   C CE3 . TRP A 1 6   ? 2.856   -1.301  -4.510  1.00 13.83 ? 6   TRP A CE3 1 
ATOM   47   C CZ2 . TRP A 1 6   ? 5.102   -0.978  -6.226  1.00 13.77 ? 6   TRP A CZ2 1 
ATOM   48   C CZ3 . TRP A 1 6   ? 3.107   -2.186  -5.549  1.00 14.06 ? 6   TRP A CZ3 1 
ATOM   49   C CH2 . TRP A 1 6   ? 4.223   -2.015  -6.394  1.00 14.04 ? 6   TRP A CH2 1 
ATOM   50   N N   . ALA A 1 7   ? 3.043   4.111   -2.246  1.00 12.04 ? 7   ALA A N   1 
ATOM   51   C CA  . ALA A 1 7   ? 3.760   5.324   -2.621  1.00 13.50 ? 7   ALA A CA  1 
ATOM   52   C C   . ALA A 1 7   ? 5.224   5.048   -2.236  1.00 12.84 ? 7   ALA A C   1 
ATOM   53   O O   . ALA A 1 7   ? 5.509   4.645   -1.108  1.00 11.87 ? 7   ALA A O   1 
ATOM   54   C CB  . ALA A 1 7   ? 3.218   6.533   -1.835  1.00 13.26 ? 7   ALA A CB  1 
ATOM   55   N N   . GLN A 1 8   ? 6.146   5.236   -3.174  1.00 13.74 ? 8   GLN A N   1 
ATOM   56   C CA  . GLN A 1 8   ? 7.553   4.980   -2.903  1.00 14.88 ? 8   GLN A CA  1 
ATOM   57   C C   . GLN A 1 8   ? 8.468   6.092   -3.379  1.00 14.95 ? 8   GLN A C   1 
ATOM   58   O O   . GLN A 1 8   ? 8.156   6.790   -4.344  1.00 14.25 ? 8   GLN A O   1 
ATOM   59   C CB  . GLN A 1 8   ? 8.010   3.711   -3.622  1.00 12.92 ? 8   GLN A CB  1 
ATOM   60   C CG  . GLN A 1 8   ? 8.019   3.859   -5.129  1.00 14.20 ? 8   GLN A CG  1 
ATOM   61   C CD  . GLN A 1 8   ? 8.731   2.731   -5.824  1.00 16.71 ? 8   GLN A CD  1 
ATOM   62   O OE1 . GLN A 1 8   ? 8.156   1.680   -6.064  1.00 17.13 ? 8   GLN A OE1 1 
ATOM   63   N NE2 . GLN A 1 8   ? 9.992   2.949   -6.168  1.00 16.10 ? 8   GLN A NE2 1 
ATOM   64   N N   . ALA A 1 9   ? 9.601   6.222   -2.689  1.00 16.66 ? 9   ALA A N   1 
ATOM   65   C CA  . ALA A 1 9   ? 10.644  7.162   -3.072  1.00 18.26 ? 9   ALA A CA  1 
ATOM   66   C C   . ALA A 1 9   ? 11.249  6.475   -4.285  1.00 18.72 ? 9   ALA A C   1 
ATOM   67   O O   . ALA A 1 9   ? 11.164  5.255   -4.415  1.00 19.52 ? 9   ALA A O   1 
ATOM   68   C CB  . ALA A 1 9   ? 11.707  7.290   -1.959  1.00 18.16 ? 9   ALA A CB  1 
ATOM   69   N N   . THR A 1 10  ? 11.835  7.243   -5.186  1.00 18.61 ? 10  THR A N   1 
ATOM   70   C CA  . THR A 1 10  ? 12.458  6.674   -6.375  1.00 19.65 ? 10  THR A CA  1 
ATOM   71   C C   . THR A 1 10  ? 13.347  5.475   -6.009  1.00 19.22 ? 10  THR A C   1 
ATOM   72   O O   . THR A 1 10  ? 13.445  4.499   -6.754  1.00 19.45 ? 10  THR A O   1 
ATOM   73   C CB  . THR A 1 10  ? 13.305  7.761   -7.052  1.00 20.70 ? 10  THR A CB  1 
ATOM   74   O OG1 . THR A 1 10  ? 12.429  8.795   -7.521  1.00 22.99 ? 10  THR A OG1 1 
ATOM   75   C CG2 . THR A 1 10  ? 14.127  7.195   -8.206  1.00 21.61 ? 10  THR A CG2 1 
ATOM   76   N N   . SER A 1 11  ? 13.929  5.542   -4.819  1.00 18.00 ? 11  SER A N   1 
ATOM   77   C CA  . SER A 1 11  ? 14.821  4.519   -4.297  1.00 18.86 ? 11  SER A CA  1 
ATOM   78   C C   . SER A 1 11  ? 14.133  3.217   -3.940  1.00 19.53 ? 11  SER A C   1 
ATOM   79   O O   . SER A 1 11  ? 14.793  2.192   -3.768  1.00 18.62 ? 11  SER A O   1 
ATOM   80   C CB  . SER A 1 11  ? 15.514  5.047   -3.051  1.00 18.90 ? 11  SER A CB  1 
ATOM   81   O OG  . SER A 1 11  ? 14.581  5.227   -1.999  1.00 19.37 ? 11  SER A OG  1 
ATOM   82   N N   . GLY A 1 12  ? 12.815  3.273   -3.764  1.00 19.77 ? 12  GLY A N   1 
ATOM   83   C CA  . GLY A 1 12  ? 12.059  2.080   -3.414  1.00 17.62 ? 12  GLY A CA  1 
ATOM   84   C C   . GLY A 1 12  ? 11.635  2.039   -1.960  1.00 16.60 ? 12  GLY A C   1 
ATOM   85   O O   . GLY A 1 12  ? 10.873  1.159   -1.562  1.00 17.76 ? 12  GLY A O   1 
ATOM   86   N N   . VAL A 1 13  ? 12.107  3.000   -1.166  1.00 15.65 ? 13  VAL A N   1 
ATOM   87   C CA  . VAL A 1 13  ? 11.756  3.065   0.249   1.00 15.03 ? 13  VAL A CA  1 
ATOM   88   C C   . VAL A 1 13  ? 10.309  3.494   0.380   1.00 14.57 ? 13  VAL A C   1 
ATOM   89   O O   . VAL A 1 13  ? 9.885   4.439   -0.277  1.00 14.25 ? 13  VAL A O   1 
ATOM   90   C CB  . VAL A 1 13  ? 12.652  4.081   1.015   1.00 15.50 ? 13  VAL A CB  1 
ATOM   91   C CG1 . VAL A 1 13  ? 12.222  4.200   2.486   1.00 13.63 ? 13  VAL A CG1 1 
ATOM   92   C CG2 . VAL A 1 13  ? 14.108  3.656   0.922   1.00 18.04 ? 13  VAL A CG2 1 
ATOM   93   N N   . ILE A 1 14  ? 9.538   2.756   1.173   1.00 14.04 ? 14  ILE A N   1 
ATOM   94   C CA  . ILE A 1 14  ? 8.145   3.104   1.395   1.00 14.06 ? 14  ILE A CA  1 
ATOM   95   C C   . ILE A 1 14  ? 7.908   3.379   2.871   1.00 14.31 ? 14  ILE A C   1 
ATOM   96   O O   . ILE A 1 14  ? 6.929   4.023   3.233   1.00 16.25 ? 14  ILE A O   1 
ATOM   97   C CB  . ILE A 1 14  ? 7.143   2.001   0.929   1.00 13.71 ? 14  ILE A CB  1 
ATOM   98   C CG1 . ILE A 1 14  ? 7.348   0.707   1.715   1.00 14.24 ? 14  ILE A CG1 1 
ATOM   99   C CG2 . ILE A 1 14  ? 7.244   1.780   -0.559  1.00 11.57 ? 14  ILE A CG2 1 
ATOM   100  C CD1 . ILE A 1 14  ? 6.202   -0.303  1.586   1.00 13.20 ? 14  ILE A CD1 1 
ATOM   101  N N   . GLY A 1 15  ? 8.817   2.922   3.728   1.00 14.39 ? 15  GLY A N   1 
ATOM   102  C CA  . GLY A 1 15  ? 8.639   3.130   5.157   1.00 14.13 ? 15  GLY A CA  1 
ATOM   103  C C   . GLY A 1 15  ? 9.942   3.122   5.923   1.00 15.73 ? 15  GLY A C   1 
ATOM   104  O O   . GLY A 1 15  ? 10.891  2.433   5.545   1.00 15.49 ? 15  GLY A O   1 
ATOM   105  N N   . ARG A 1 16  ? 9.987   3.903   6.997   1.00 16.99 ? 16  ARG A N   1 
ATOM   106  C CA  . ARG A 1 16  ? 11.170  4.008   7.847   1.00 19.15 ? 16  ARG A CA  1 
ATOM   107  C C   . ARG A 1 16  ? 10.741  4.447   9.241   1.00 20.52 ? 16  ARG A C   1 
ATOM   108  O O   . ARG A 1 16  ? 9.989   5.404   9.378   1.00 21.98 ? 16  ARG A O   1 
ATOM   109  C CB  . ARG A 1 16  ? 12.168  5.013   7.268   1.00 18.11 ? 16  ARG A CB  1 
ATOM   110  C CG  . ARG A 1 16  ? 13.434  5.150   8.097   1.00 18.08 ? 16  ARG A CG  1 
ATOM   111  C CD  . ARG A 1 16  ? 14.458  6.002   7.393   1.00 16.31 ? 16  ARG A CD  1 
ATOM   112  N NE  . ARG A 1 16  ? 14.866  5.416   6.124   1.00 17.03 ? 16  ARG A NE  1 
ATOM   113  C CZ  . ARG A 1 16  ? 15.583  6.056   5.209   1.00 17.42 ? 16  ARG A CZ  1 
ATOM   114  N NH1 . ARG A 1 16  ? 15.960  7.298   5.426   1.00 19.33 ? 16  ARG A NH1 1 
ATOM   115  N NH2 . ARG A 1 16  ? 15.942  5.456   4.079   1.00 17.11 ? 16  ARG A NH2 1 
ATOM   116  N N   . GLY A 1 17  ? 11.202  3.734   10.270  1.00 22.26 ? 17  GLY A N   1 
ATOM   117  C CA  . GLY A 1 17  ? 10.845  4.071   11.644  1.00 23.43 ? 17  GLY A CA  1 
ATOM   118  C C   . GLY A 1 17  ? 9.357   3.930   11.911  1.00 24.96 ? 17  GLY A C   1 
ATOM   119  O O   . GLY A 1 17  ? 8.800   4.562   12.811  1.00 25.17 ? 17  GLY A O   1 
ATOM   120  N N   . GLY A 1 18  ? 8.705   3.092   11.117  1.00 25.53 ? 18  GLY A N   1 
ATOM   121  C CA  . GLY A 1 18  ? 7.284   2.894   11.273  1.00 26.92 ? 18  GLY A CA  1 
ATOM   122  C C   . GLY A 1 18  ? 6.442   3.982   10.632  1.00 27.67 ? 18  GLY A C   1 
ATOM   123  O O   . GLY A 1 18  ? 5.225   3.960   10.779  1.00 28.61 ? 18  GLY A O   1 
ATOM   124  N N   . ASP A 1 19  ? 7.059   4.906   9.897   1.00 27.34 ? 19  ASP A N   1 
ATOM   125  C CA  . ASP A 1 19  ? 6.320   5.995   9.247   1.00 27.42 ? 19  ASP A CA  1 
ATOM   126  C C   . ASP A 1 19  ? 6.588   6.042   7.748   1.00 26.13 ? 19  ASP A C   1 
ATOM   127  O O   . ASP A 1 19  ? 7.403   5.286   7.232   1.00 25.54 ? 19  ASP A O   1 
ATOM   128  C CB  . ASP A 1 19  ? 6.760   7.365   9.803   1.00 30.48 ? 19  ASP A CB  1 
ATOM   129  C CG  . ASP A 1 19  ? 6.614   7.481   11.313  1.00 32.66 ? 19  ASP A CG  1 
ATOM   130  O OD1 . ASP A 1 19  ? 7.558   8.005   11.958  1.00 34.67 ? 19  ASP A OD1 1 
ATOM   131  O OD2 . ASP A 1 19  ? 5.562   7.068   11.850  1.00 34.87 ? 19  ASP A OD2 1 
ATOM   132  N N   . ILE A 1 20  ? 5.845   6.895   7.051   1.00 25.03 ? 20  ILE A N   1 
ATOM   133  C CA  . ILE A 1 20  ? 6.071   7.121   5.634   1.00 24.31 ? 20  ILE A CA  1 
ATOM   134  C C   . ILE A 1 20  ? 7.033   8.307   5.757   1.00 25.80 ? 20  ILE A C   1 
ATOM   135  O O   . ILE A 1 20  ? 6.691   9.316   6.364   1.00 25.84 ? 20  ILE A O   1 
ATOM   136  C CB  . ILE A 1 20  ? 4.789   7.517   4.900   1.00 23.16 ? 20  ILE A CB  1 
ATOM   137  C CG1 . ILE A 1 20  ? 3.866   6.297   4.788   1.00 23.69 ? 20  ILE A CG1 1 
ATOM   138  C CG2 . ILE A 1 20  ? 5.119   8.047   3.531   1.00 19.51 ? 20  ILE A CG2 1 
ATOM   139  C CD1 . ILE A 1 20  ? 2.627   6.507   3.924   1.00 22.60 ? 20  ILE A CD1 1 
ATOM   140  N N   . PRO A 1 21  ? 8.247   8.198   5.192   1.00 25.84 ? 21  PRO A N   1 
ATOM   141  C CA  . PRO A 1 21  ? 9.263   9.250   5.260   1.00 26.36 ? 21  PRO A CA  1 
ATOM   142  C C   . PRO A 1 21  ? 9.122   10.488  4.374   1.00 26.46 ? 21  PRO A C   1 
ATOM   143  O O   . PRO A 1 21  ? 10.121  11.022  3.895   1.00 27.64 ? 21  PRO A O   1 
ATOM   144  C CB  . PRO A 1 21  ? 10.568  8.499   4.952   1.00 25.74 ? 21  PRO A CB  1 
ATOM   145  C CG  . PRO A 1 21  ? 10.146  7.058   4.617   1.00 27.01 ? 21  PRO A CG  1 
ATOM   146  C CD  . PRO A 1 21  ? 8.692   7.121   4.298   1.00 26.39 ? 21  PRO A CD  1 
ATOM   147  N N   . TRP A 1 22  ? 7.897   10.946  4.160   1.00 26.55 ? 22  TRP A N   1 
ATOM   148  C CA  . TRP A 1 22  ? 7.659   12.138  3.347   1.00 26.82 ? 22  TRP A CA  1 
ATOM   149  C C   . TRP A 1 22  ? 6.235   12.620  3.517   1.00 27.70 ? 22  TRP A C   1 
ATOM   150  O O   . TRP A 1 22  ? 5.386   11.899  4.031   1.00 27.23 ? 22  TRP A O   1 
ATOM   151  C CB  . TRP A 1 22  ? 7.937   11.884  1.855   1.00 25.68 ? 22  TRP A CB  1 
ATOM   152  C CG  . TRP A 1 22  ? 7.087   10.815  1.220   1.00 25.03 ? 22  TRP A CG  1 
ATOM   153  C CD1 . TRP A 1 22  ? 5.793   10.931  0.806   1.00 24.45 ? 22  TRP A CD1 1 
ATOM   154  C CD2 . TRP A 1 22  ? 7.474   9.466   0.944   1.00 24.03 ? 22  TRP A CD2 1 
ATOM   155  N NE1 . TRP A 1 22  ? 5.347   9.732   0.295   1.00 23.21 ? 22  TRP A NE1 1 
ATOM   156  C CE2 . TRP A 1 22  ? 6.359   8.817   0.370   1.00 22.98 ? 22  TRP A CE2 1 
ATOM   157  C CE3 . TRP A 1 22  ? 8.658   8.736   1.135   1.00 24.71 ? 22  TRP A CE3 1 
ATOM   158  C CZ2 . TRP A 1 22  ? 6.390   7.478   -0.015  1.00 22.27 ? 22  TRP A CZ2 1 
ATOM   159  C CZ3 . TRP A 1 22  ? 8.683   7.394   0.748   1.00 22.81 ? 22  TRP A CZ3 1 
ATOM   160  C CH2 . TRP A 1 22  ? 7.555   6.786   0.183   1.00 20.37 ? 22  TRP A CH2 1 
ATOM   161  N N   . ARG A 1 23  ? 5.992   13.849  3.082   1.00 29.73 ? 23  ARG A N   1 
ATOM   162  C CA  . ARG A 1 23  ? 4.662   14.442  3.150   1.00 31.55 ? 23  ARG A CA  1 
ATOM   163  C C   . ARG A 1 23  ? 4.208   14.716  1.728   1.00 30.41 ? 23  ARG A C   1 
ATOM   164  O O   . ARG A 1 23  ? 4.913   15.360  0.946   1.00 30.94 ? 23  ARG A O   1 
ATOM   165  C CB  . ARG A 1 23  ? 4.632   15.740  3.980   1.00 35.39 ? 23  ARG A CB  1 
ATOM   166  C CG  . ARG A 1 23  ? 5.931   16.152  4.664   1.00 39.85 ? 23  ARG A CG  1 
ATOM   167  C CD  . ARG A 1 23  ? 6.963   16.646  3.641   1.00 44.88 ? 23  ARG A CD  1 
ATOM   168  N NE  . ARG A 1 23  ? 7.909   15.597  3.250   1.00 46.87 ? 23  ARG A NE  1 
ATOM   169  C CZ  . ARG A 1 23  ? 9.011   15.807  2.534   1.00 48.56 ? 23  ARG A CZ  1 
ATOM   170  N NH1 . ARG A 1 23  ? 9.312   17.029  2.105   1.00 50.76 ? 23  ARG A NH1 1 
ATOM   171  N NH2 . ARG A 1 23  ? 9.858   14.811  2.310   1.00 50.68 ? 23  ARG A NH2 1 
ATOM   172  N N   . LEU A 1 24  ? 3.039   14.183  1.396   1.00 28.92 ? 24  LEU A N   1 
ATOM   173  C CA  . LEU A 1 24  ? 2.445   14.316  0.075   1.00 28.32 ? 24  LEU A CA  1 
ATOM   174  C C   . LEU A 1 24  ? 0.958   14.295  0.327   1.00 28.87 ? 24  LEU A C   1 
ATOM   175  O O   . LEU A 1 24  ? 0.323   13.249  0.247   1.00 28.10 ? 24  LEU A O   1 
ATOM   176  C CB  . LEU A 1 24  ? 2.843   13.119  -0.808  1.00 26.57 ? 24  LEU A CB  1 
ATOM   177  C CG  . LEU A 1 24  ? 2.481   13.149  -2.294  1.00 25.80 ? 24  LEU A CG  1 
ATOM   178  C CD1 . LEU A 1 24  ? 3.047   14.377  -2.934  1.00 27.24 ? 24  LEU A CD1 1 
ATOM   179  C CD2 . LEU A 1 24  ? 3.050   11.950  -2.984  1.00 25.36 ? 24  LEU A CD2 1 
ATOM   180  N N   . PRO A 1 25  ? 0.380   15.456  0.654   1.00 29.74 ? 25  PRO A N   1 
ATOM   181  C CA  . PRO A 1 25  ? -1.049  15.591  0.934   1.00 28.86 ? 25  PRO A CA  1 
ATOM   182  C C   . PRO A 1 25  ? -1.985  15.119  -0.175  1.00 27.53 ? 25  PRO A C   1 
ATOM   183  O O   . PRO A 1 25  ? -3.077  14.642  0.119   1.00 29.40 ? 25  PRO A O   1 
ATOM   184  C CB  . PRO A 1 25  ? -1.198  17.079  1.243   1.00 29.70 ? 25  PRO A CB  1 
ATOM   185  C CG  . PRO A 1 25  ? -0.076  17.712  0.476   1.00 30.60 ? 25  PRO A CG  1 
ATOM   186  C CD  . PRO A 1 25  ? 1.053   16.763  0.736   1.00 30.60 ? 25  PRO A CD  1 
ATOM   187  N N   . GLU A 1 26  ? -1.549  15.194  -1.431  1.00 25.78 ? 26  GLU A N   1 
ATOM   188  C CA  . GLU A 1 26  ? -2.379  14.759  -2.558  1.00 24.84 ? 26  GLU A CA  1 
ATOM   189  C C   . GLU A 1 26  ? -2.501  13.239  -2.654  1.00 24.66 ? 26  GLU A C   1 
ATOM   190  O O   . GLU A 1 26  ? -3.309  12.716  -3.427  1.00 24.65 ? 26  GLU A O   1 
ATOM   191  C CB  . GLU A 1 26  ? -1.810  15.273  -3.881  1.00 25.02 ? 26  GLU A CB  1 
ATOM   192  C CG  . GLU A 1 26  ? -1.775  16.782  -4.004  1.00 26.89 ? 26  GLU A CG  1 
ATOM   193  C CD  . GLU A 1 26  ? -0.541  17.404  -3.394  1.00 27.82 ? 26  GLU A CD  1 
ATOM   194  O OE1 . GLU A 1 26  ? 0.235   16.686  -2.727  1.00 27.11 ? 26  GLU A OE1 1 
ATOM   195  O OE2 . GLU A 1 26  ? -0.343  18.626  -3.593  1.00 28.02 ? 26  GLU A OE2 1 
ATOM   196  N N   . ASP A 1 27  ? -1.667  12.539  -1.895  1.00 24.48 ? 27  ASP A N   1 
ATOM   197  C CA  . ASP A 1 27  ? -1.652  11.083  -1.908  1.00 25.44 ? 27  ASP A CA  1 
ATOM   198  C C   . ASP A 1 27  ? -2.930  10.514  -1.321  1.00 26.54 ? 27  ASP A C   1 
ATOM   199  O O   . ASP A 1 27  ? -3.559  9.633   -1.906  1.00 25.37 ? 27  ASP A O   1 
ATOM   200  C CB  . ASP A 1 27  ? -0.425  10.577  -1.134  1.00 23.85 ? 27  ASP A CB  1 
ATOM   201  C CG  . ASP A 1 27  ? -0.333  9.057   -1.073  1.00 22.74 ? 27  ASP A CG  1 
ATOM   202  O OD1 . ASP A 1 27  ? -0.137  8.408   -2.115  1.00 20.82 ? 27  ASP A OD1 1 
ATOM   203  O OD2 . ASP A 1 27  ? -0.422  8.509   0.040   1.00 23.83 ? 27  ASP A OD2 1 
ATOM   204  N N   . GLN A 1 28  ? -3.339  11.081  -0.196  1.00 29.07 ? 28  GLN A N   1 
ATOM   205  C CA  . GLN A 1 28  ? -4.530  10.642  0.524   1.00 31.18 ? 28  GLN A CA  1 
ATOM   206  C C   . GLN A 1 28  ? -5.767  10.508  -0.355  1.00 29.10 ? 28  GLN A C   1 
ATOM   207  O O   . GLN A 1 28  ? -6.510  9.531   -0.247  1.00 28.94 ? 28  GLN A O   1 
ATOM   208  C CB  . GLN A 1 28  ? -4.803  11.605  1.681   1.00 35.49 ? 28  GLN A CB  1 
ATOM   209  C CG  . GLN A 1 28  ? -3.534  11.942  2.476   1.00 43.04 ? 28  GLN A CG  1 
ATOM   210  C CD  . GLN A 1 28  ? -3.619  13.277  3.223   1.00 47.74 ? 28  GLN A CD  1 
ATOM   211  O OE1 . GLN A 1 28  ? -4.345  14.202  2.815   1.00 50.22 ? 28  GLN A OE1 1 
ATOM   212  N NE2 . GLN A 1 28  ? -2.854  13.392  4.311   1.00 49.33 ? 28  GLN A NE2 1 
ATOM   213  N N   . ALA A 1 29  ? -5.967  11.485  -1.236  1.00 26.91 ? 29  ALA A N   1 
ATOM   214  C CA  . ALA A 1 29  ? -7.116  11.510  -2.129  1.00 24.71 ? 29  ALA A CA  1 
ATOM   215  C C   . ALA A 1 29  ? -7.016  10.496  -3.253  1.00 23.73 ? 29  ALA A C   1 
ATOM   216  O O   . ALA A 1 29  ? -8.033  9.969   -3.703  1.00 23.34 ? 29  ALA A O   1 
ATOM   217  C CB  . ALA A 1 29  ? -7.306  12.903  -2.689  1.00 25.43 ? 29  ALA A CB  1 
ATOM   218  N N   . HIS A 1 30  ? -5.807  10.261  -3.759  1.00 23.49 ? 30  HIS A N   1 
ATOM   219  C CA  . HIS A 1 30  ? -5.634  9.277   -4.823  1.00 22.61 ? 30  HIS A CA  1 
ATOM   220  C C   . HIS A 1 30  ? -5.832  7.868   -4.239  1.00 20.38 ? 30  HIS A C   1 
ATOM   221  O O   . HIS A 1 30  ? -6.444  6.997   -4.853  1.00 19.79 ? 30  HIS A O   1 
ATOM   222  C CB  . HIS A 1 30  ? -4.253  9.388   -5.469  1.00 24.09 ? 30  HIS A CB  1 
ATOM   223  C CG  . HIS A 1 30  ? -4.014  8.343   -6.516  1.00 26.61 ? 30  HIS A CG  1 
ATOM   224  N ND1 . HIS A 1 30  ? -3.062  7.352   -6.376  1.00 28.37 ? 30  HIS A ND1 1 
ATOM   225  C CD2 . HIS A 1 30  ? -4.653  8.089   -7.680  1.00 27.16 ? 30  HIS A CD2 1 
ATOM   226  C CE1 . HIS A 1 30  ? -3.128  6.533   -7.411  1.00 26.70 ? 30  HIS A CE1 1 
ATOM   227  N NE2 . HIS A 1 30  ? -4.084  6.956   -8.217  1.00 27.49 ? 30  HIS A NE2 1 
ATOM   228  N N   . PHE A 1 31  ? -5.295  7.657   -3.047  1.00 19.69 ? 31  PHE A N   1 
ATOM   229  C CA  . PHE A 1 31  ? -5.423  6.385   -2.356  1.00 20.91 ? 31  PHE A CA  1 
ATOM   230  C C   . PHE A 1 31  ? -6.906  6.117   -2.108  1.00 23.67 ? 31  PHE A C   1 
ATOM   231  O O   . PHE A 1 31  ? -7.403  5.023   -2.378  1.00 24.16 ? 31  PHE A O   1 
ATOM   232  C CB  . PHE A 1 31  ? -4.650  6.455   -1.034  1.00 17.64 ? 31  PHE A CB  1 
ATOM   233  C CG  . PHE A 1 31  ? -4.875  5.283   -0.118  1.00 15.34 ? 31  PHE A CG  1 
ATOM   234  C CD1 . PHE A 1 31  ? -4.321  4.039   -0.401  1.00 13.53 ? 31  PHE A CD1 1 
ATOM   235  C CD2 . PHE A 1 31  ? -5.630  5.433   1.039   1.00 13.12 ? 31  PHE A CD2 1 
ATOM   236  C CE1 . PHE A 1 31  ? -4.512  2.963   0.453   1.00 12.77 ? 31  PHE A CE1 1 
ATOM   237  C CE2 . PHE A 1 31  ? -5.824  4.363   1.903   1.00 14.94 ? 31  PHE A CE2 1 
ATOM   238  C CZ  . PHE A 1 31  ? -5.260  3.119   1.606   1.00 12.99 ? 31  PHE A CZ  1 
ATOM   239  N N   . ARG A 1 32  ? -7.614  7.136   -1.632  1.00 25.45 ? 32  ARG A N   1 
ATOM   240  C CA  . ARG A 1 32  ? -9.036  7.036   -1.342  1.00 28.13 ? 32  ARG A CA  1 
ATOM   241  C C   . ARG A 1 32  ? -9.828  6.679   -2.594  1.00 28.09 ? 32  ARG A C   1 
ATOM   242  O O   . ARG A 1 32  ? -10.612 5.732   -2.593  1.00 28.71 ? 32  ARG A O   1 
ATOM   243  C CB  . ARG A 1 32  ? -9.543  8.363   -0.763  1.00 31.96 ? 32  ARG A CB  1 
ATOM   244  C CG  . ARG A 1 32  ? -10.982 8.337   -0.277  1.00 37.11 ? 32  ARG A CG  1 
ATOM   245  C CD  . ARG A 1 32  ? -11.489 9.733   0.074   1.00 41.64 ? 32  ARG A CD  1 
ATOM   246  N NE  . ARG A 1 32  ? -12.902 9.735   0.495   1.00 46.27 ? 32  ARG A NE  1 
ATOM   247  C CZ  . ARG A 1 32  ? -13.951 9.437   -0.284  1.00 46.56 ? 32  ARG A CZ  1 
ATOM   248  N NH1 . ARG A 1 32  ? -13.780 9.101   -1.558  1.00 47.75 ? 32  ARG A NH1 1 
ATOM   249  N NH2 . ARG A 1 32  ? -15.181 9.465   0.221   1.00 46.60 ? 32  ARG A NH2 1 
ATOM   250  N N   . GLU A 1 33  ? -9.565  7.407   -3.674  1.00 27.81 ? 33  GLU A N   1 
ATOM   251  C CA  . GLU A 1 33  ? -10.245 7.217   -4.941  1.00 28.30 ? 33  GLU A CA  1 
ATOM   252  C C   . GLU A 1 33  ? -10.162 5.777   -5.441  1.00 27.03 ? 33  GLU A C   1 
ATOM   253  O O   . GLU A 1 33  ? -11.150 5.217   -5.916  1.00 25.73 ? 33  GLU A O   1 
ATOM   254  C CB  . GLU A 1 33  ? -9.649  8.175   -5.984  1.00 32.82 ? 33  GLU A CB  1 
ATOM   255  C CG  . GLU A 1 33  ? -10.600 8.615   -7.094  1.00 39.95 ? 33  GLU A CG  1 
ATOM   256  C CD  . GLU A 1 33  ? -11.147 7.448   -7.910  1.00 44.36 ? 33  GLU A CD  1 
ATOM   257  O OE1 . GLU A 1 33  ? -10.355 6.818   -8.653  1.00 46.97 ? 33  GLU A OE1 1 
ATOM   258  O OE2 . GLU A 1 33  ? -12.363 7.148   -7.791  1.00 46.85 ? 33  GLU A OE2 1 
ATOM   259  N N   . ILE A 1 34  ? -8.988  5.175   -5.306  1.00 24.11 ? 34  ILE A N   1 
ATOM   260  C CA  . ILE A 1 34  ? -8.758  3.814   -5.776  1.00 22.20 ? 34  ILE A CA  1 
ATOM   261  C C   . ILE A 1 34  ? -9.349  2.737   -4.862  1.00 20.26 ? 34  ILE A C   1 
ATOM   262  O O   . ILE A 1 34  ? -9.963  1.772   -5.341  1.00 20.19 ? 34  ILE A O   1 
ATOM   263  C CB  . ILE A 1 34  ? -7.228  3.567   -5.956  1.00 21.83 ? 34  ILE A CB  1 
ATOM   264  C CG1 . ILE A 1 34  ? -6.694  4.316   -7.188  1.00 20.60 ? 34  ILE A CG1 1 
ATOM   265  C CG2 . ILE A 1 34  ? -6.912  2.084   -6.019  1.00 21.67 ? 34  ILE A CG2 1 
ATOM   266  C CD1 . ILE A 1 34  ? -7.187  3.778   -8.508  1.00 20.98 ? 34  ILE A CD1 1 
ATOM   267  N N   . THR A 1 35  ? -9.193  2.928   -3.554  1.00 19.17 ? 35  THR A N   1 
ATOM   268  C CA  . THR A 1 35  ? -9.647  1.952   -2.570  1.00 18.79 ? 35  THR A CA  1 
ATOM   269  C C   . THR A 1 35  ? -11.079 2.035   -2.057  1.00 20.38 ? 35  THR A C   1 
ATOM   270  O O   . THR A 1 35  ? -11.623 1.034   -1.595  1.00 19.48 ? 35  THR A O   1 
ATOM   271  C CB  . THR A 1 35  ? -8.685  1.924   -1.347  1.00 18.67 ? 35  THR A CB  1 
ATOM   272  O OG1 . THR A 1 35  ? -8.703  3.185   -0.657  1.00 17.06 ? 35  THR A OG1 1 
ATOM   273  C CG2 . THR A 1 35  ? -7.266  1.616   -1.803  1.00 16.04 ? 35  THR A CG2 1 
ATOM   274  N N   . MET A 1 36  ? -11.701 3.206   -2.159  1.00 20.65 ? 36  MET A N   1 
ATOM   275  C CA  . MET A 1 36  ? -13.049 3.402   -1.636  1.00 21.33 ? 36  MET A CA  1 
ATOM   276  C C   . MET A 1 36  ? -14.077 2.350   -2.047  1.00 20.15 ? 36  MET A C   1 
ATOM   277  O O   . MET A 1 36  ? -14.156 1.967   -3.205  1.00 18.84 ? 36  MET A O   1 
ATOM   278  C CB  . MET A 1 36  ? -13.547 4.809   -1.978  1.00 22.93 ? 36  MET A CB  1 
ATOM   279  C CG  . MET A 1 36  ? -14.813 5.195   -1.226  1.00 25.17 ? 36  MET A CG  1 
ATOM   280  S SD  . MET A 1 36  ? -14.674 5.047   0.581   1.00 29.34 ? 36  MET A SD  1 
ATOM   281  C CE  . MET A 1 36  ? -13.320 6.147   0.913   1.00 27.28 ? 36  MET A CE  1 
ATOM   282  N N   . GLY A 1 37  ? -14.839 1.858   -1.068  1.00 21.51 ? 37  GLY A N   1 
ATOM   283  C CA  . GLY A 1 37  ? -15.858 0.856   -1.333  1.00 20.77 ? 37  GLY A CA  1 
ATOM   284  C C   . GLY A 1 37  ? -15.364 -0.573  -1.506  1.00 21.64 ? 37  GLY A C   1 
ATOM   285  O O   . GLY A 1 37  ? -16.167 -1.479  -1.748  1.00 21.02 ? 37  GLY A O   1 
ATOM   286  N N   . HIS A 1 38  ? -14.060 -0.799  -1.380  1.00 19.92 ? 38  HIS A N   1 
ATOM   287  C CA  . HIS A 1 38  ? -13.524 -2.141  -1.551  1.00 18.33 ? 38  HIS A CA  1 
ATOM   288  C C   . HIS A 1 38  ? -12.990 -2.710  -0.265  1.00 16.62 ? 38  HIS A C   1 
ATOM   289  O O   . HIS A 1 38  ? -13.057 -2.083  0.781   1.00 16.75 ? 38  HIS A O   1 
ATOM   290  C CB  . HIS A 1 38  ? -12.410 -2.159  -2.605  1.00 19.40 ? 38  HIS A CB  1 
ATOM   291  C CG  . HIS A 1 38  ? -12.853 -1.706  -3.960  1.00 21.64 ? 38  HIS A CG  1 
ATOM   292  N ND1 . HIS A 1 38  ? -13.906 -2.294  -4.633  1.00 23.71 ? 38  HIS A ND1 1 
ATOM   293  C CD2 . HIS A 1 38  ? -12.429 -0.688  -4.742  1.00 22.36 ? 38  HIS A CD2 1 
ATOM   294  C CE1 . HIS A 1 38  ? -14.115 -1.650  -5.766  1.00 23.40 ? 38  HIS A CE1 1 
ATOM   295  N NE2 . HIS A 1 38  ? -13.234 -0.671  -5.856  1.00 24.80 ? 38  HIS A NE2 1 
ATOM   296  N N   . THR A 1 39  ? -12.558 -3.959  -0.333  1.00 15.76 ? 39  THR A N   1 
ATOM   297  C CA  . THR A 1 39  ? -11.962 -4.601  0.817   1.00 14.89 ? 39  THR A CA  1 
ATOM   298  C C   . THR A 1 39  ? -10.496 -4.203  0.726   1.00 13.97 ? 39  THR A C   1 
ATOM   299  O O   . THR A 1 39  ? -9.925  -4.152  -0.371  1.00 14.27 ? 39  THR A O   1 
ATOM   300  C CB  . THR A 1 39  ? -12.088 -6.150  0.738   1.00 15.76 ? 39  THR A CB  1 
ATOM   301  O OG1 . THR A 1 39  ? -13.437 -6.529  1.008   1.00 15.72 ? 39  THR A OG1 1 
ATOM   302  C CG2 . THR A 1 39  ? -11.175 -6.830  1.757   1.00 14.35 ? 39  THR A CG2 1 
ATOM   303  N N   . ILE A 1 40  ? -9.912  -3.834  1.861   1.00 14.60 ? 40  ILE A N   1 
ATOM   304  C CA  . ILE A 1 40  ? -8.499  -3.475  1.894   1.00 13.99 ? 40  ILE A CA  1 
ATOM   305  C C   . ILE A 1 40  ? -7.742  -4.404  2.848   1.00 12.53 ? 40  ILE A C   1 
ATOM   306  O O   . ILE A 1 40  ? -8.214  -4.698  3.942   1.00 12.76 ? 40  ILE A O   1 
ATOM   307  C CB  . ILE A 1 40  ? -8.288  -1.996  2.293   1.00 13.32 ? 40  ILE A CB  1 
ATOM   308  C CG1 . ILE A 1 40  ? -8.870  -1.727  3.670   1.00 11.93 ? 40  ILE A CG1 1 
ATOM   309  C CG2 . ILE A 1 40  ? -8.953  -1.076  1.268   1.00 12.69 ? 40  ILE A CG2 1 
ATOM   310  C CD1 . ILE A 1 40  ? -8.577  -0.359  4.152   1.00 12.31 ? 40  ILE A CD1 1 
ATOM   311  N N   . VAL A 1 41  ? -6.611  -4.927  2.387   1.00 13.22 ? 41  VAL A N   1 
ATOM   312  C CA  . VAL A 1 41  ? -5.785  -5.827  3.186   1.00 12.48 ? 41  VAL A CA  1 
ATOM   313  C C   . VAL A 1 41  ? -4.454  -5.173  3.590   1.00 12.24 ? 41  VAL A C   1 
ATOM   314  O O   . VAL A 1 41  ? -3.790  -4.538  2.782   1.00 12.06 ? 41  VAL A O   1 
ATOM   315  C CB  . VAL A 1 41  ? -5.546  -7.149  2.426   1.00 11.29 ? 41  VAL A CB  1 
ATOM   316  C CG1 . VAL A 1 41  ? -4.555  -8.041  3.174   1.00 12.01 ? 41  VAL A CG1 1 
ATOM   317  C CG2 . VAL A 1 41  ? -6.856  -7.860  2.255   1.00 11.26 ? 41  VAL A CG2 1 
ATOM   318  N N   . MET A 1 42  ? -4.084  -5.316  4.858   1.00 13.03 ? 42  MET A N   1 
ATOM   319  C CA  . MET A 1 42  ? -2.850  -4.732  5.348   1.00 14.74 ? 42  MET A CA  1 
ATOM   320  C C   . MET A 1 42  ? -2.197  -5.613  6.415   1.00 15.86 ? 42  MET A C   1 
ATOM   321  O O   . MET A 1 42  ? -2.869  -6.420  7.063   1.00 16.70 ? 42  MET A O   1 
ATOM   322  C CB  . MET A 1 42  ? -3.146  -3.360  5.957   1.00 14.43 ? 42  MET A CB  1 
ATOM   323  C CG  . MET A 1 42  ? -3.881  -3.440  7.301   1.00 14.19 ? 42  MET A CG  1 
ATOM   324  S SD  . MET A 1 42  ? -4.489  -1.870  7.832   1.00 16.02 ? 42  MET A SD  1 
ATOM   325  C CE  . MET A 1 42  ? -6.091  -1.895  7.024   1.00 14.20 ? 42  MET A CE  1 
ATOM   326  N N   . GLY A 1 43  ? -0.884  -5.469  6.573   1.00 15.89 ? 43  GLY A N   1 
ATOM   327  C CA  . GLY A 1 43  ? -0.181  -6.203  7.609   1.00 14.57 ? 43  GLY A CA  1 
ATOM   328  C C   . GLY A 1 43  ? -0.411  -5.512  8.940   1.00 15.04 ? 43  GLY A C   1 
ATOM   329  O O   . GLY A 1 43  ? -0.706  -4.323  8.986   1.00 15.35 ? 43  GLY A O   1 
ATOM   330  N N   . ARG A 1 44  ? -0.255  -6.251  10.031  1.00 14.75 ? 44  ARG A N   1 
ATOM   331  C CA  . ARG A 1 44  ? -0.469  -5.725  11.373  1.00 15.92 ? 44  ARG A CA  1 
ATOM   332  C C   . ARG A 1 44  ? 0.279   -4.427  11.644  1.00 17.25 ? 44  ARG A C   1 
ATOM   333  O O   . ARG A 1 44  ? -0.235  -3.515  12.293  1.00 17.09 ? 44  ARG A O   1 
ATOM   334  C CB  . ARG A 1 44  ? -0.081  -6.803  12.396  1.00 17.21 ? 44  ARG A CB  1 
ATOM   335  C CG  . ARG A 1 44  ? -0.561  -6.557  13.822  1.00 19.37 ? 44  ARG A CG  1 
ATOM   336  C CD  . ARG A 1 44  ? 0.498   -5.889  14.655  1.00 20.26 ? 44  ARG A CD  1 
ATOM   337  N NE  . ARG A 1 44  ? 1.695   -6.719  14.742  1.00 23.69 ? 44  ARG A NE  1 
ATOM   338  C CZ  . ARG A 1 44  ? 2.889   -6.271  15.124  1.00 25.15 ? 44  ARG A CZ  1 
ATOM   339  N NH1 . ARG A 1 44  ? 3.052   -4.999  15.457  1.00 24.80 ? 44  ARG A NH1 1 
ATOM   340  N NH2 . ARG A 1 44  ? 3.924   -7.094  15.157  1.00 26.42 ? 44  ARG A NH2 1 
ATOM   341  N N   . ARG A 1 45  ? 1.505   -4.342  11.161  1.00 18.05 ? 45  ARG A N   1 
ATOM   342  C CA  . ARG A 1 45  ? 2.294   -3.141  11.375  1.00 19.62 ? 45  ARG A CA  1 
ATOM   343  C C   . ARG A 1 45  ? 1.736   -1.931  10.646  1.00 19.00 ? 45  ARG A C   1 
ATOM   344  O O   . ARG A 1 45  ? 1.907   -0.800  11.106  1.00 20.57 ? 45  ARG A O   1 
ATOM   345  C CB  . ARG A 1 45  ? 3.734   -3.365  10.966  1.00 20.63 ? 45  ARG A CB  1 
ATOM   346  C CG  . ARG A 1 45  ? 4.494   -4.302  11.846  1.00 22.89 ? 45  ARG A CG  1 
ATOM   347  C CD  . ARG A 1 45  ? 5.918   -4.233  11.408  1.00 26.37 ? 45  ARG A CD  1 
ATOM   348  N NE  . ARG A 1 45  ? 6.802   -5.018  12.236  1.00 29.80 ? 45  ARG A NE  1 
ATOM   349  C CZ  . ARG A 1 45  ? 7.980   -5.465  11.818  1.00 32.44 ? 45  ARG A CZ  1 
ATOM   350  N NH1 . ARG A 1 45  ? 8.391   -5.190  10.583  1.00 30.97 ? 45  ARG A NH1 1 
ATOM   351  N NH2 . ARG A 1 45  ? 8.742   -6.195  12.626  1.00 34.17 ? 45  ARG A NH2 1 
ATOM   352  N N   . THR A 1 46  ? 1.134   -2.145  9.479   1.00 18.19 ? 46  THR A N   1 
ATOM   353  C CA  . THR A 1 46  ? 0.538   -1.031  8.749   1.00 17.82 ? 46  THR A CA  1 
ATOM   354  C C   . THR A 1 46  ? -0.688  -0.562  9.542   1.00 19.01 ? 46  THR A C   1 
ATOM   355  O O   . THR A 1 46  ? -0.937  0.634   9.678   1.00 18.18 ? 46  THR A O   1 
ATOM   356  C CB  . THR A 1 46  ? 0.154   -1.435  7.310   1.00 16.59 ? 46  THR A CB  1 
ATOM   357  O OG1 . THR A 1 46  ? 1.351   -1.652  6.556   1.00 18.08 ? 46  THR A OG1 1 
ATOM   358  C CG2 . THR A 1 46  ? -0.633  -0.337  6.630   1.00 16.03 ? 46  THR A CG2 1 
ATOM   359  N N   . TRP A 1 47  ? -1.422  -1.517  10.105  1.00 19.34 ? 47  TRP A N   1 
ATOM   360  C CA  . TRP A 1 47  ? -2.583  -1.197  10.916  1.00 20.29 ? 47  TRP A CA  1 
ATOM   361  C C   . TRP A 1 47  ? -2.140  -0.321  12.091  1.00 21.52 ? 47  TRP A C   1 
ATOM   362  O O   . TRP A 1 47  ? -2.767  0.697   12.371  1.00 21.59 ? 47  TRP A O   1 
ATOM   363  C CB  . TRP A 1 47  ? -3.240  -2.475  11.442  1.00 17.81 ? 47  TRP A CB  1 
ATOM   364  C CG  . TRP A 1 47  ? -4.299  -2.180  12.471  1.00 17.32 ? 47  TRP A CG  1 
ATOM   365  C CD1 . TRP A 1 47  ? -4.152  -2.221  13.825  1.00 17.25 ? 47  TRP A CD1 1 
ATOM   366  C CD2 . TRP A 1 47  ? -5.671  -1.809  12.225  1.00 16.52 ? 47  TRP A CD2 1 
ATOM   367  N NE1 . TRP A 1 47  ? -5.342  -1.903  14.439  1.00 18.10 ? 47  TRP A NE1 1 
ATOM   368  C CE2 . TRP A 1 47  ? -6.292  -1.655  13.481  1.00 16.33 ? 47  TRP A CE2 1 
ATOM   369  C CE3 . TRP A 1 47  ? -6.439  -1.608  11.065  1.00 16.91 ? 47  TRP A CE3 1 
ATOM   370  C CZ2 . TRP A 1 47  ? -7.648  -1.310  13.614  1.00 16.14 ? 47  TRP A CZ2 1 
ATOM   371  C CZ3 . TRP A 1 47  ? -7.793  -1.263  11.196  1.00 15.76 ? 47  TRP A CZ3 1 
ATOM   372  C CH2 . TRP A 1 47  ? -8.377  -1.120  12.462  1.00 14.95 ? 47  TRP A CH2 1 
ATOM   373  N N   . ASP A 1 48  ? -1.066  -0.727  12.777  1.00 23.42 ? 48  ASP A N   1 
ATOM   374  C CA  . ASP A 1 48  ? -0.522  0.035   13.910  1.00 25.53 ? 48  ASP A CA  1 
ATOM   375  C C   . ASP A 1 48  ? -0.065  1.422   13.477  1.00 26.35 ? 48  ASP A C   1 
ATOM   376  O O   . ASP A 1 48  ? -0.145  2.377   14.241  1.00 26.56 ? 48  ASP A O   1 
ATOM   377  C CB  . ASP A 1 48  ? 0.660   -0.701  14.546  1.00 26.88 ? 48  ASP A CB  1 
ATOM   378  C CG  . ASP A 1 48  ? 0.249   -1.987  15.250  1.00 28.77 ? 48  ASP A CG  1 
ATOM   379  O OD1 . ASP A 1 48  ? 1.125   -2.859  15.411  1.00 30.73 ? 48  ASP A OD1 1 
ATOM   380  O OD2 . ASP A 1 48  ? -0.928  -2.134  15.652  1.00 29.40 ? 48  ASP A OD2 1 
ATOM   381  N N   . SER A 1 49  ? 0.394   1.522   12.234  1.00 26.69 ? 49  SER A N   1 
ATOM   382  C CA  . SER A 1 49  ? 0.869   2.770   11.653  1.00 28.26 ? 49  SER A CA  1 
ATOM   383  C C   . SER A 1 49  ? -0.270  3.763   11.386  1.00 29.03 ? 49  SER A C   1 
ATOM   384  O O   . SER A 1 49  ? -0.056  4.972   11.339  1.00 28.52 ? 49  SER A O   1 
ATOM   385  C CB  . SER A 1 49  ? 1.613   2.460   10.350  1.00 29.46 ? 49  SER A CB  1 
ATOM   386  O OG  . SER A 1 49  ? 2.224   3.614   9.804   1.00 33.34 ? 49  SER A OG  1 
ATOM   387  N N   . LEU A 1 50  ? -1.480  3.260   11.187  1.00 28.61 ? 50  LEU A N   1 
ATOM   388  C CA  . LEU A 1 50  ? -2.606  4.144   10.928  1.00 28.94 ? 50  LEU A CA  1 
ATOM   389  C C   . LEU A 1 50  ? -2.953  4.963   12.172  1.00 30.86 ? 50  LEU A C   1 
ATOM   390  O O   . LEU A 1 50  ? -2.993  4.427   13.288  1.00 30.82 ? 50  LEU A O   1 
ATOM   391  C CB  . LEU A 1 50  ? -3.839  3.338   10.503  1.00 26.23 ? 50  LEU A CB  1 
ATOM   392  C CG  . LEU A 1 50  ? -3.826  2.567   9.185   1.00 24.65 ? 50  LEU A CG  1 
ATOM   393  C CD1 . LEU A 1 50  ? -5.110  1.778   9.044   1.00 23.11 ? 50  LEU A CD1 1 
ATOM   394  C CD2 . LEU A 1 50  ? -3.660  3.533   8.033   1.00 24.38 ? 50  LEU A CD2 1 
ATOM   395  N N   . PRO A 1 51  ? -3.163  6.286   12.008  1.00 32.08 ? 51  PRO A N   1 
ATOM   396  C CA  . PRO A 1 51  ? -3.517  7.116   13.167  1.00 32.46 ? 51  PRO A CA  1 
ATOM   397  C C   . PRO A 1 51  ? -4.830  6.570   13.745  1.00 33.23 ? 51  PRO A C   1 
ATOM   398  O O   . PRO A 1 51  ? -5.727  6.167   12.994  1.00 32.62 ? 51  PRO A O   1 
ATOM   399  C CB  . PRO A 1 51  ? -3.729  8.493   12.541  1.00 32.50 ? 51  PRO A CB  1 
ATOM   400  C CG  . PRO A 1 51  ? -2.775  8.490   11.386  1.00 32.33 ? 51  PRO A CG  1 
ATOM   401  C CD  . PRO A 1 51  ? -2.988  7.114   10.798  1.00 32.06 ? 51  PRO A CD  1 
ATOM   402  N N   . ALA A 1 52  ? -4.931  6.532   15.070  1.00 33.90 ? 52  ALA A N   1 
ATOM   403  C CA  . ALA A 1 52  ? -6.127  6.026   15.742  1.00 34.47 ? 52  ALA A CA  1 
ATOM   404  C C   . ALA A 1 52  ? -7.439  6.676   15.304  1.00 35.02 ? 52  ALA A C   1 
ATOM   405  O O   . ALA A 1 52  ? -8.479  6.021   15.250  1.00 35.63 ? 52  ALA A O   1 
ATOM   406  C CB  . ALA A 1 52  ? -5.970  6.160   17.236  1.00 35.39 ? 52  ALA A CB  1 
ATOM   407  N N   . LYS A 1 53  ? -7.397  7.959   14.977  1.00 35.77 ? 53  LYS A N   1 
ATOM   408  C CA  . LYS A 1 53  ? -8.603  8.655   14.561  1.00 35.15 ? 53  LYS A CA  1 
ATOM   409  C C   . LYS A 1 53  ? -9.050  8.297   13.154  1.00 34.12 ? 53  LYS A C   1 
ATOM   410  O O   . LYS A 1 53  ? -10.201 8.521   12.804  1.00 34.63 ? 53  LYS A O   1 
ATOM   411  C CB  . LYS A 1 53  ? -8.430  10.169  14.695  1.00 37.49 ? 53  LYS A CB  1 
ATOM   412  C CG  . LYS A 1 53  ? -7.453  10.788  13.723  1.00 39.71 ? 53  LYS A CG  1 
ATOM   413  C CD  . LYS A 1 53  ? -7.289  12.276  13.985  1.00 42.81 ? 53  LYS A CD  1 
ATOM   414  C CE  . LYS A 1 53  ? -6.524  12.964  12.848  1.00 45.31 ? 53  LYS A CE  1 
ATOM   415  N NZ  . LYS A 1 53  ? -5.222  12.286  12.513  1.00 46.18 ? 53  LYS A NZ  1 
ATOM   416  N N   . VAL A 1 54  ? -8.157  7.732   12.346  1.00 33.43 ? 54  VAL A N   1 
ATOM   417  C CA  . VAL A 1 54  ? -8.525  7.372   10.972  1.00 33.00 ? 54  VAL A CA  1 
ATOM   418  C C   . VAL A 1 54  ? -8.771  5.879   10.727  1.00 31.83 ? 54  VAL A C   1 
ATOM   419  O O   . VAL A 1 54  ? -9.190  5.508   9.639   1.00 32.94 ? 54  VAL A O   1 
ATOM   420  C CB  . VAL A 1 54  ? -7.496  7.912   9.902   1.00 34.14 ? 54  VAL A CB  1 
ATOM   421  C CG1 . VAL A 1 54  ? -7.026  9.320   10.255  1.00 34.34 ? 54  VAL A CG1 1 
ATOM   422  C CG2 . VAL A 1 54  ? -6.309  6.973   9.735   1.00 34.31 ? 54  VAL A CG2 1 
ATOM   423  N N   . ARG A 1 55  ? -8.541  5.028   11.727  1.00 30.14 ? 55  ARG A N   1 
ATOM   424  C CA  . ARG A 1 55  ? -8.734  3.591   11.562  1.00 28.84 ? 55  ARG A CA  1 
ATOM   425  C C   . ARG A 1 55  ? -9.935  3.051   12.333  1.00 26.82 ? 55  ARG A C   1 
ATOM   426  O O   . ARG A 1 55  ? -10.157 3.422   13.482  1.00 27.40 ? 55  ARG A O   1 
ATOM   427  C CB  . ARG A 1 55  ? -7.491  2.841   12.008  1.00 29.90 ? 55  ARG A CB  1 
ATOM   428  C CG  . ARG A 1 55  ? -7.320  2.851   13.488  1.00 31.58 ? 55  ARG A CG  1 
ATOM   429  C CD  . ARG A 1 55  ? -6.439  1.745   13.932  1.00 33.45 ? 55  ARG A CD  1 
ATOM   430  N NE  . ARG A 1 55  ? -5.124  2.238   14.284  1.00 38.36 ? 55  ARG A NE  1 
ATOM   431  C CZ  . ARG A 1 55  ? -4.398  1.772   15.293  1.00 39.77 ? 55  ARG A CZ  1 
ATOM   432  N NH1 . ARG A 1 55  ? -4.864  0.797   16.057  1.00 40.51 ? 55  ARG A NH1 1 
ATOM   433  N NH2 . ARG A 1 55  ? -3.196  2.274   15.531  1.00 42.70 ? 55  ARG A NH2 1 
ATOM   434  N N   . PRO A 1 56  ? -10.695 2.117   11.733  1.00 25.34 ? 56  PRO A N   1 
ATOM   435  C CA  . PRO A 1 56  ? -10.484 1.561   10.397  1.00 23.54 ? 56  PRO A CA  1 
ATOM   436  C C   . PRO A 1 56  ? -10.775 2.600   9.329   1.00 22.82 ? 56  PRO A C   1 
ATOM   437  O O   . PRO A 1 56  ? -11.517 3.547   9.571   1.00 23.28 ? 56  PRO A O   1 
ATOM   438  C CB  . PRO A 1 56  ? -11.503 0.430   10.345  1.00 23.33 ? 56  PRO A CB  1 
ATOM   439  C CG  . PRO A 1 56  ? -12.629 0.977   11.150  1.00 23.91 ? 56  PRO A CG  1 
ATOM   440  C CD  . PRO A 1 56  ? -11.900 1.527   12.348  1.00 24.47 ? 56  PRO A CD  1 
ATOM   441  N N   . LEU A 1 57  ? -10.145 2.456   8.168   1.00 21.87 ? 57  LEU A N   1 
ATOM   442  C CA  . LEU A 1 57  ? -10.376 3.380   7.072   1.00 21.74 ? 57  LEU A CA  1 
ATOM   443  C C   . LEU A 1 57  ? -11.848 3.288   6.692   1.00 22.48 ? 57  LEU A C   1 
ATOM   444  O O   . LEU A 1 57  ? -12.353 2.197   6.399   1.00 21.10 ? 57  LEU A O   1 
ATOM   445  C CB  . LEU A 1 57  ? -9.499  3.013   5.885   1.00 21.10 ? 57  LEU A CB  1 
ATOM   446  C CG  . LEU A 1 57  ? -8.024  3.155   6.208   1.00 20.34 ? 57  LEU A CG  1 
ATOM   447  C CD1 . LEU A 1 57  ? -7.186  2.785   4.994   1.00 20.46 ? 57  LEU A CD1 1 
ATOM   448  C CD2 . LEU A 1 57  ? -7.767  4.600   6.624   1.00 21.63 ? 57  LEU A CD2 1 
ATOM   449  N N   . PRO A 1 58  ? -12.558 4.435   6.698   1.00 22.96 ? 58  PRO A N   1 
ATOM   450  C CA  . PRO A 1 58  ? -13.987 4.526   6.369   1.00 21.39 ? 58  PRO A CA  1 
ATOM   451  C C   . PRO A 1 58  ? -14.365 4.144   4.943   1.00 19.84 ? 58  PRO A C   1 
ATOM   452  O O   . PRO A 1 58  ? -13.614 4.422   4.005   1.00 21.27 ? 58  PRO A O   1 
ATOM   453  C CB  . PRO A 1 58  ? -14.304 6.004   6.644   1.00 22.32 ? 58  PRO A CB  1 
ATOM   454  C CG  . PRO A 1 58  ? -13.274 6.397   7.668   1.00 23.25 ? 58  PRO A CG  1 
ATOM   455  C CD  . PRO A 1 58  ? -12.039 5.748   7.113   1.00 21.88 ? 58  PRO A CD  1 
ATOM   456  N N   . GLY A 1 59  ? -15.519 3.492   4.792   1.00 17.29 ? 59  GLY A N   1 
ATOM   457  C CA  . GLY A 1 59  ? -16.011 3.121   3.477   1.00 15.42 ? 59  GLY A CA  1 
ATOM   458  C C   . GLY A 1 59  ? -15.325 1.945   2.826   1.00 14.42 ? 59  GLY A C   1 
ATOM   459  O O   . GLY A 1 59  ? -15.487 1.711   1.629   1.00 15.06 ? 59  GLY A O   1 
ATOM   460  N N   . ARG A 1 60  ? -14.586 1.185   3.622   1.00 14.34 ? 60  ARG A N   1 
ATOM   461  C CA  . ARG A 1 60  ? -13.852 0.037   3.118   1.00 14.66 ? 60  ARG A CA  1 
ATOM   462  C C   . ARG A 1 60  ? -13.846 -1.031  4.171   1.00 13.52 ? 60  ARG A C   1 
ATOM   463  O O   . ARG A 1 60  ? -13.897 -0.728  5.350   1.00 15.24 ? 60  ARG A O   1 
ATOM   464  C CB  . ARG A 1 60  ? -12.407 0.444   2.813   1.00 13.56 ? 60  ARG A CB  1 
ATOM   465  C CG  . ARG A 1 60  ? -12.260 1.232   1.533   1.00 14.41 ? 60  ARG A CG  1 
ATOM   466  C CD  . ARG A 1 60  ? -11.108 2.190   1.589   1.00 14.90 ? 60  ARG A CD  1 
ATOM   467  N NE  . ARG A 1 60  ? -11.367 3.289   2.515   1.00 15.54 ? 60  ARG A NE  1 
ATOM   468  C CZ  . ARG A 1 60  ? -10.581 4.350   2.667   1.00 16.14 ? 60  ARG A CZ  1 
ATOM   469  N NH1 . ARG A 1 60  ? -9.469  4.471   1.947   1.00 14.76 ? 60  ARG A NH1 1 
ATOM   470  N NH2 . ARG A 1 60  ? -10.909 5.286   3.544   1.00 14.43 ? 60  ARG A NH2 1 
ATOM   471  N N   . ARG A 1 61  ? -13.819 -2.286  3.753   1.00 13.34 ? 61  ARG A N   1 
ATOM   472  C CA  . ARG A 1 61  ? -13.768 -3.379  4.710   1.00 12.93 ? 61  ARG A CA  1 
ATOM   473  C C   . ARG A 1 61  ? -12.279 -3.587  5.025   1.00 12.38 ? 61  ARG A C   1 
ATOM   474  O O   . ARG A 1 61  ? -11.498 -3.955  4.152   1.00 12.43 ? 61  ARG A O   1 
ATOM   475  C CB  . ARG A 1 61  ? -14.391 -4.642  4.107   1.00 12.97 ? 61  ARG A CB  1 
ATOM   476  C CG  . ARG A 1 61  ? -14.408 -5.841  5.049   1.00 13.99 ? 61  ARG A CG  1 
ATOM   477  C CD  . ARG A 1 61  ? -15.011 -7.046  4.372   1.00 15.53 ? 61  ARG A CD  1 
ATOM   478  N NE  . ARG A 1 61  ? -15.042 -8.197  5.271   1.00 17.65 ? 61  ARG A NE  1 
ATOM   479  C CZ  . ARG A 1 61  ? -15.287 -9.448  4.890   1.00 16.73 ? 61  ARG A CZ  1 
ATOM   480  N NH1 . ARG A 1 61  ? -15.528 -9.727  3.616   1.00 17.26 ? 61  ARG A NH1 1 
ATOM   481  N NH2 . ARG A 1 61  ? -15.279 -10.431 5.784   1.00 15.68 ? 61  ARG A NH2 1 
ATOM   482  N N   . ASN A 1 62  ? -11.882 -3.279  6.257   1.00 13.26 ? 62  ASN A N   1 
ATOM   483  C CA  . ASN A 1 62  ? -10.491 -3.387  6.670   1.00 13.54 ? 62  ASN A CA  1 
ATOM   484  C C   . ASN A 1 62  ? -10.119 -4.772  7.118   1.00 15.02 ? 62  ASN A C   1 
ATOM   485  O O   . ASN A 1 62  ? -10.724 -5.310  8.049   1.00 16.80 ? 62  ASN A O   1 
ATOM   486  C CB  . ASN A 1 62  ? -10.209 -2.434  7.813   1.00 12.82 ? 62  ASN A CB  1 
ATOM   487  C CG  . ASN A 1 62  ? -10.250 -0.999  7.390   1.00 13.75 ? 62  ASN A CG  1 
ATOM   488  O OD1 . ASN A 1 62  ? -11.176 -0.561  6.692   1.00 14.32 ? 62  ASN A OD1 1 
ATOM   489  N ND2 . ASN A 1 62  ? -9.270  -0.236  7.836   1.00 9.65  ? 62  ASN A ND2 1 
ATOM   490  N N   . VAL A 1 63  ? -9.124  -5.357  6.457   1.00 15.54 ? 63  VAL A N   1 
ATOM   491  C CA  . VAL A 1 63  ? -8.671  -6.699  6.813   1.00 15.32 ? 63  VAL A CA  1 
ATOM   492  C C   . VAL A 1 63  ? -7.210  -6.608  7.241   1.00 15.57 ? 63  VAL A C   1 
ATOM   493  O O   . VAL A 1 63  ? -6.390  -6.061  6.514   1.00 14.29 ? 63  VAL A O   1 
ATOM   494  C CB  . VAL A 1 63  ? -8.821  -7.697  5.632   1.00 14.91 ? 63  VAL A CB  1 
ATOM   495  C CG1 . VAL A 1 63  ? -8.362  -9.101  6.057   1.00 14.35 ? 63  VAL A CG1 1 
ATOM   496  C CG2 . VAL A 1 63  ? -10.277 -7.758  5.161   1.00 14.16 ? 63  VAL A CG2 1 
ATOM   497  N N   . VAL A 1 64  ? -6.906  -7.123  8.434   1.00 15.49 ? 64  VAL A N   1 
ATOM   498  C CA  . VAL A 1 64  ? -5.556  -7.095  8.978   1.00 16.28 ? 64  VAL A CA  1 
ATOM   499  C C   . VAL A 1 64  ? -4.977  -8.498  9.131   1.00 18.56 ? 64  VAL A C   1 
ATOM   500  O O   . VAL A 1 64  ? -5.575  -9.369  9.774   1.00 18.24 ? 64  VAL A O   1 
ATOM   501  C CB  . VAL A 1 64  ? -5.542  -6.412  10.341  1.00 15.41 ? 64  VAL A CB  1 
ATOM   502  C CG1 . VAL A 1 64  ? -4.117  -6.244  10.832  1.00 17.04 ? 64  VAL A CG1 1 
ATOM   503  C CG2 . VAL A 1 64  ? -6.233  -5.076  10.253  1.00 14.38 ? 64  VAL A CG2 1 
ATOM   504  N N   . LEU A 1 65  ? -3.804  -8.708  8.543   1.00 19.15 ? 65  LEU A N   1 
ATOM   505  C CA  . LEU A 1 65  ? -3.125  -9.991  8.580   1.00 19.47 ? 65  LEU A CA  1 
ATOM   506  C C   . LEU A 1 65  ? -2.214  -10.039 9.805   1.00 21.44 ? 65  LEU A C   1 
ATOM   507  O O   . LEU A 1 65  ? -1.394  -9.140  9.999   1.00 21.96 ? 65  LEU A O   1 
ATOM   508  C CB  . LEU A 1 65  ? -2.274  -10.125 7.322   1.00 19.76 ? 65  LEU A CB  1 
ATOM   509  C CG  . LEU A 1 65  ? -2.381  -11.337 6.413   1.00 21.67 ? 65  LEU A CG  1 
ATOM   510  C CD1 . LEU A 1 65  ? -1.163  -11.344 5.515   1.00 22.33 ? 65  LEU A CD1 1 
ATOM   511  C CD2 . LEU A 1 65  ? -2.403  -12.612 7.218   1.00 20.55 ? 65  LEU A CD2 1 
ATOM   512  N N   . SER A 1 66  ? -2.353  -11.074 10.631  1.00 21.99 ? 66  SER A N   1 
ATOM   513  C CA  . SER A 1 66  ? -1.514  -11.229 11.820  1.00 23.58 ? 66  SER A CA  1 
ATOM   514  C C   . SER A 1 66  ? -1.331  -12.698 12.177  1.00 25.38 ? 66  SER A C   1 
ATOM   515  O O   . SER A 1 66  ? -2.193  -13.525 11.892  1.00 25.34 ? 66  SER A O   1 
ATOM   516  C CB  . SER A 1 66  ? -2.125  -10.489 13.013  1.00 23.21 ? 66  SER A CB  1 
ATOM   517  O OG  . SER A 1 66  ? -1.340  -10.669 14.183  1.00 22.55 ? 66  SER A OG  1 
ATOM   518  N N   . ARG A 1 67  ? -0.187  -13.037 12.756  1.00 27.13 ? 67  ARG A N   1 
ATOM   519  C CA  . ARG A 1 67  ? 0.044   -14.421 13.163  1.00 28.72 ? 67  ARG A CA  1 
ATOM   520  C C   . ARG A 1 67  ? -0.493  -14.685 14.566  1.00 30.99 ? 67  ARG A C   1 
ATOM   521  O O   . ARG A 1 67  ? -0.523  -15.825 15.017  1.00 31.38 ? 67  ARG A O   1 
ATOM   522  C CB  . ARG A 1 67  ? 1.516   -14.787 13.089  1.00 26.30 ? 67  ARG A CB  1 
ATOM   523  C CG  . ARG A 1 67  ? 1.998   -15.033 11.680  1.00 24.79 ? 67  ARG A CG  1 
ATOM   524  C CD  . ARG A 1 67  ? 3.311   -15.809 11.683  1.00 23.98 ? 67  ARG A CD  1 
ATOM   525  N NE  . ARG A 1 67  ? 3.862   -15.936 10.346  1.00 22.81 ? 67  ARG A NE  1 
ATOM   526  C CZ  . ARG A 1 67  ? 4.546   -14.978 9.745   1.00 22.92 ? 67  ARG A CZ  1 
ATOM   527  N NH1 . ARG A 1 67  ? 4.762   -13.828 10.370  1.00 22.76 ? 67  ARG A NH1 1 
ATOM   528  N NH2 . ARG A 1 67  ? 4.992   -15.160 8.513   1.00 24.54 ? 67  ARG A NH2 1 
ATOM   529  N N   . GLN A 1 68  ? -0.876  -13.623 15.268  1.00 33.08 ? 68  GLN A N   1 
ATOM   530  C CA  . GLN A 1 68  ? -1.436  -13.741 16.609  1.00 35.90 ? 68  GLN A CA  1 
ATOM   531  C C   . GLN A 1 68  ? -2.933  -14.006 16.443  1.00 38.44 ? 68  GLN A C   1 
ATOM   532  O O   . GLN A 1 68  ? -3.657  -13.177 15.871  1.00 38.96 ? 68  GLN A O   1 
ATOM   533  C CB  . GLN A 1 68  ? -1.250  -12.432 17.366  1.00 35.49 ? 68  GLN A CB  1 
ATOM   534  C CG  . GLN A 1 68  ? 0.160   -11.889 17.340  1.00 36.57 ? 68  GLN A CG  1 
ATOM   535  C CD  . GLN A 1 68  ? 0.239   -10.505 17.943  1.00 37.39 ? 68  GLN A CD  1 
ATOM   536  O OE1 . GLN A 1 68  ? -0.388  -10.226 18.972  1.00 38.43 ? 68  GLN A OE1 1 
ATOM   537  N NE2 . GLN A 1 68  ? 0.987   -9.619  17.294  1.00 36.60 ? 68  GLN A NE2 1 
ATOM   538  N N   . ALA A 1 69  ? -3.405  -15.157 16.914  1.00 40.15 ? 69  ALA A N   1 
ATOM   539  C CA  . ALA A 1 69  ? -4.827  -15.471 16.788  1.00 41.54 ? 69  ALA A CA  1 
ATOM   540  C C   . ALA A 1 69  ? -5.667  -14.557 17.678  1.00 42.54 ? 69  ALA A C   1 
ATOM   541  O O   . ALA A 1 69  ? -6.844  -14.337 17.415  1.00 43.91 ? 69  ALA A O   1 
ATOM   542  C CB  . ALA A 1 69  ? -5.079  -16.923 17.137  1.00 42.17 ? 69  ALA A CB  1 
ATOM   543  N N   . ASP A 1 70  ? -5.018  -13.972 18.681  1.00 43.11 ? 70  ASP A N   1 
ATOM   544  C CA  . ASP A 1 70  ? -5.636  -13.077 19.660  1.00 43.49 ? 70  ASP A CA  1 
ATOM   545  C C   . ASP A 1 70  ? -5.543  -11.575 19.339  1.00 41.86 ? 70  ASP A C   1 
ATOM   546  O O   . ASP A 1 70  ? -5.934  -10.752 20.168  1.00 41.51 ? 70  ASP A O   1 
ATOM   547  C CB  . ASP A 1 70  ? -4.917  -13.275 20.993  1.00 46.53 ? 70  ASP A CB  1 
ATOM   548  C CG  . ASP A 1 70  ? -3.432  -12.882 20.909  1.00 50.51 ? 70  ASP A CG  1 
ATOM   549  O OD1 . ASP A 1 70  ? -2.678  -13.568 20.170  1.00 52.03 ? 70  ASP A OD1 1 
ATOM   550  O OD2 . ASP A 1 70  ? -3.028  -11.870 21.542  1.00 52.44 ? 70  ASP A OD2 1 
ATOM   551  N N   . PHE A 1 71  ? -4.976  -11.205 18.190  1.00 39.83 ? 71  PHE A N   1 
ATOM   552  C CA  . PHE A 1 71  ? -4.821  -9.785  17.881  1.00 37.72 ? 71  PHE A CA  1 
ATOM   553  C C   . PHE A 1 71  ? -6.129  -9.006  17.870  1.00 37.22 ? 71  PHE A C   1 
ATOM   554  O O   . PHE A 1 71  ? -7.123  -9.451  17.301  1.00 37.63 ? 71  PHE A O   1 
ATOM   555  C CB  . PHE A 1 71  ? -4.034  -9.558  16.581  1.00 34.83 ? 71  PHE A CB  1 
ATOM   556  C CG  . PHE A 1 71  ? -3.564  -8.134  16.415  1.00 31.94 ? 71  PHE A CG  1 
ATOM   557  C CD1 . PHE A 1 71  ? -2.666  -7.576  17.323  1.00 30.98 ? 71  PHE A CD1 1 
ATOM   558  C CD2 . PHE A 1 71  ? -4.073  -7.323  15.401  1.00 30.93 ? 71  PHE A CD2 1 
ATOM   559  C CE1 . PHE A 1 71  ? -2.288  -6.231  17.229  1.00 29.41 ? 71  PHE A CE1 1 
ATOM   560  C CE2 . PHE A 1 71  ? -3.703  -5.975  15.297  1.00 29.11 ? 71  PHE A CE2 1 
ATOM   561  C CZ  . PHE A 1 71  ? -2.813  -5.430  16.212  1.00 28.83 ? 71  PHE A CZ  1 
ATOM   562  N N   . MET A 1 72  ? -6.115  -7.847  18.530  1.00 37.25 ? 72  MET A N   1 
ATOM   563  C CA  . MET A 1 72  ? -7.284  -6.978  18.635  1.00 37.44 ? 72  MET A CA  1 
ATOM   564  C C   . MET A 1 72  ? -7.187  -5.819  17.652  1.00 35.35 ? 72  MET A C   1 
ATOM   565  O O   . MET A 1 72  ? -6.243  -5.036  17.709  1.00 34.77 ? 72  MET A O   1 
ATOM   566  C CB  . MET A 1 72  ? -7.390  -6.396  20.055  1.00 41.45 ? 72  MET A CB  1 
ATOM   567  C CG  . MET A 1 72  ? -7.030  -7.363  21.191  1.00 47.25 ? 72  MET A CG  1 
ATOM   568  S SD  . MET A 1 72  ? -8.410  -8.299  21.939  1.00 51.72 ? 72  MET A SD  1 
ATOM   569  C CE  . MET A 1 72  ? -8.539  -7.441  23.558  1.00 50.26 ? 72  MET A CE  1 
ATOM   570  N N   . ALA A 1 73  ? -8.180  -5.690  16.776  1.00 32.77 ? 73  ALA A N   1 
ATOM   571  C CA  . ALA A 1 73  ? -8.203  -4.609  15.797  1.00 30.67 ? 73  ALA A CA  1 
ATOM   572  C C   . ALA A 1 73  ? -9.639  -4.127  15.625  1.00 29.04 ? 73  ALA A C   1 
ATOM   573  O O   . ALA A 1 73  ? -10.368 -4.641  14.790  1.00 28.63 ? 73  ALA A O   1 
ATOM   574  C CB  . ALA A 1 73  ? -7.637  -5.093  14.463  1.00 30.31 ? 73  ALA A CB  1 
ATOM   575  N N   . SER A 1 74  ? -10.034 -3.129  16.410  1.00 28.11 ? 74  SER A N   1 
ATOM   576  C CA  . SER A 1 74  ? -11.392 -2.589  16.365  1.00 27.05 ? 74  SER A CA  1 
ATOM   577  C C   . SER A 1 74  ? -11.867 -2.099  15.007  1.00 25.87 ? 74  SER A C   1 
ATOM   578  O O   . SER A 1 74  ? -11.265 -1.209  14.408  1.00 26.85 ? 74  SER A O   1 
ATOM   579  C CB  . SER A 1 74  ? -11.554 -1.468  17.393  1.00 28.04 ? 74  SER A CB  1 
ATOM   580  O OG  . SER A 1 74  ? -11.366 -1.976  18.700  1.00 31.26 ? 74  SER A OG  1 
ATOM   581  N N   . GLY A 1 75  ? -12.983 -2.654  14.549  1.00 23.29 ? 75  GLY A N   1 
ATOM   582  C CA  . GLY A 1 75  ? -13.539 -2.255  13.268  1.00 20.03 ? 75  GLY A CA  1 
ATOM   583  C C   . GLY A 1 75  ? -12.871 -2.921  12.093  1.00 17.83 ? 75  GLY A C   1 
ATOM   584  O O   . GLY A 1 75  ? -13.147 -2.578  10.951  1.00 17.79 ? 75  GLY A O   1 
ATOM   585  N N   . ALA A 1 76  ? -11.981 -3.868  12.360  1.00 18.03 ? 76  ALA A N   1 
ATOM   586  C CA  . ALA A 1 76  ? -11.296 -4.577  11.292  1.00 17.66 ? 76  ALA A CA  1 
ATOM   587  C C   . ALA A 1 76  ? -11.403 -6.072  11.475  1.00 17.22 ? 76  ALA A C   1 
ATOM   588  O O   . ALA A 1 76  ? -11.710 -6.559  12.561  1.00 17.41 ? 76  ALA A O   1 
ATOM   589  C CB  . ALA A 1 76  ? -9.842  -4.179  11.248  1.00 19.07 ? 76  ALA A CB  1 
ATOM   590  N N   . GLU A 1 77  ? -11.170 -6.798  10.391  1.00 17.07 ? 77  GLU A N   1 
ATOM   591  C CA  . GLU A 1 77  ? -11.201 -8.248  10.413  1.00 18.70 ? 77  GLU A CA  1 
ATOM   592  C C   . GLU A 1 77  ? -9.769  -8.791  10.500  1.00 18.23 ? 77  GLU A C   1 
ATOM   593  O O   . GLU A 1 77  ? -8.983  -8.596  9.581   1.00 17.72 ? 77  GLU A O   1 
ATOM   594  C CB  . GLU A 1 77  ? -11.863 -8.769  9.136   1.00 18.40 ? 77  GLU A CB  1 
ATOM   595  C CG  . GLU A 1 77  ? -11.921 -10.277 9.066   1.00 21.91 ? 77  GLU A CG  1 
ATOM   596  C CD  . GLU A 1 77  ? -12.347 -10.793 7.721   1.00 22.68 ? 77  GLU A CD  1 
ATOM   597  O OE1 . GLU A 1 77  ? -13.185 -11.717 7.680   1.00 24.45 ? 77  GLU A OE1 1 
ATOM   598  O OE2 . GLU A 1 77  ? -11.837 -10.286 6.701   1.00 25.05 ? 77  GLU A OE2 1 
ATOM   599  N N   . VAL A 1 78  ? -9.430  -9.454  11.605  1.00 19.53 ? 78  VAL A N   1 
ATOM   600  C CA  . VAL A 1 78  ? -8.098  -10.049 11.776  1.00 20.51 ? 78  VAL A CA  1 
ATOM   601  C C   . VAL A 1 78  ? -8.104  -11.482 11.253  1.00 21.15 ? 78  VAL A C   1 
ATOM   602  O O   . VAL A 1 78  ? -8.972  -12.272 11.623  1.00 20.43 ? 78  VAL A O   1 
ATOM   603  C CB  . VAL A 1 78  ? -7.637  -10.041 13.256  1.00 19.74 ? 78  VAL A CB  1 
ATOM   604  C CG1 . VAL A 1 78  ? -6.308  -10.778 13.412  1.00 19.67 ? 78  VAL A CG1 1 
ATOM   605  C CG2 . VAL A 1 78  ? -7.480  -8.616  13.740  1.00 21.34 ? 78  VAL A CG2 1 
ATOM   606  N N   . VAL A 1 79  ? -7.190  -11.776 10.325  1.00 21.18 ? 79  VAL A N   1 
ATOM   607  C CA  . VAL A 1 79  ? -7.058  -13.105 9.738   1.00 22.10 ? 79  VAL A CA  1 
ATOM   608  C C   . VAL A 1 79  ? -5.617  -13.603 9.950   1.00 22.92 ? 79  VAL A C   1 
ATOM   609  O O   . VAL A 1 79  ? -4.723  -12.809 10.229  1.00 21.87 ? 79  VAL A O   1 
ATOM   610  C CB  . VAL A 1 79  ? -7.447  -13.108 8.230   1.00 21.52 ? 79  VAL A CB  1 
ATOM   611  C CG1 . VAL A 1 79  ? -8.901  -12.692 8.070   1.00 21.33 ? 79  VAL A CG1 1 
ATOM   612  C CG2 . VAL A 1 79  ? -6.574  -12.159 7.444   1.00 21.08 ? 79  VAL A CG2 1 
ATOM   613  N N   . GLY A 1 80  ? -5.399  -14.914 9.880   1.00 23.43 ? 80  GLY A N   1 
ATOM   614  C CA  . GLY A 1 80  ? -4.060  -15.445 10.095  1.00 22.84 ? 80  GLY A CA  1 
ATOM   615  C C   . GLY A 1 80  ? -3.318  -15.887 8.849   1.00 23.26 ? 80  GLY A C   1 
ATOM   616  O O   . GLY A 1 80  ? -2.144  -16.241 8.912   1.00 24.46 ? 80  GLY A O   1 
ATOM   617  N N   . SER A 1 81  ? -3.980  -15.827 7.702   1.00 24.11 ? 81  SER A N   1 
ATOM   618  C CA  . SER A 1 81  ? -3.370  -16.250 6.454   1.00 24.83 ? 81  SER A CA  1 
ATOM   619  C C   . SER A 1 81  ? -3.814  -15.359 5.312   1.00 26.20 ? 81  SER A C   1 
ATOM   620  O O   . SER A 1 81  ? -4.875  -14.729 5.383   1.00 26.18 ? 81  SER A O   1 
ATOM   621  C CB  . SER A 1 81  ? -3.775  -17.689 6.149   1.00 25.92 ? 81  SER A CB  1 
ATOM   622  O OG  . SER A 1 81  ? -5.152  -17.772 5.797   1.00 25.51 ? 81  SER A OG  1 
ATOM   623  N N   . LEU A 1 82  ? -3.033  -15.363 4.234   1.00 26.64 ? 82  LEU A N   1 
ATOM   624  C CA  . LEU A 1 82  ? -3.334  -14.560 3.060   1.00 29.12 ? 82  LEU A CA  1 
ATOM   625  C C   . LEU A 1 82  ? -4.579  -15.068 2.349   1.00 30.37 ? 82  LEU A C   1 
ATOM   626  O O   . LEU A 1 82  ? -5.355  -14.275 1.814   1.00 29.78 ? 82  LEU A O   1 
ATOM   627  C CB  . LEU A 1 82  ? -2.160  -14.571 2.086   1.00 30.29 ? 82  LEU A CB  1 
ATOM   628  C CG  . LEU A 1 82  ? -1.644  -13.268 1.462   1.00 31.35 ? 82  LEU A CG  1 
ATOM   629  C CD1 . LEU A 1 82  ? -1.401  -13.511 -0.019  1.00 32.05 ? 82  LEU A CD1 1 
ATOM   630  C CD2 . LEU A 1 82  ? -2.606  -12.115 1.657   1.00 31.15 ? 82  LEU A CD2 1 
ATOM   631  N N   . GLU A 1 83  ? -4.768  -16.386 2.341   1.00 32.02 ? 83  GLU A N   1 
ATOM   632  C CA  . GLU A 1 83  ? -5.933  -16.987 1.688   1.00 33.88 ? 83  GLU A CA  1 
ATOM   633  C C   . GLU A 1 83  ? -7.247  -16.519 2.315   1.00 32.48 ? 83  GLU A C   1 
ATOM   634  O O   . GLU A 1 83  ? -8.252  -16.389 1.627   1.00 32.54 ? 83  GLU A O   1 
ATOM   635  C CB  . GLU A 1 83  ? -5.854  -18.519 1.716   1.00 36.33 ? 83  GLU A CB  1 
ATOM   636  C CG  . GLU A 1 83  ? -5.434  -19.103 3.068   1.00 41.86 ? 83  GLU A CG  1 
ATOM   637  C CD  . GLU A 1 83  ? -6.043  -20.483 3.361   1.00 45.22 ? 83  GLU A CD  1 
ATOM   638  O OE1 . GLU A 1 83  ? -7.013  -20.871 2.660   1.00 47.56 ? 83  GLU A OE1 1 
ATOM   639  O OE2 . GLU A 1 83  ? -5.560  -21.170 4.302   1.00 45.39 ? 83  GLU A OE2 1 
ATOM   640  N N   . GLU A 1 84  ? -7.235  -16.292 3.626   1.00 32.29 ? 84  GLU A N   1 
ATOM   641  C CA  . GLU A 1 84  ? -8.420  -15.821 4.345   1.00 33.22 ? 84  GLU A CA  1 
ATOM   642  C C   . GLU A 1 84  ? -8.661  -14.323 4.096   1.00 33.26 ? 84  GLU A C   1 
ATOM   643  O O   . GLU A 1 84  ? -9.778  -13.836 4.239   1.00 34.02 ? 84  GLU A O   1 
ATOM   644  C CB  . GLU A 1 84  ? -8.266  -16.051 5.850   1.00 33.64 ? 84  GLU A CB  1 
ATOM   645  C CG  . GLU A 1 84  ? -8.278  -17.499 6.313   1.00 35.34 ? 84  GLU A CG  1 
ATOM   646  C CD  . GLU A 1 84  ? -7.709  -17.645 7.714   1.00 38.76 ? 84  GLU A CD  1 
ATOM   647  O OE1 . GLU A 1 84  ? -8.093  -16.876 8.626   1.00 40.42 ? 84  GLU A OE1 1 
ATOM   648  O OE2 . GLU A 1 84  ? -6.848  -18.521 7.912   1.00 42.66 ? 84  GLU A OE2 1 
ATOM   649  N N   . ALA A 1 85  ? -7.607  -13.597 3.740   1.00 32.16 ? 85  ALA A N   1 
ATOM   650  C CA  . ALA A 1 85  ? -7.717  -12.166 3.485   1.00 31.43 ? 85  ALA A CA  1 
ATOM   651  C C   . ALA A 1 85  ? -8.136  -11.798 2.061   1.00 31.11 ? 85  ALA A C   1 
ATOM   652  O O   . ALA A 1 85  ? -8.797  -10.789 1.854   1.00 30.57 ? 85  ALA A O   1 
ATOM   653  C CB  . ALA A 1 85  ? -6.399  -11.491 3.828   1.00 31.32 ? 85  ALA A CB  1 
ATOM   654  N N   . LEU A 1 86  ? -7.790  -12.639 1.089   1.00 31.65 ? 86  LEU A N   1 
ATOM   655  C CA  . LEU A 1 86  ? -8.082  -12.376 -0.325  1.00 32.44 ? 86  LEU A CA  1 
ATOM   656  C C   . LEU A 1 86  ? -9.386  -12.890 -0.926  1.00 33.00 ? 86  LEU A C   1 
ATOM   657  O O   . LEU A 1 86  ? -9.551  -12.860 -2.147  1.00 32.68 ? 86  LEU A O   1 
ATOM   658  C CB  . LEU A 1 86  ? -6.920  -12.887 -1.173  1.00 32.00 ? 86  LEU A CB  1 
ATOM   659  C CG  . LEU A 1 86  ? -5.552  -12.343 -0.766  1.00 32.97 ? 86  LEU A CG  1 
ATOM   660  C CD1 . LEU A 1 86  ? -4.468  -13.057 -1.547  1.00 33.49 ? 86  LEU A CD1 1 
ATOM   661  C CD2 . LEU A 1 86  ? -5.484  -10.834 -0.979  1.00 31.96 ? 86  LEU A CD2 1 
ATOM   662  N N   . THR A 1 87  ? -10.337 -13.292 -0.092  1.00 35.04 ? 87  THR A N   1 
ATOM   663  C CA  . THR A 1 87  ? -11.603 -13.836 -0.590  1.00 36.05 ? 87  THR A CA  1 
ATOM   664  C C   . THR A 1 87  ? -12.508 -12.907 -1.425  1.00 36.17 ? 87  THR A C   1 
ATOM   665  O O   . THR A 1 87  ? -13.368 -13.391 -2.164  1.00 36.76 ? 87  THR A O   1 
ATOM   666  C CB  . THR A 1 87  ? -12.417 -14.500 0.551   1.00 35.93 ? 87  THR A CB  1 
ATOM   667  O OG1 . THR A 1 87  ? -12.791 -13.508 1.508   1.00 38.00 ? 87  THR A OG1 1 
ATOM   668  C CG2 . THR A 1 87  ? -11.583 -15.560 1.257   1.00 35.09 ? 87  THR A CG2 1 
ATOM   669  N N   . SER A 1 88  ? -12.320 -11.590 -1.334  1.00 36.34 ? 88  SER A N   1 
ATOM   670  C CA  . SER A 1 88  ? -13.145 -10.659 -2.119  1.00 35.76 ? 88  SER A CA  1 
ATOM   671  C C   . SER A 1 88  ? -12.675 -10.564 -3.564  1.00 35.70 ? 88  SER A C   1 
ATOM   672  O O   . SER A 1 88  ? -11.482 -10.664 -3.843  1.00 36.87 ? 88  SER A O   1 
ATOM   673  C CB  . SER A 1 88  ? -13.116 -9.245  -1.526  1.00 35.21 ? 88  SER A CB  1 
ATOM   674  O OG  . SER A 1 88  ? -13.644 -9.204  -0.212  1.00 35.52 ? 88  SER A OG  1 
ATOM   675  N N   . PRO A 1 89  ? -13.614 -10.363 -4.500  1.00 35.97 ? 89  PRO A N   1 
ATOM   676  C CA  . PRO A 1 89  ? -13.391 -10.227 -5.948  1.00 35.59 ? 89  PRO A CA  1 
ATOM   677  C C   . PRO A 1 89  ? -12.458 -9.043  -6.284  1.00 34.66 ? 89  PRO A C   1 
ATOM   678  O O   . PRO A 1 89  ? -11.663 -9.110  -7.225  1.00 35.38 ? 89  PRO A O   1 
ATOM   679  C CB  . PRO A 1 89  ? -14.807 -9.999  -6.484  1.00 35.78 ? 89  PRO A CB  1 
ATOM   680  C CG  . PRO A 1 89  ? -15.627 -10.834 -5.567  1.00 36.50 ? 89  PRO A CG  1 
ATOM   681  C CD  . PRO A 1 89  ? -15.056 -10.466 -4.214  1.00 36.68 ? 89  PRO A CD  1 
ATOM   682  N N   . GLU A 1 90  ? -12.620 -7.930  -5.577  1.00 32.37 ? 90  GLU A N   1 
ATOM   683  C CA  . GLU A 1 90  ? -11.742 -6.796  -5.785  1.00 30.10 ? 90  GLU A CA  1 
ATOM   684  C C   . GLU A 1 90  ? -11.135 -6.433  -4.432  1.00 27.73 ? 90  GLU A C   1 
ATOM   685  O O   . GLU A 1 90  ? -11.806 -5.896  -3.554  1.00 28.14 ? 90  GLU A O   1 
ATOM   686  C CB  . GLU A 1 90  ? -12.463 -5.605  -6.430  1.00 31.38 ? 90  GLU A CB  1 
ATOM   687  C CG  . GLU A 1 90  ? -11.584 -4.341  -6.468  1.00 33.89 ? 90  GLU A CG  1 
ATOM   688  C CD  . GLU A 1 90  ? -11.848 -3.408  -7.643  1.00 34.97 ? 90  GLU A CD  1 
ATOM   689  O OE1 . GLU A 1 90  ? -11.116 -2.396  -7.763  1.00 35.54 ? 90  GLU A OE1 1 
ATOM   690  O OE2 . GLU A 1 90  ? -12.769 -3.682  -8.443  1.00 36.70 ? 90  GLU A OE2 1 
ATOM   691  N N   . THR A 1 91  ? -9.872  -6.800  -4.250  1.00 23.88 ? 91  THR A N   1 
ATOM   692  C CA  . THR A 1 91  ? -9.172  -6.531  -3.001  1.00 21.24 ? 91  THR A CA  1 
ATOM   693  C C   . THR A 1 91  ? -7.957  -5.643  -3.233  1.00 18.98 ? 91  THR A C   1 
ATOM   694  O O   . THR A 1 91  ? -7.234  -5.808  -4.210  1.00 18.04 ? 91  THR A O   1 
ATOM   695  C CB  . THR A 1 91  ? -8.681  -7.849  -2.348  1.00 22.01 ? 91  THR A CB  1 
ATOM   696  O OG1 . THR A 1 91  ? -9.797  -8.698  -2.060  1.00 23.67 ? 91  THR A OG1 1 
ATOM   697  C CG2 . THR A 1 91  ? -7.907  -7.565  -1.066  1.00 20.19 ? 91  THR A CG2 1 
ATOM   698  N N   . TRP A 1 92  ? -7.746  -4.677  -2.358  1.00 17.64 ? 92  TRP A N   1 
ATOM   699  C CA  . TRP A 1 92  ? -6.572  -3.836  -2.488  1.00 16.13 ? 92  TRP A CA  1 
ATOM   700  C C   . TRP A 1 92  ? -5.668  -4.039  -1.298  1.00 15.65 ? 92  TRP A C   1 
ATOM   701  O O   . TRP A 1 92  ? -6.107  -3.945  -0.147  1.00 15.77 ? 92  TRP A O   1 
ATOM   702  C CB  . TRP A 1 92  ? -6.939  -2.360  -2.657  1.00 15.78 ? 92  TRP A CB  1 
ATOM   703  C CG  . TRP A 1 92  ? -7.423  -2.064  -4.064  1.00 14.66 ? 92  TRP A CG  1 
ATOM   704  C CD1 . TRP A 1 92  ? -8.724  -2.063  -4.512  1.00 14.57 ? 92  TRP A CD1 1 
ATOM   705  C CD2 . TRP A 1 92  ? -6.606  -1.815  -5.216  1.00 13.68 ? 92  TRP A CD2 1 
ATOM   706  N NE1 . TRP A 1 92  ? -8.755  -1.841  -5.870  1.00 14.75 ? 92  TRP A NE1 1 
ATOM   707  C CE2 . TRP A 1 92  ? -7.470  -1.684  -6.324  1.00 14.39 ? 92  TRP A CE2 1 
ATOM   708  C CE3 . TRP A 1 92  ? -5.227  -1.698  -5.417  1.00 13.07 ? 92  TRP A CE3 1 
ATOM   709  C CZ2 . TRP A 1 92  ? -6.996  -1.441  -7.613  1.00 12.80 ? 92  TRP A CZ2 1 
ATOM   710  C CZ3 . TRP A 1 92  ? -4.757  -1.459  -6.697  1.00 11.78 ? 92  TRP A CZ3 1 
ATOM   711  C CH2 . TRP A 1 92  ? -5.639  -1.334  -7.778  1.00 13.46 ? 92  TRP A CH2 1 
ATOM   712  N N   . VAL A 1 93  ? -4.429  -4.422  -1.585  1.00 14.37 ? 93  VAL A N   1 
ATOM   713  C CA  . VAL A 1 93  ? -3.424  -4.635  -0.554  1.00 13.26 ? 93  VAL A CA  1 
ATOM   714  C C   . VAL A 1 93  ? -2.787  -3.252  -0.362  1.00 12.36 ? 93  VAL A C   1 
ATOM   715  O O   . VAL A 1 93  ? -2.169  -2.695  -1.270  1.00 12.29 ? 93  VAL A O   1 
ATOM   716  C CB  . VAL A 1 93  ? -2.404  -5.736  -0.999  1.00 12.97 ? 93  VAL A CB  1 
ATOM   717  C CG1 . VAL A 1 93  ? -1.255  -5.856  0.007   1.00 12.82 ? 93  VAL A CG1 1 
ATOM   718  C CG2 . VAL A 1 93  ? -3.142  -7.098  -1.131  1.00 11.88 ? 93  VAL A CG2 1 
ATOM   719  N N   . ILE A 1 94  ? -3.019  -2.673  0.807   1.00 12.80 ? 94  ILE A N   1 
ATOM   720  C CA  . ILE A 1 94  ? -2.546  -1.329  1.090   1.00 13.26 ? 94  ILE A CA  1 
ATOM   721  C C   . ILE A 1 94  ? -1.299  -1.256  1.915   1.00 13.52 ? 94  ILE A C   1 
ATOM   722  O O   . ILE A 1 94  ? -0.909  -0.189  2.391   1.00 13.66 ? 94  ILE A O   1 
ATOM   723  C CB  . ILE A 1 94  ? -3.625  -0.483  1.773   1.00 10.65 ? 94  ILE A CB  1 
ATOM   724  C CG1 . ILE A 1 94  ? -3.869  -0.967  3.199   1.00 12.96 ? 94  ILE A CG1 1 
ATOM   725  C CG2 . ILE A 1 94  ? -4.903  -0.567  0.982   1.00 11.43 ? 94  ILE A CG2 1 
ATOM   726  C CD1 . ILE A 1 94  ? -4.426  0.117   4.099   1.00 13.25 ? 94  ILE A CD1 1 
ATOM   727  N N   . GLY A 1 95  ? -0.667  -2.383  2.130   1.00 15.44 ? 95  GLY A N   1 
ATOM   728  C CA  . GLY A 1 95  ? 0.512   -2.246  2.901   1.00 15.67 ? 95  GLY A CA  1 
ATOM   729  C C   . GLY A 1 95  ? 1.150   -3.320  3.681   1.00 18.13 ? 95  GLY A C   1 
ATOM   730  O O   . GLY A 1 95  ? 0.519   -4.171  4.304   1.00 17.85 ? 95  GLY A O   1 
ATOM   731  N N   . GLY A 1 96  ? 2.381   -2.881  3.914   1.00 19.96 ? 96  GLY A N   1 
ATOM   732  C CA  . GLY A 1 96  ? 3.419   -3.551  4.603   1.00 18.56 ? 96  GLY A CA  1 
ATOM   733  C C   . GLY A 1 96  ? 4.400   -3.951  3.528   1.00 16.90 ? 96  GLY A C   1 
ATOM   734  O O   . GLY A 1 96  ? 3.969   -4.407  2.471   1.00 16.39 ? 96  GLY A O   1 
ATOM   735  N N   . GLY A 1 97  ? 5.688   -3.710  3.735   1.00 14.45 ? 97  GLY A N   1 
ATOM   736  C CA  . GLY A 1 97  ? 6.649   -4.181  2.765   1.00 12.73 ? 97  GLY A CA  1 
ATOM   737  C C   . GLY A 1 97  ? 6.519   -5.703  2.750   1.00 11.67 ? 97  GLY A C   1 
ATOM   738  O O   . GLY A 1 97  ? 6.582   -6.335  1.693   1.00 12.73 ? 97  GLY A O   1 
ATOM   739  N N   . GLN A 1 98  ? 6.272   -6.306  3.910   1.00 12.46 ? 98  GLN A N   1 
ATOM   740  C CA  . GLN A 1 98  ? 6.105   -7.761  3.992   1.00 14.15 ? 98  GLN A CA  1 
ATOM   741  C C   . GLN A 1 98  ? 4.865   -8.260  3.258   1.00 14.88 ? 98  GLN A C   1 
ATOM   742  O O   . GLN A 1 98  ? 4.922   -9.222  2.482   1.00 16.15 ? 98  GLN A O   1 
ATOM   743  C CB  . GLN A 1 98  ? 6.003   -8.232  5.438   1.00 13.87 ? 98  GLN A CB  1 
ATOM   744  C CG  . GLN A 1 98  ? 7.284   -8.115  6.232   1.00 16.19 ? 98  GLN A CG  1 
ATOM   745  C CD  . GLN A 1 98  ? 7.091   -8.460  7.689   1.00 17.16 ? 98  GLN A CD  1 
ATOM   746  O OE1 . GLN A 1 98  ? 7.552   -7.733  8.584   1.00 19.60 ? 98  GLN A OE1 1 
ATOM   747  N NE2 . GLN A 1 98  ? 6.404   -9.571  7.944   1.00 15.77 ? 98  GLN A NE2 1 
ATOM   748  N N   . VAL A 1 99  ? 3.737   -7.621  3.518   1.00 13.64 ? 99  VAL A N   1 
ATOM   749  C CA  . VAL A 1 99  ? 2.504   -8.036  2.888   1.00 13.38 ? 99  VAL A CA  1 
ATOM   750  C C   . VAL A 1 99  ? 2.476   -7.835  1.380   1.00 13.86 ? 99  VAL A C   1 
ATOM   751  O O   . VAL A 1 99  ? 1.861   -8.633  0.676   1.00 15.11 ? 99  VAL A O   1 
ATOM   752  C CB  . VAL A 1 99  ? 1.294   -7.404  3.588   1.00 14.15 ? 99  VAL A CB  1 
ATOM   753  C CG1 . VAL A 1 99  ? 0.004   -7.806  2.911   1.00 13.66 ? 99  VAL A CG1 1 
ATOM   754  C CG2 . VAL A 1 99  ? 1.257   -7.881  5.025   1.00 12.33 ? 99  VAL A CG2 1 
ATOM   755  N N   . TYR A 1 100 ? 3.167   -6.818  0.869   1.00 13.23 ? 100 TYR A N   1 
ATOM   756  C CA  . TYR A 1 100 ? 3.211   -6.600  -0.582  1.00 13.23 ? 100 TYR A CA  1 
ATOM   757  C C   . TYR A 1 100 ? 3.952   -7.765  -1.232  1.00 13.61 ? 100 TYR A C   1 
ATOM   758  O O   . TYR A 1 100 ? 3.579   -8.232  -2.310  1.00 13.42 ? 100 TYR A O   1 
ATOM   759  C CB  . TYR A 1 100 ? 3.952   -5.304  -0.952  1.00 14.20 ? 100 TYR A CB  1 
ATOM   760  C CG  . TYR A 1 100 ? 3.214   -3.999  -0.690  1.00 14.44 ? 100 TYR A CG  1 
ATOM   761  C CD1 . TYR A 1 100 ? 3.866   -2.939  -0.060  1.00 14.67 ? 100 TYR A CD1 1 
ATOM   762  C CD2 . TYR A 1 100 ? 1.880   -3.822  -1.072  1.00 13.85 ? 100 TYR A CD2 1 
ATOM   763  C CE1 . TYR A 1 100 ? 3.216   -1.734  0.186   1.00 14.31 ? 100 TYR A CE1 1 
ATOM   764  C CE2 . TYR A 1 100 ? 1.221   -2.620  -0.831  1.00 12.44 ? 100 TYR A CE2 1 
ATOM   765  C CZ  . TYR A 1 100 ? 1.903   -1.576  -0.199  1.00 14.45 ? 100 TYR A CZ  1 
ATOM   766  O OH  . TYR A 1 100 ? 1.303   -0.356  0.048   1.00 12.97 ? 100 TYR A OH  1 
ATOM   767  N N   . ALA A 1 101 ? 5.031   -8.207  -0.589  1.00 14.99 ? 101 ALA A N   1 
ATOM   768  C CA  . ALA A 1 101 ? 5.838   -9.319  -1.096  1.00 16.87 ? 101 ALA A CA  1 
ATOM   769  C C   . ALA A 1 101 ? 5.021   -10.593 -1.104  1.00 16.41 ? 101 ALA A C   1 
ATOM   770  O O   . ALA A 1 101 ? 5.073   -11.383 -2.045  1.00 16.22 ? 101 ALA A O   1 
ATOM   771  C CB  . ALA A 1 101 ? 7.047   -9.510  -0.218  1.00 16.12 ? 101 ALA A CB  1 
ATOM   772  N N   . LEU A 1 102 ? 4.268   -10.779 -0.031  1.00 17.62 ? 102 LEU A N   1 
ATOM   773  C CA  . LEU A 1 102 ? 3.415   -11.935 0.158   1.00 17.92 ? 102 LEU A CA  1 
ATOM   774  C C   . LEU A 1 102 ? 2.287   -11.993 -0.880  1.00 19.15 ? 102 LEU A C   1 
ATOM   775  O O   . LEU A 1 102 ? 2.012   -13.050 -1.462  1.00 19.85 ? 102 LEU A O   1 
ATOM   776  C CB  . LEU A 1 102 ? 2.818   -11.843 1.563   1.00 19.36 ? 102 LEU A CB  1 
ATOM   777  C CG  . LEU A 1 102 ? 2.339   -13.052 2.371   1.00 22.24 ? 102 LEU A CG  1 
ATOM   778  C CD1 . LEU A 1 102 ? 3.513   -14.009 2.659   1.00 21.35 ? 102 LEU A CD1 1 
ATOM   779  C CD2 . LEU A 1 102 ? 1.735   -12.539 3.692   1.00 20.95 ? 102 LEU A CD2 1 
ATOM   780  N N   . ALA A 1 103 ? 1.662   -10.845 -1.136  1.00 17.78 ? 103 ALA A N   1 
ATOM   781  C CA  . ALA A 1 103 ? 0.535   -10.758 -2.060  1.00 15.48 ? 103 ALA A CA  1 
ATOM   782  C C   . ALA A 1 103 ? 0.843   -10.522 -3.535  1.00 14.52 ? 103 ALA A C   1 
ATOM   783  O O   . ALA A 1 103 ? -0.021  -10.725 -4.378  1.00 14.16 ? 103 ALA A O   1 
ATOM   784  C CB  . ALA A 1 103 ? -0.433  -9.695  -1.565  1.00 14.96 ? 103 ALA A CB  1 
ATOM   785  N N   . LEU A 1 104 ? 2.058   -10.089 -3.855  1.00 14.67 ? 104 LEU A N   1 
ATOM   786  C CA  . LEU A 1 104 ? 2.426   -9.809  -5.240  1.00 14.31 ? 104 LEU A CA  1 
ATOM   787  C C   . LEU A 1 104 ? 2.046   -10.912 -6.225  1.00 14.00 ? 104 LEU A C   1 
ATOM   788  O O   . LEU A 1 104 ? 1.433   -10.625 -7.260  1.00 13.31 ? 104 LEU A O   1 
ATOM   789  C CB  . LEU A 1 104 ? 3.924   -9.538  -5.349  1.00 16.25 ? 104 LEU A CB  1 
ATOM   790  C CG  . LEU A 1 104 ? 4.524   -8.511  -6.311  1.00 18.52 ? 104 LEU A CG  1 
ATOM   791  C CD1 . LEU A 1 104 ? 5.892   -9.013  -6.720  1.00 19.61 ? 104 LEU A CD1 1 
ATOM   792  C CD2 . LEU A 1 104 ? 3.692   -8.287  -7.522  1.00 17.80 ? 104 LEU A CD2 1 
ATOM   793  N N   . PRO A 1 105 ? 2.378   -12.193 -5.920  1.00 13.57 ? 105 PRO A N   1 
ATOM   794  C CA  . PRO A 1 105 ? 1.999   -13.213 -6.906  1.00 14.79 ? 105 PRO A CA  1 
ATOM   795  C C   . PRO A 1 105 ? 0.504   -13.370 -7.217  1.00 13.96 ? 105 PRO A C   1 
ATOM   796  O O   . PRO A 1 105 ? 0.144   -13.796 -8.300  1.00 14.89 ? 105 PRO A O   1 
ATOM   797  C CB  . PRO A 1 105 ? 2.674   -14.490 -6.382  1.00 12.37 ? 105 PRO A CB  1 
ATOM   798  C CG  . PRO A 1 105 ? 3.019   -14.221 -4.985  1.00 14.22 ? 105 PRO A CG  1 
ATOM   799  C CD  . PRO A 1 105 ? 3.265   -12.752 -4.882  1.00 13.69 ? 105 PRO A CD  1 
ATOM   800  N N   . TYR A 1 106 ? -0.360  -12.937 -6.305  1.00 15.49 ? 106 TYR A N   1 
ATOM   801  C CA  . TYR A 1 106 ? -1.804  -13.025 -6.485  1.00 15.68 ? 106 TYR A CA  1 
ATOM   802  C C   . TYR A 1 106 ? -2.334  -11.802 -7.212  1.00 16.87 ? 106 TYR A C   1 
ATOM   803  O O   . TYR A 1 106 ? -3.487  -11.780 -7.627  1.00 17.23 ? 106 TYR A O   1 
ATOM   804  C CB  . TYR A 1 106 ? -2.495  -13.094 -5.120  1.00 15.14 ? 106 TYR A CB  1 
ATOM   805  C CG  . TYR A 1 106 ? -2.107  -14.290 -4.309  1.00 16.95 ? 106 TYR A CG  1 
ATOM   806  C CD1 . TYR A 1 106 ? -0.913  -14.315 -3.576  1.00 16.71 ? 106 TYR A CD1 1 
ATOM   807  C CD2 . TYR A 1 106 ? -2.882  -15.448 -4.350  1.00 17.75 ? 106 TYR A CD2 1 
ATOM   808  C CE1 . TYR A 1 106 ? -0.496  -15.489 -2.915  1.00 17.45 ? 106 TYR A CE1 1 
ATOM   809  C CE2 . TYR A 1 106 ? -2.474  -16.618 -3.699  1.00 17.77 ? 106 TYR A CE2 1 
ATOM   810  C CZ  . TYR A 1 106 ? -1.284  -16.638 -2.995  1.00 17.42 ? 106 TYR A CZ  1 
ATOM   811  O OH  . TYR A 1 106 ? -0.864  -17.832 -2.446  1.00 17.04 ? 106 TYR A OH  1 
ATOM   812  N N   . ALA A 1 107 ? -1.476  -10.799 -7.374  1.00 17.11 ? 107 ALA A N   1 
ATOM   813  C CA  . ALA A 1 107 ? -1.858  -9.536  -7.997  1.00 17.32 ? 107 ALA A CA  1 
ATOM   814  C C   . ALA A 1 107 ? -1.835  -9.421  -9.523  1.00 17.51 ? 107 ALA A C   1 
ATOM   815  O O   . ALA A 1 107 ? -0.978  -9.986  -10.191 1.00 17.80 ? 107 ALA A O   1 
ATOM   816  C CB  . ALA A 1 107 ? -1.023  -8.408  -7.390  1.00 17.79 ? 107 ALA A CB  1 
ATOM   817  N N   . THR A 1 108 ? -2.784  -8.653  -10.050 1.00 16.85 ? 108 THR A N   1 
ATOM   818  C CA  . THR A 1 108 ? -2.873  -8.388  -11.477 1.00 16.56 ? 108 THR A CA  1 
ATOM   819  C C   . THR A 1 108 ? -2.946  -6.891  -11.726 1.00 16.26 ? 108 THR A C   1 
ATOM   820  O O   . THR A 1 108 ? -3.077  -6.463  -12.863 1.00 17.75 ? 108 THR A O   1 
ATOM   821  C CB  . THR A 1 108 ? -4.075  -9.068  -12.130 1.00 17.62 ? 108 THR A CB  1 
ATOM   822  O OG1 . THR A 1 108 ? -5.229  -8.899  -11.308 1.00 18.14 ? 108 THR A OG1 1 
ATOM   823  C CG2 . THR A 1 108 ? -3.795  -10.560 -12.322 1.00 19.58 ? 108 THR A CG2 1 
ATOM   824  N N   . ARG A 1 109 ? -2.861  -6.098  -10.660 1.00 16.68 ? 109 ARG A N   1 
ATOM   825  C CA  . ARG A 1 109 ? -2.877  -4.632  -10.754 1.00 16.77 ? 109 ARG A CA  1 
ATOM   826  C C   . ARG A 1 109 ? -2.007  -3.992  -9.676  1.00 16.13 ? 109 ARG A C   1 
ATOM   827  O O   . ARG A 1 109 ? -1.947  -4.476  -8.544  1.00 15.06 ? 109 ARG A O   1 
ATOM   828  C CB  . ARG A 1 109 ? -4.302  -4.063  -10.604 1.00 17.27 ? 109 ARG A CB  1 
ATOM   829  C CG  . ARG A 1 109 ? -5.148  -4.092  -11.851 1.00 18.30 ? 109 ARG A CG  1 
ATOM   830  C CD  . ARG A 1 109 ? -6.397  -3.256  -11.666 1.00 22.57 ? 109 ARG A CD  1 
ATOM   831  N NE  . ARG A 1 109 ? -6.134  -1.816  -11.566 1.00 23.37 ? 109 ARG A NE  1 
ATOM   832  C CZ  . ARG A 1 109 ? -7.055  -0.901  -11.247 1.00 22.71 ? 109 ARG A CZ  1 
ATOM   833  N NH1 . ARG A 1 109 ? -8.315  -1.257  -11.000 1.00 21.65 ? 109 ARG A NH1 1 
ATOM   834  N NH2 . ARG A 1 109 ? -6.702  0.366   -11.098 1.00 21.58 ? 109 ARG A NH2 1 
ATOM   835  N N   . CYS A 1 110 ? -1.319  -2.911  -10.041 1.00 16.62 ? 110 CYS A N   1 
ATOM   836  C CA  . CYS A 1 110 ? -0.499  -2.152  -9.102  1.00 15.90 ? 110 CYS A CA  1 
ATOM   837  C C   . CYS A 1 110 ? -0.738  -0.687  -9.393  1.00 15.30 ? 110 CYS A C   1 
ATOM   838  O O   . CYS A 1 110 ? -0.712  -0.285  -10.545 1.00 16.42 ? 110 CYS A O   1 
ATOM   839  C CB  . CYS A 1 110 ? 0.989   -2.437  -9.278  1.00 16.13 ? 110 CYS A CB  1 
ATOM   840  S SG  . CYS A 1 110 ? 1.565   -3.965  -8.557  1.00 18.68 ? 110 CYS A SG  1 
ATOM   841  N N   . GLU A 1 111 ? -1.024  0.094   -8.359  1.00 15.82 ? 111 GLU A N   1 
ATOM   842  C CA  . GLU A 1 111 ? -1.229  1.539   -8.494  1.00 16.00 ? 111 GLU A CA  1 
ATOM   843  C C   . GLU A 1 111 ? -0.116  2.127   -7.656  1.00 14.07 ? 111 GLU A C   1 
ATOM   844  O O   . GLU A 1 111 ? -0.096  2.006   -6.430  1.00 12.74 ? 111 GLU A O   1 
ATOM   845  C CB  . GLU A 1 111 ? -2.605  1.961   -7.981  1.00 16.60 ? 111 GLU A CB  1 
ATOM   846  C CG  . GLU A 1 111 ? -3.748  1.535   -8.894  1.00 18.49 ? 111 GLU A CG  1 
ATOM   847  C CD  . GLU A 1 111 ? -3.683  2.167   -10.296 1.00 21.29 ? 111 GLU A CD  1 
ATOM   848  O OE1 . GLU A 1 111 ? -3.052  3.234   -10.457 1.00 21.67 ? 111 GLU A OE1 1 
ATOM   849  O OE2 . GLU A 1 111 ? -4.275  1.598   -11.236 1.00 21.43 ? 111 GLU A OE2 1 
ATOM   850  N N   . VAL A 1 112 ? 0.834   2.743   -8.342  1.00 14.73 ? 112 VAL A N   1 
ATOM   851  C CA  . VAL A 1 112 ? 2.028   3.266   -7.706  1.00 14.61 ? 112 VAL A CA  1 
ATOM   852  C C   . VAL A 1 112 ? 2.226   4.761   -7.820  1.00 15.15 ? 112 VAL A C   1 
ATOM   853  O O   . VAL A 1 112 ? 1.993   5.355   -8.873  1.00 16.51 ? 112 VAL A O   1 
ATOM   854  C CB  . VAL A 1 112 ? 3.277   2.585   -8.326  1.00 14.83 ? 112 VAL A CB  1 
ATOM   855  C CG1 . VAL A 1 112 ? 4.570   3.063   -7.644  1.00 13.11 ? 112 VAL A CG1 1 
ATOM   856  C CG2 . VAL A 1 112 ? 3.134   1.053   -8.273  1.00 13.46 ? 112 VAL A CG2 1 
ATOM   857  N N   . THR A 1 113 ? 2.699   5.355   -6.733  1.00 15.76 ? 113 THR A N   1 
ATOM   858  C CA  . THR A 1 113 ? 2.986   6.779   -6.707  1.00 16.19 ? 113 THR A CA  1 
ATOM   859  C C   . THR A 1 113 ? 4.484   6.893   -6.494  1.00 16.80 ? 113 THR A C   1 
ATOM   860  O O   . THR A 1 113 ? 4.998   6.392   -5.498  1.00 16.58 ? 113 THR A O   1 
ATOM   861  C CB  . THR A 1 113 ? 2.274   7.468   -5.531  1.00 15.48 ? 113 THR A CB  1 
ATOM   862  O OG1 . THR A 1 113 ? 0.859   7.390   -5.721  1.00 15.02 ? 113 THR A OG1 1 
ATOM   863  C CG2 . THR A 1 113 ? 2.701   8.935   -5.416  1.00 15.45 ? 113 THR A CG2 1 
ATOM   864  N N   . GLU A 1 114 ? 5.203   7.479   -7.451  1.00 17.96 ? 114 GLU A N   1 
ATOM   865  C CA  . GLU A 1 114 ? 6.640   7.657   -7.261  1.00 18.64 ? 114 GLU A CA  1 
ATOM   866  C C   . GLU A 1 114 ? 6.884   9.071   -6.735  1.00 19.28 ? 114 GLU A C   1 
ATOM   867  O O   . GLU A 1 114 ? 6.390   10.043  -7.317  1.00 19.81 ? 114 GLU A O   1 
ATOM   868  C CB  . GLU A 1 114 ? 7.411   7.465   -8.558  1.00 18.57 ? 114 GLU A CB  1 
ATOM   869  C CG  . GLU A 1 114 ? 8.918   7.593   -8.345  1.00 21.92 ? 114 GLU A CG  1 
ATOM   870  C CD  . GLU A 1 114 ? 9.727   7.626   -9.635  1.00 24.64 ? 114 GLU A CD  1 
ATOM   871  O OE1 . GLU A 1 114 ? 9.142   7.529   -10.734 1.00 25.67 ? 114 GLU A OE1 1 
ATOM   872  O OE2 . GLU A 1 114 ? 10.966  7.758   -9.549  1.00 26.49 ? 114 GLU A OE2 1 
ATOM   873  N N   . VAL A 1 115 ? 7.605   9.170   -5.617  1.00 18.60 ? 115 VAL A N   1 
ATOM   874  C CA  . VAL A 1 115 ? 7.942   10.442  -4.993  1.00 19.26 ? 115 VAL A CA  1 
ATOM   875  C C   . VAL A 1 115 ? 9.405   10.779  -5.305  1.00 20.89 ? 115 VAL A C   1 
ATOM   876  O O   . VAL A 1 115 ? 10.324  10.028  -4.969  1.00 18.93 ? 115 VAL A O   1 
ATOM   877  C CB  . VAL A 1 115 ? 7.702   10.393  -3.480  1.00 18.15 ? 115 VAL A CB  1 
ATOM   878  C CG1 . VAL A 1 115 ? 7.962   11.759  -2.843  1.00 18.45 ? 115 VAL A CG1 1 
ATOM   879  C CG2 . VAL A 1 115 ? 6.282   9.974   -3.215  1.00 17.95 ? 115 VAL A CG2 1 
ATOM   880  N N   . ASP A 1 116 ? 9.602   11.899  -5.996  1.00 21.67 ? 116 ASP A N   1 
ATOM   881  C CA  . ASP A 1 116 ? 10.931  12.347  -6.393  1.00 22.10 ? 116 ASP A CA  1 
ATOM   882  C C   . ASP A 1 116 ? 11.672  12.989  -5.218  1.00 23.78 ? 116 ASP A C   1 
ATOM   883  O O   . ASP A 1 116 ? 11.887  14.202  -5.176  1.00 23.73 ? 116 ASP A O   1 
ATOM   884  C CB  . ASP A 1 116 ? 10.796  13.321  -7.565  1.00 21.70 ? 116 ASP A CB  1 
ATOM   885  C CG  . ASP A 1 116 ? 12.125  13.664  -8.218  1.00 23.22 ? 116 ASP A CG  1 
ATOM   886  O OD1 . ASP A 1 116 ? 13.179  13.143  -7.810  1.00 21.79 ? 116 ASP A OD1 1 
ATOM   887  O OD2 . ASP A 1 116 ? 12.113  14.481  -9.156  1.00 23.72 ? 116 ASP A OD2 1 
ATOM   888  N N   . ILE A 1 117 ? 12.077  12.151  -4.270  1.00 23.67 ? 117 ILE A N   1 
ATOM   889  C CA  . ILE A 1 117 ? 12.795  12.596  -3.082  1.00 23.85 ? 117 ILE A CA  1 
ATOM   890  C C   . ILE A 1 117 ? 14.079  11.767  -2.947  1.00 25.51 ? 117 ILE A C   1 
ATOM   891  O O   . ILE A 1 117 ? 14.097  10.588  -3.305  1.00 24.84 ? 117 ILE A O   1 
ATOM   892  C CB  . ILE A 1 117 ? 11.910  12.413  -1.827  1.00 24.57 ? 117 ILE A CB  1 
ATOM   893  C CG1 . ILE A 1 117 ? 12.636  12.895  -0.575  1.00 23.90 ? 117 ILE A CG1 1 
ATOM   894  C CG2 . ILE A 1 117 ? 11.483  10.935  -1.671  1.00 24.53 ? 117 ILE A CG2 1 
ATOM   895  C CD1 . ILE A 1 117 ? 11.818  12.712  0.695   1.00 25.45 ? 117 ILE A CD1 1 
ATOM   896  N N   . GLY A 1 118 ? 15.160  12.407  -2.507  1.00 25.75 ? 118 GLY A N   1 
ATOM   897  C CA  . GLY A 1 118 ? 16.426  11.709  -2.324  1.00 25.43 ? 118 GLY A CA  1 
ATOM   898  C C   . GLY A 1 118 ? 16.362  10.989  -1.001  1.00 25.63 ? 118 GLY A C   1 
ATOM   899  O O   . GLY A 1 118 ? 16.412  11.614  0.052   1.00 26.68 ? 118 GLY A O   1 
ATOM   900  N N   . LEU A 1 119 ? 16.274  9.666   -1.048  1.00 26.47 ? 119 LEU A N   1 
ATOM   901  C CA  . LEU A 1 119 ? 16.136  8.881   0.172   1.00 27.65 ? 119 LEU A CA  1 
ATOM   902  C C   . LEU A 1 119 ? 16.701  7.479   -0.032  1.00 28.49 ? 119 LEU A C   1 
ATOM   903  O O   . LEU A 1 119 ? 15.952  6.519   -0.180  1.00 28.98 ? 119 LEU A O   1 
ATOM   904  C CB  . LEU A 1 119 ? 14.640  8.790   0.509   1.00 27.06 ? 119 LEU A CB  1 
ATOM   905  C CG  . LEU A 1 119 ? 14.138  8.654   1.943   1.00 26.81 ? 119 LEU A CG  1 
ATOM   906  C CD1 . LEU A 1 119 ? 14.550  9.882   2.731   1.00 26.30 ? 119 LEU A CD1 1 
ATOM   907  C CD2 . LEU A 1 119 ? 12.619  8.510   1.929   1.00 25.89 ? 119 LEU A CD2 1 
ATOM   908  N N   . PRO A 1 120 ? 18.035  7.348   -0.064  1.00 28.39 ? 120 PRO A N   1 
ATOM   909  C CA  . PRO A 1 120 ? 18.699  6.049   -0.254  1.00 27.37 ? 120 PRO A CA  1 
ATOM   910  C C   . PRO A 1 120 ? 18.222  5.015   0.768   1.00 26.68 ? 120 PRO A C   1 
ATOM   911  O O   . PRO A 1 120 ? 17.862  5.373   1.896   1.00 26.29 ? 120 PRO A O   1 
ATOM   912  C CB  . PRO A 1 120 ? 20.174  6.399   -0.048  1.00 27.67 ? 120 PRO A CB  1 
ATOM   913  C CG  . PRO A 1 120 ? 20.258  7.815   -0.551  1.00 27.80 ? 120 PRO A CG  1 
ATOM   914  C CD  . PRO A 1 120 ? 19.023  8.435   0.057   1.00 27.93 ? 120 PRO A CD  1 
ATOM   915  N N   . ARG A 1 121 ? 18.209  3.741   0.379   1.00 26.53 ? 121 ARG A N   1 
ATOM   916  C CA  . ARG A 1 121 ? 17.767  2.679   1.281   1.00 27.03 ? 121 ARG A CA  1 
ATOM   917  C C   . ARG A 1 121 ? 18.714  2.571   2.451   1.00 25.69 ? 121 ARG A C   1 
ATOM   918  O O   . ARG A 1 121 ? 19.916  2.765   2.306   1.00 26.13 ? 121 ARG A O   1 
ATOM   919  C CB  . ARG A 1 121 ? 17.762  1.303   0.604   1.00 29.33 ? 121 ARG A CB  1 
ATOM   920  C CG  . ARG A 1 121 ? 17.041  1.192   -0.722  1.00 34.60 ? 121 ARG A CG  1 
ATOM   921  C CD  . ARG A 1 121 ? 17.498  -0.081  -1.461  1.00 38.31 ? 121 ARG A CD  1 
ATOM   922  N NE  . ARG A 1 121 ? 17.414  0.022   -2.922  1.00 42.60 ? 121 ARG A NE  1 
ATOM   923  C CZ  . ARG A 1 121 ? 17.921  1.023   -3.655  1.00 44.56 ? 121 ARG A CZ  1 
ATOM   924  N NH1 . ARG A 1 121 ? 18.562  2.044   -3.084  1.00 46.24 ? 121 ARG A NH1 1 
ATOM   925  N NH2 . ARG A 1 121 ? 17.791  1.002   -4.978  1.00 45.68 ? 121 ARG A NH2 1 
ATOM   926  N N   . GLU A 1 122 ? 18.155  2.237   3.603   1.00 24.01 ? 122 GLU A N   1 
ATOM   927  C CA  . GLU A 1 122 ? 18.904  2.027   4.822   1.00 23.44 ? 122 GLU A CA  1 
ATOM   928  C C   . GLU A 1 122 ? 18.438  0.678   5.339   1.00 23.04 ? 122 GLU A C   1 
ATOM   929  O O   . GLU A 1 122 ? 17.299  0.286   5.109   1.00 22.06 ? 122 GLU A O   1 
ATOM   930  C CB  . GLU A 1 122 ? 18.604  3.123   5.837   1.00 23.79 ? 122 GLU A CB  1 
ATOM   931  C CG  . GLU A 1 122 ? 19.306  4.421   5.517   1.00 26.15 ? 122 GLU A CG  1 
ATOM   932  C CD  . GLU A 1 122 ? 18.798  5.593   6.326   1.00 27.36 ? 122 GLU A CD  1 
ATOM   933  O OE1 . GLU A 1 122 ? 19.115  6.735   5.946   1.00 30.24 ? 122 GLU A OE1 1 
ATOM   934  O OE2 . GLU A 1 122 ? 18.071  5.395   7.322   1.00 28.17 ? 122 GLU A OE2 1 
ATOM   935  N N   . ALA A 1 123 ? 19.325  -0.048  6.007   1.00 22.85 ? 123 ALA A N   1 
ATOM   936  C CA  . ALA A 1 123 ? 19.000  -1.362  6.542   1.00 22.10 ? 123 ALA A CA  1 
ATOM   937  C C   . ALA A 1 123 ? 17.761  -1.307  7.415   1.00 21.27 ? 123 ALA A C   1 
ATOM   938  O O   . ALA A 1 123 ? 17.644  -0.437  8.271   1.00 21.04 ? 123 ALA A O   1 
ATOM   939  C CB  . ALA A 1 123 ? 20.154  -1.887  7.345   1.00 21.82 ? 123 ALA A CB  1 
ATOM   940  N N   . GLY A 1 124 ? 16.826  -2.217  7.183   1.00 19.95 ? 124 GLY A N   1 
ATOM   941  C CA  . GLY A 1 124 ? 15.626  -2.232  7.996   1.00 19.96 ? 124 GLY A CA  1 
ATOM   942  C C   . GLY A 1 124 ? 14.427  -1.469  7.477   1.00 19.99 ? 124 GLY A C   1 
ATOM   943  O O   . GLY A 1 124 ? 13.358  -1.553  8.075   1.00 21.97 ? 124 GLY A O   1 
ATOM   944  N N   . ASP A 1 125 ? 14.587  -0.735  6.377   1.00 19.93 ? 125 ASP A N   1 
ATOM   945  C CA  . ASP A 1 125 ? 13.499  0.049   5.777   1.00 19.85 ? 125 ASP A CA  1 
ATOM   946  C C   . ASP A 1 125 ? 12.463  -0.858  5.155   1.00 20.74 ? 125 ASP A C   1 
ATOM   947  O O   . ASP A 1 125 ? 12.790  -1.958  4.728   1.00 22.26 ? 125 ASP A O   1 
ATOM   948  C CB  . ASP A 1 125 ? 14.019  0.898   4.609   1.00 18.93 ? 125 ASP A CB  1 
ATOM   949  C CG  . ASP A 1 125 ? 14.724  2.161   5.048   1.00 16.20 ? 125 ASP A CG  1 
ATOM   950  O OD1 . ASP A 1 125 ? 14.772  2.487   6.248   1.00 16.09 ? 125 ASP A OD1 1 
ATOM   951  O OD2 . ASP A 1 125 ? 15.236  2.838   4.148   1.00 17.84 ? 125 ASP A OD2 1 
ATOM   952  N N   . ALA A 1 126 ? 11.227  -0.382  5.061   1.00 19.97 ? 126 ALA A N   1 
ATOM   953  C CA  . ALA A 1 126 ? 10.185  -1.146  4.387   1.00 17.82 ? 126 ALA A CA  1 
ATOM   954  C C   . ALA A 1 126 ? 10.386  -0.753  2.914   1.00 17.23 ? 126 ALA A C   1 
ATOM   955  O O   . ALA A 1 126 ? 10.594  0.429   2.598   1.00 17.24 ? 126 ALA A O   1 
ATOM   956  C CB  . ALA A 1 126 ? 8.799   -0.732  4.880   1.00 16.79 ? 126 ALA A CB  1 
ATOM   957  N N   . LEU A 1 127 ? 10.406  -1.745  2.029   1.00 14.88 ? 127 LEU A N   1 
ATOM   958  C CA  . LEU A 1 127 ? 10.613  -1.491  0.614   1.00 14.32 ? 127 LEU A CA  1 
ATOM   959  C C   . LEU A 1 127 ? 9.468   -1.960  -0.235  1.00 14.67 ? 127 LEU A C   1 
ATOM   960  O O   . LEU A 1 127 ? 8.761   -2.897  0.106   1.00 14.46 ? 127 LEU A O   1 
ATOM   961  C CB  . LEU A 1 127 ? 11.882  -2.191  0.127   1.00 16.30 ? 127 LEU A CB  1 
ATOM   962  C CG  . LEU A 1 127 ? 13.182  -1.851  0.856   1.00 18.05 ? 127 LEU A CG  1 
ATOM   963  C CD1 . LEU A 1 127 ? 14.275  -2.781  0.399   1.00 17.96 ? 127 LEU A CD1 1 
ATOM   964  C CD2 . LEU A 1 127 ? 13.549  -0.412  0.587   1.00 17.86 ? 127 LEU A CD2 1 
ATOM   965  N N   . ALA A 1 128 ? 9.328   -1.321  -1.384  1.00 15.15 ? 128 ALA A N   1 
ATOM   966  C CA  . ALA A 1 128 ? 8.284   -1.649  -2.341  1.00 16.15 ? 128 ALA A CA  1 
ATOM   967  C C   . ALA A 1 128 ? 8.681   -2.914  -3.103  1.00 18.35 ? 128 ALA A C   1 
ATOM   968  O O   . ALA A 1 128 ? 9.871   -3.245  -3.198  1.00 17.65 ? 128 ALA A O   1 
ATOM   969  C CB  . ALA A 1 128 ? 8.124   -0.498  -3.307  1.00 14.08 ? 128 ALA A CB  1 
ATOM   970  N N   . PRO A 1 129 ? 7.693   -3.674  -3.605  1.00 18.69 ? 129 PRO A N   1 
ATOM   971  C CA  . PRO A 1 129 ? 8.042   -4.886  -4.349  1.00 19.87 ? 129 PRO A CA  1 
ATOM   972  C C   . PRO A 1 129 ? 8.569   -4.490  -5.730  1.00 22.12 ? 129 PRO A C   1 
ATOM   973  O O   . PRO A 1 129 ? 8.242   -3.416  -6.238  1.00 21.38 ? 129 PRO A O   1 
ATOM   974  C CB  . PRO A 1 129 ? 6.705   -5.619  -4.435  1.00 19.34 ? 129 PRO A CB  1 
ATOM   975  C CG  . PRO A 1 129 ? 5.717   -4.506  -4.489  1.00 18.41 ? 129 PRO A CG  1 
ATOM   976  C CD  . PRO A 1 129 ? 6.233   -3.557  -3.440  1.00 17.93 ? 129 PRO A CD  1 
ATOM   977  N N   . VAL A 1 130 ? 9.452   -5.312  -6.299  1.00 24.78 ? 130 VAL A N   1 
ATOM   978  C CA  . VAL A 1 130 ? 10.002  -5.023  -7.623  1.00 26.43 ? 130 VAL A CA  1 
ATOM   979  C C   . VAL A 1 130 ? 9.107   -5.671  -8.666  1.00 25.46 ? 130 VAL A C   1 
ATOM   980  O O   . VAL A 1 130 ? 8.749   -6.836  -8.532  1.00 26.21 ? 130 VAL A O   1 
ATOM   981  C CB  . VAL A 1 130 ? 11.438  -5.565  -7.801  1.00 28.77 ? 130 VAL A CB  1 
ATOM   982  C CG1 . VAL A 1 130 ? 11.994  -5.114  -9.156  1.00 29.69 ? 130 VAL A CG1 1 
ATOM   983  C CG2 . VAL A 1 130 ? 12.341  -5.055  -6.681  1.00 30.07 ? 130 VAL A CG2 1 
ATOM   984  N N   . LEU A 1 131 ? 8.710   -4.893  -9.667  1.00 24.24 ? 131 LEU A N   1 
ATOM   985  C CA  . LEU A 1 131 ? 7.847   -5.388  -10.725 1.00 24.61 ? 131 LEU A CA  1 
ATOM   986  C C   . LEU A 1 131 ? 8.685   -5.858  -11.907 1.00 25.85 ? 131 LEU A C   1 
ATOM   987  O O   . LEU A 1 131 ? 9.425   -5.081  -12.512 1.00 25.07 ? 131 LEU A O   1 
ATOM   988  C CB  . LEU A 1 131 ? 6.848   -4.309  -11.156 1.00 22.44 ? 131 LEU A CB  1 
ATOM   989  C CG  . LEU A 1 131 ? 6.003   -3.721  -10.018 1.00 21.00 ? 131 LEU A CG  1 
ATOM   990  C CD1 . LEU A 1 131 ? 4.960   -2.803  -10.591 1.00 20.26 ? 131 LEU A CD1 1 
ATOM   991  C CD2 . LEU A 1 131 ? 5.346   -4.816  -9.215  1.00 19.69 ? 131 LEU A CD2 1 
ATOM   992  N N   . ASP A 1 132 ? 8.619   -7.156  -12.179 1.00 27.03 ? 132 ASP A N   1 
ATOM   993  C CA  . ASP A 1 132 ? 9.374   -7.730  -13.280 1.00 27.85 ? 132 ASP A CA  1 
ATOM   994  C C   . ASP A 1 132 ? 8.695   -7.462  -14.625 1.00 29.19 ? 132 ASP A C   1 
ATOM   995  O O   . ASP A 1 132 ? 7.724   -6.706  -14.697 1.00 29.28 ? 132 ASP A O   1 
ATOM   996  C CB  . ASP A 1 132 ? 9.616   -9.224  -13.049 1.00 27.51 ? 132 ASP A CB  1 
ATOM   997  C CG  . ASP A 1 132 ? 8.336   -10.043 -13.036 1.00 28.42 ? 132 ASP A CG  1 
ATOM   998  O OD1 . ASP A 1 132 ? 8.393   -11.205 -12.583 1.00 29.17 ? 132 ASP A OD1 1 
ATOM   999  O OD2 . ASP A 1 132 ? 7.275   -9.558  -13.481 1.00 28.60 ? 132 ASP A OD2 1 
ATOM   1000 N N   . GLU A 1 133 ? 9.163   -8.128  -15.676 1.00 30.61 ? 133 GLU A N   1 
ATOM   1001 C CA  . GLU A 1 133 ? 8.594   -7.887  -16.986 1.00 32.33 ? 133 GLU A CA  1 
ATOM   1002 C C   . GLU A 1 133 ? 7.263   -8.529  -17.317 1.00 31.53 ? 133 GLU A C   1 
ATOM   1003 O O   . GLU A 1 133 ? 6.839   -8.473  -18.461 1.00 31.81 ? 133 GLU A O   1 
ATOM   1004 C CB  . GLU A 1 133 ? 9.623   -8.116  -18.094 1.00 36.02 ? 133 GLU A CB  1 
ATOM   1005 C CG  . GLU A 1 133 ? 9.984   -6.831  -18.880 1.00 42.70 ? 133 GLU A CG  1 
ATOM   1006 C CD  . GLU A 1 133 ? 8.900   -6.394  -19.899 1.00 46.64 ? 133 GLU A CD  1 
ATOM   1007 O OE1 . GLU A 1 133 ? 7.946   -5.665  -19.508 1.00 48.10 ? 133 GLU A OE1 1 
ATOM   1008 O OE2 . GLU A 1 133 ? 9.011   -6.772  -21.101 1.00 47.37 ? 133 GLU A OE2 1 
ATOM   1009 N N   . THR A 1 134 ? 6.585   -9.116  -16.330 1.00 30.76 ? 134 THR A N   1 
ATOM   1010 C CA  . THR A 1 134 ? 5.260   -9.690  -16.584 1.00 29.48 ? 134 THR A CA  1 
ATOM   1011 C C   . THR A 1 134 ? 4.257   -8.536  -16.549 1.00 29.85 ? 134 THR A C   1 
ATOM   1012 O O   . THR A 1 134 ? 3.141   -8.639  -17.065 1.00 30.11 ? 134 THR A O   1 
ATOM   1013 C CB  . THR A 1 134 ? 4.841   -10.762 -15.529 1.00 29.47 ? 134 THR A CB  1 
ATOM   1014 O OG1 . THR A 1 134 ? 4.935   -10.232 -14.198 1.00 28.29 ? 134 THR A OG1 1 
ATOM   1015 C CG2 . THR A 1 134 ? 5.716   -11.983 -15.644 1.00 29.90 ? 134 THR A CG2 1 
ATOM   1016 N N   . TRP A 1 135 ? 4.705   -7.411  -15.989 1.00 29.26 ? 135 TRP A N   1 
ATOM   1017 C CA  . TRP A 1 135 ? 3.897   -6.208  -15.831 1.00 28.62 ? 135 TRP A CA  1 
ATOM   1018 C C   . TRP A 1 135 ? 3.988   -5.206  -16.969 1.00 30.65 ? 135 TRP A C   1 
ATOM   1019 O O   . TRP A 1 135 ? 5.074   -4.925  -17.471 1.00 31.93 ? 135 TRP A O   1 
ATOM   1020 C CB  . TRP A 1 135 ? 4.306   -5.503  -14.541 1.00 24.28 ? 135 TRP A CB  1 
ATOM   1021 C CG  . TRP A 1 135 ? 4.029   -6.299  -13.305 1.00 21.19 ? 135 TRP A CG  1 
ATOM   1022 C CD1 . TRP A 1 135 ? 4.912   -7.074  -12.609 1.00 20.02 ? 135 TRP A CD1 1 
ATOM   1023 C CD2 . TRP A 1 135 ? 2.796   -6.346  -12.583 1.00 19.57 ? 135 TRP A CD2 1 
ATOM   1024 N NE1 . TRP A 1 135 ? 4.305   -7.593  -11.491 1.00 19.57 ? 135 TRP A NE1 1 
ATOM   1025 C CE2 . TRP A 1 135 ? 3.005   -7.159  -11.451 1.00 18.39 ? 135 TRP A CE2 1 
ATOM   1026 C CE3 . TRP A 1 135 ? 1.531   -5.771  -12.778 1.00 18.43 ? 135 TRP A CE3 1 
ATOM   1027 C CZ2 . TRP A 1 135 ? 1.999   -7.412  -10.516 1.00 18.38 ? 135 TRP A CZ2 1 
ATOM   1028 C CZ3 . TRP A 1 135 ? 0.534   -6.023  -11.848 1.00 16.64 ? 135 TRP A CZ3 1 
ATOM   1029 C CH2 . TRP A 1 135 ? 0.774   -6.836  -10.732 1.00 16.96 ? 135 TRP A CH2 1 
ATOM   1030 N N   . ARG A 1 136 ? 2.842   -4.653  -17.353 1.00 32.28 ? 136 ARG A N   1 
ATOM   1031 C CA  . ARG A 1 136 ? 2.760   -3.628  -18.392 1.00 34.49 ? 136 ARG A CA  1 
ATOM   1032 C C   . ARG A 1 136 ? 2.328   -2.348  -17.678 1.00 34.46 ? 136 ARG A C   1 
ATOM   1033 O O   . ARG A 1 136 ? 1.365   -2.368  -16.909 1.00 34.02 ? 136 ARG A O   1 
ATOM   1034 C CB  . ARG A 1 136 ? 1.692   -3.982  -19.433 1.00 37.16 ? 136 ARG A CB  1 
ATOM   1035 C CG  . ARG A 1 136 ? 2.033   -5.143  -20.356 1.00 42.43 ? 136 ARG A CG  1 
ATOM   1036 C CD  . ARG A 1 136 ? 1.725   -6.498  -19.718 1.00 47.58 ? 136 ARG A CD  1 
ATOM   1037 N NE  . ARG A 1 136 ? 0.297   -6.674  -19.432 1.00 50.62 ? 136 ARG A NE  1 
ATOM   1038 C CZ  . ARG A 1 136 ? -0.546  -7.388  -20.182 1.00 52.75 ? 136 ARG A CZ  1 
ATOM   1039 N NH1 . ARG A 1 136 ? -0.109  -8.000  -21.281 1.00 53.41 ? 136 ARG A NH1 1 
ATOM   1040 N NH2 . ARG A 1 136 ? -1.825  -7.514  -19.818 1.00 54.02 ? 136 ARG A NH2 1 
ATOM   1041 N N   . GLY A 1 137 ? 2.997   -1.231  -17.934 1.00 34.84 ? 137 GLY A N   1 
ATOM   1042 C CA  . GLY A 1 137 ? 2.594   -0.012  -17.255 1.00 35.58 ? 137 GLY A CA  1 
ATOM   1043 C C   . GLY A 1 137 ? 2.423   1.265   -18.061 1.00 35.28 ? 137 GLY A C   1 
ATOM   1044 O O   . GLY A 1 137 ? 2.836   1.348   -19.214 1.00 35.67 ? 137 GLY A O   1 
ATOM   1045 N N   . GLU A 1 138 ? 1.749   2.240   -17.452 1.00 35.94 ? 138 GLU A N   1 
ATOM   1046 C CA  . GLU A 1 138 ? 1.533   3.558   -18.049 1.00 35.70 ? 138 GLU A CA  1 
ATOM   1047 C C   . GLU A 1 138 ? 1.982   4.558   -17.013 1.00 33.99 ? 138 GLU A C   1 
ATOM   1048 O O   . GLU A 1 138 ? 1.517   4.526   -15.880 1.00 32.18 ? 138 GLU A O   1 
ATOM   1049 C CB  . GLU A 1 138 ? 0.064   3.828   -18.365 1.00 37.87 ? 138 GLU A CB  1 
ATOM   1050 C CG  . GLU A 1 138 ? -0.595  2.781   -19.199 1.00 42.98 ? 138 GLU A CG  1 
ATOM   1051 C CD  . GLU A 1 138 ? -1.463  1.892   -18.351 1.00 46.15 ? 138 GLU A CD  1 
ATOM   1052 O OE1 . GLU A 1 138 ? -1.074  0.722   -18.108 1.00 48.23 ? 138 GLU A OE1 1 
ATOM   1053 O OE2 . GLU A 1 138 ? -2.525  2.389   -17.903 1.00 47.79 ? 138 GLU A OE2 1 
ATOM   1054 N N   . THR A 1 139 ? 2.892   5.436   -17.414 1.00 33.95 ? 139 THR A N   1 
ATOM   1055 C CA  . THR A 1 139 ? 3.441   6.462   -16.543 1.00 33.75 ? 139 THR A CA  1 
ATOM   1056 C C   . THR A 1 139 ? 2.742   7.796   -16.757 1.00 33.14 ? 139 THR A C   1 
ATOM   1057 O O   . THR A 1 139 ? 2.671   8.283   -17.885 1.00 32.68 ? 139 THR A O   1 
ATOM   1058 C CB  . THR A 1 139 ? 4.923   6.675   -16.839 1.00 34.00 ? 139 THR A CB  1 
ATOM   1059 O OG1 . THR A 1 139 ? 5.559   5.404   -17.022 1.00 36.06 ? 139 THR A OG1 1 
ATOM   1060 C CG2 . THR A 1 139 ? 5.585   7.398   -15.691 1.00 33.37 ? 139 THR A CG2 1 
ATOM   1061 N N   . GLY A 1 140 ? 2.227   8.375   -15.675 1.00 31.78 ? 140 GLY A N   1 
ATOM   1062 C CA  . GLY A 1 140 ? 1.564   9.662   -15.755 1.00 30.34 ? 140 GLY A CA  1 
ATOM   1063 C C   . GLY A 1 140 ? 2.591   10.776  -15.753 1.00 29.39 ? 140 GLY A C   1 
ATOM   1064 O O   . GLY A 1 140 ? 3.783   10.520  -15.636 1.00 28.04 ? 140 GLY A O   1 
ATOM   1065 N N   . GLU A 1 141 ? 2.131   12.016  -15.863 1.00 29.93 ? 141 GLU A N   1 
ATOM   1066 C CA  . GLU A 1 141 ? 3.025   13.165  -15.888 1.00 29.92 ? 141 GLU A CA  1 
ATOM   1067 C C   . GLU A 1 141 ? 3.432   13.607  -14.504 1.00 28.55 ? 141 GLU A C   1 
ATOM   1068 O O   . GLU A 1 141 ? 2.625   13.576  -13.584 1.00 27.99 ? 141 GLU A O   1 
ATOM   1069 C CB  . GLU A 1 141 ? 2.363   14.342  -16.605 1.00 33.00 ? 141 GLU A CB  1 
ATOM   1070 C CG  . GLU A 1 141 ? 2.129   14.114  -18.103 1.00 37.48 ? 141 GLU A CG  1 
ATOM   1071 C CD  . GLU A 1 141 ? 3.415   13.836  -18.884 1.00 40.09 ? 141 GLU A CD  1 
ATOM   1072 O OE1 . GLU A 1 141 ? 3.437   12.849  -19.656 1.00 42.37 ? 141 GLU A OE1 1 
ATOM   1073 O OE2 . GLU A 1 141 ? 4.401   14.598  -18.734 1.00 41.35 ? 141 GLU A OE2 1 
ATOM   1074 N N   . TRP A 1 142 ? 4.689   14.015  -14.360 1.00 27.41 ? 142 TRP A N   1 
ATOM   1075 C CA  . TRP A 1 142 ? 5.178   14.495  -13.078 1.00 26.94 ? 142 TRP A CA  1 
ATOM   1076 C C   . TRP A 1 142 ? 4.355   15.730  -12.693 1.00 27.31 ? 142 TRP A C   1 
ATOM   1077 O O   . TRP A 1 142 ? 3.919   16.486  -13.559 1.00 27.94 ? 142 TRP A O   1 
ATOM   1078 C CB  . TRP A 1 142 ? 6.654   14.886  -13.167 1.00 25.86 ? 142 TRP A CB  1 
ATOM   1079 C CG  . TRP A 1 142 ? 7.649   13.754  -13.177 1.00 24.32 ? 142 TRP A CG  1 
ATOM   1080 C CD1 . TRP A 1 142 ? 8.412   13.352  -14.235 1.00 25.29 ? 142 TRP A CD1 1 
ATOM   1081 C CD2 . TRP A 1 142 ? 8.087   12.966  -12.053 1.00 23.12 ? 142 TRP A CD2 1 
ATOM   1082 N NE1 . TRP A 1 142 ? 9.305   12.375  -13.843 1.00 24.55 ? 142 TRP A NE1 1 
ATOM   1083 C CE2 . TRP A 1 142 ? 9.126   12.121  -12.511 1.00 23.16 ? 142 TRP A CE2 1 
ATOM   1084 C CE3 . TRP A 1 142 ? 7.710   12.902  -10.706 1.00 21.66 ? 142 TRP A CE3 1 
ATOM   1085 C CZ2 . TRP A 1 142 ? 9.789   11.222  -11.671 1.00 21.74 ? 142 TRP A CZ2 1 
ATOM   1086 C CZ3 . TRP A 1 142 ? 8.369   12.009  -9.868  1.00 22.07 ? 142 TRP A CZ3 1 
ATOM   1087 C CH2 . TRP A 1 142 ? 9.397   11.180  -10.357 1.00 23.08 ? 142 TRP A CH2 1 
ATOM   1088 N N   . ARG A 1 143 ? 4.108   15.905  -11.402 1.00 27.20 ? 143 ARG A N   1 
ATOM   1089 C CA  . ARG A 1 143 ? 3.347   17.044  -10.904 1.00 27.60 ? 143 ARG A CA  1 
ATOM   1090 C C   . ARG A 1 143 ? 4.062   17.520  -9.650  1.00 26.61 ? 143 ARG A C   1 
ATOM   1091 O O   . ARG A 1 143 ? 4.853   16.784  -9.069  1.00 25.79 ? 143 ARG A O   1 
ATOM   1092 C CB  . ARG A 1 143 ? 1.907   16.634  -10.531 1.00 30.53 ? 143 ARG A CB  1 
ATOM   1093 C CG  . ARG A 1 143 ? 1.167   15.719  -11.531 1.00 34.31 ? 143 ARG A CG  1 
ATOM   1094 C CD  . ARG A 1 143 ? -0.278  15.430  -11.060 1.00 37.93 ? 143 ARG A CD  1 
ATOM   1095 N NE  . ARG A 1 143 ? -0.944  14.348  -11.809 1.00 40.68 ? 143 ARG A NE  1 
ATOM   1096 C CZ  . ARG A 1 143 ? -1.891  13.541  -11.306 1.00 42.08 ? 143 ARG A CZ  1 
ATOM   1097 N NH1 . ARG A 1 143 ? -2.301  13.683  -10.043 1.00 41.69 ? 143 ARG A NH1 1 
ATOM   1098 N NH2 . ARG A 1 143 ? -2.442  12.590  -12.063 1.00 39.94 ? 143 ARG A NH2 1 
ATOM   1099 N N   . PHE A 1 144 ? 3.823   18.763  -9.251  1.00 25.39 ? 144 PHE A N   1 
ATOM   1100 C CA  . PHE A 1 144 ? 4.424   19.280  -8.028  1.00 24.96 ? 144 PHE A CA  1 
ATOM   1101 C C   . PHE A 1 144 ? 3.385   19.301  -6.908  1.00 25.54 ? 144 PHE A C   1 
ATOM   1102 O O   . PHE A 1 144 ? 2.302   19.860  -7.054  1.00 26.33 ? 144 PHE A O   1 
ATOM   1103 C CB  . PHE A 1 144 ? 4.978   20.710  -8.219  1.00 24.32 ? 144 PHE A CB  1 
ATOM   1104 C CG  . PHE A 1 144 ? 6.465   20.771  -8.493  1.00 22.32 ? 144 PHE A CG  1 
ATOM   1105 C CD1 . PHE A 1 144 ? 6.939   21.107  -9.751  1.00 21.91 ? 144 PHE A CD1 1 
ATOM   1106 C CD2 . PHE A 1 144 ? 7.385   20.502  -7.487  1.00 22.05 ? 144 PHE A CD2 1 
ATOM   1107 C CE1 . PHE A 1 144 ? 8.298   21.176  -10.001 1.00 22.66 ? 144 PHE A CE1 1 
ATOM   1108 C CE2 . PHE A 1 144 ? 8.748   20.568  -7.728  1.00 20.93 ? 144 PHE A CE2 1 
ATOM   1109 C CZ  . PHE A 1 144 ? 9.206   20.906  -8.988  1.00 21.58 ? 144 PHE A CZ  1 
ATOM   1110 N N   . SER A 1 145 ? 3.722   18.668  -5.796  1.00 25.34 ? 145 SER A N   1 
ATOM   1111 C CA  . SER A 1 145 ? 2.869   18.641  -4.617  1.00 26.19 ? 145 SER A CA  1 
ATOM   1112 C C   . SER A 1 145 ? 3.028   19.988  -3.927  1.00 28.36 ? 145 SER A C   1 
ATOM   1113 O O   . SER A 1 145 ? 4.035   20.669  -4.133  1.00 29.09 ? 145 SER A O   1 
ATOM   1114 C CB  . SER A 1 145 ? 3.385   17.563  -3.676  1.00 24.75 ? 145 SER A CB  1 
ATOM   1115 O OG  . SER A 1 145 ? 3.021   17.836  -2.342  1.00 24.00 ? 145 SER A OG  1 
ATOM   1116 N N   . ARG A 1 146 ? 2.077   20.381  -3.086  1.00 29.20 ? 146 ARG A N   1 
ATOM   1117 C CA  . ARG A 1 146 ? 2.269   21.648  -2.398  1.00 31.01 ? 146 ARG A CA  1 
ATOM   1118 C C   . ARG A 1 146 ? 3.346   21.497  -1.325  1.00 30.87 ? 146 ARG A C   1 
ATOM   1119 O O   . ARG A 1 146 ? 3.791   22.484  -0.754  1.00 31.23 ? 146 ARG A O   1 
ATOM   1120 C CB  . ARG A 1 146 ? 0.975   22.210  -1.821  1.00 33.27 ? 146 ARG A CB  1 
ATOM   1121 C CG  . ARG A 1 146 ? 0.481   21.550  -0.587  1.00 36.76 ? 146 ARG A CG  1 
ATOM   1122 C CD  . ARG A 1 146 ? -0.996  21.269  -0.766  1.00 41.32 ? 146 ARG A CD  1 
ATOM   1123 N NE  . ARG A 1 146 ? -1.653  20.980  0.504   1.00 43.86 ? 146 ARG A NE  1 
ATOM   1124 C CZ  . ARG A 1 146 ? -2.735  20.224  0.634   1.00 45.44 ? 146 ARG A CZ  1 
ATOM   1125 N NH1 . ARG A 1 146 ? -3.302  19.656  -0.436  1.00 45.86 ? 146 ARG A NH1 1 
ATOM   1126 N NH2 . ARG A 1 146 ? -3.255  20.049  1.843   1.00 46.50 ? 146 ARG A NH2 1 
ATOM   1127 N N   . SER A 1 147 ? 3.775   20.263  -1.059  1.00 30.61 ? 147 SER A N   1 
ATOM   1128 C CA  . SER A 1 147 ? 4.854   20.032  -0.094  1.00 30.30 ? 147 SER A CA  1 
ATOM   1129 C C   . SER A 1 147 ? 6.189   20.336  -0.819  1.00 30.17 ? 147 SER A C   1 
ATOM   1130 O O   . SER A 1 147 ? 7.263   20.375  -0.206  1.00 30.92 ? 147 SER A O   1 
ATOM   1131 C CB  . SER A 1 147 ? 4.840   18.584  0.420   1.00 30.36 ? 147 SER A CB  1 
ATOM   1132 O OG  . SER A 1 147 ? 5.163   17.657  -0.609  1.00 30.91 ? 147 SER A OG  1 
ATOM   1133 N N   . GLY A 1 148 ? 6.103   20.564  -2.129  1.00 28.67 ? 148 GLY A N   1 
ATOM   1134 C CA  . GLY A 1 148 ? 7.283   20.869  -2.904  1.00 27.30 ? 148 GLY A CA  1 
ATOM   1135 C C   . GLY A 1 148 ? 7.897   19.667  -3.574  1.00 27.32 ? 148 GLY A C   1 
ATOM   1136 O O   . GLY A 1 148 ? 8.821   19.809  -4.370  1.00 27.48 ? 148 GLY A O   1 
ATOM   1137 N N   . LEU A 1 149 ? 7.404   18.477  -3.255  1.00 25.78 ? 149 LEU A N   1 
ATOM   1138 C CA  . LEU A 1 149 ? 7.943   17.268  -3.857  1.00 23.29 ? 149 LEU A CA  1 
ATOM   1139 C C   . LEU A 1 149 ? 7.282   16.991  -5.179  1.00 22.31 ? 149 LEU A C   1 
ATOM   1140 O O   . LEU A 1 149 ? 6.087   17.188  -5.344  1.00 23.08 ? 149 LEU A O   1 
ATOM   1141 C CB  . LEU A 1 149 ? 7.742   16.073  -2.930  1.00 22.98 ? 149 LEU A CB  1 
ATOM   1142 C CG  . LEU A 1 149 ? 8.523   16.094  -1.624  1.00 22.54 ? 149 LEU A CG  1 
ATOM   1143 C CD1 . LEU A 1 149 ? 8.159   14.880  -0.824  1.00 25.05 ? 149 LEU A CD1 1 
ATOM   1144 C CD2 . LEU A 1 149 ? 10.011  16.107  -1.889  1.00 24.25 ? 149 LEU A CD2 1 
ATOM   1145 N N   . ARG A 1 150 ? 8.077   16.563  -6.142  1.00 21.16 ? 150 ARG A N   1 
ATOM   1146 C CA  . ARG A 1 150 ? 7.549   16.219  -7.455  1.00 21.28 ? 150 ARG A CA  1 
ATOM   1147 C C   . ARG A 1 150 ? 7.102   14.753  -7.328  1.00 21.62 ? 150 ARG A C   1 
ATOM   1148 O O   . ARG A 1 150 ? 7.723   13.981  -6.602  1.00 21.81 ? 150 ARG A O   1 
ATOM   1149 C CB  . ARG A 1 150 ? 8.670   16.359  -8.479  1.00 22.73 ? 150 ARG A CB  1 
ATOM   1150 C CG  . ARG A 1 150 ? 8.267   16.899  -9.825  1.00 25.33 ? 150 ARG A CG  1 
ATOM   1151 C CD  . ARG A 1 150 ? 9.507   17.316  -10.612 1.00 26.41 ? 150 ARG A CD  1 
ATOM   1152 N NE  . ARG A 1 150 ? 10.402  16.183  -10.818 1.00 28.69 ? 150 ARG A NE  1 
ATOM   1153 C CZ  . ARG A 1 150 ? 10.610  15.584  -11.985 1.00 28.21 ? 150 ARG A CZ  1 
ATOM   1154 N NH1 . ARG A 1 150 ? 9.992   16.009  -13.080 1.00 28.23 ? 150 ARG A NH1 1 
ATOM   1155 N NH2 . ARG A 1 150 ? 11.405  14.531  -12.047 1.00 28.81 ? 150 ARG A NH2 1 
ATOM   1156 N N   . TYR A 1 151 ? 6.003   14.378  -7.967  1.00 21.54 ? 151 TYR A N   1 
ATOM   1157 C CA  . TYR A 1 151 ? 5.535   12.998  -7.899  1.00 20.71 ? 151 TYR A CA  1 
ATOM   1158 C C   . TYR A 1 151 ? 4.774   12.636  -9.164  1.00 21.47 ? 151 TYR A C   1 
ATOM   1159 O O   . TYR A 1 151 ? 4.357   13.516  -9.918  1.00 20.76 ? 151 TYR A O   1 
ATOM   1160 C CB  . TYR A 1 151 ? 4.619   12.787  -6.685  1.00 21.16 ? 151 TYR A CB  1 
ATOM   1161 C CG  . TYR A 1 151 ? 3.286   13.484  -6.805  1.00 22.60 ? 151 TYR A CG  1 
ATOM   1162 C CD1 . TYR A 1 151 ? 2.168   12.817  -7.300  1.00 22.51 ? 151 TYR A CD1 1 
ATOM   1163 C CD2 . TYR A 1 151 ? 3.150   14.834  -6.468  1.00 23.84 ? 151 TYR A CD2 1 
ATOM   1164 C CE1 . TYR A 1 151 ? 0.947   13.479  -7.465  1.00 23.07 ? 151 TYR A CE1 1 
ATOM   1165 C CE2 . TYR A 1 151 ? 1.932   15.505  -6.628  1.00 23.28 ? 151 TYR A CE2 1 
ATOM   1166 C CZ  . TYR A 1 151 ? 0.838   14.822  -7.129  1.00 23.35 ? 151 TYR A CZ  1 
ATOM   1167 O OH  . TYR A 1 151 ? -0.356  15.487  -7.312  1.00 24.28 ? 151 TYR A OH  1 
ATOM   1168 N N   . ARG A 1 152 ? 4.645   11.337  -9.417  1.00 20.91 ? 152 ARG A N   1 
ATOM   1169 C CA  . ARG A 1 152 ? 3.886   10.853  -10.557 1.00 19.85 ? 152 ARG A CA  1 
ATOM   1170 C C   . ARG A 1 152 ? 3.256   9.513   -10.254 1.00 19.78 ? 152 ARG A C   1 
ATOM   1171 O O   . ARG A 1 152 ? 3.711   8.778   -9.388  1.00 17.71 ? 152 ARG A O   1 
ATOM   1172 C CB  . ARG A 1 152 ? 4.712   10.789  -11.837 1.00 20.15 ? 152 ARG A CB  1 
ATOM   1173 C CG  . ARG A 1 152 ? 5.901   9.895   -11.805 1.00 21.58 ? 152 ARG A CG  1 
ATOM   1174 C CD  . ARG A 1 152 ? 6.443   9.763   -13.202 1.00 22.63 ? 152 ARG A CD  1 
ATOM   1175 N NE  . ARG A 1 152 ? 7.726   9.088   -13.180 1.00 26.88 ? 152 ARG A NE  1 
ATOM   1176 C CZ  . ARG A 1 152 ? 8.555   9.006   -14.215 1.00 28.04 ? 152 ARG A CZ  1 
ATOM   1177 N NH1 . ARG A 1 152 ? 8.228   9.554   -15.374 1.00 26.67 ? 152 ARG A NH1 1 
ATOM   1178 N NH2 . ARG A 1 152 ? 9.743   8.430   -14.064 1.00 29.13 ? 152 ARG A NH2 1 
ATOM   1179 N N   . LEU A 1 153 ? 2.170   9.231   -10.959 1.00 20.69 ? 153 LEU A N   1 
ATOM   1180 C CA  . LEU A 1 153 ? 1.425   8.005   -10.772 1.00 21.25 ? 153 LEU A CA  1 
ATOM   1181 C C   . LEU A 1 153 ? 1.691   7.019   -11.894 1.00 22.16 ? 153 LEU A C   1 
ATOM   1182 O O   . LEU A 1 153 ? 1.899   7.407   -13.042 1.00 22.25 ? 153 LEU A O   1 
ATOM   1183 C CB  . LEU A 1 153 ? -0.072  8.311   -10.692 1.00 20.93 ? 153 LEU A CB  1 
ATOM   1184 C CG  . LEU A 1 153 ? -0.511  9.454   -9.759  1.00 21.46 ? 153 LEU A CG  1 
ATOM   1185 C CD1 . LEU A 1 153 ? -2.039  9.580   -9.756  1.00 22.74 ? 153 LEU A CD1 1 
ATOM   1186 C CD2 . LEU A 1 153 ? 0.001   9.250   -8.348  1.00 19.69 ? 153 LEU A CD2 1 
ATOM   1187 N N   . TYR A 1 154 ? 1.734   5.742   -11.531 1.00 23.43 ? 154 TYR A N   1 
ATOM   1188 C CA  . TYR A 1 154 ? 1.948   4.643   -12.467 1.00 23.37 ? 154 TYR A CA  1 
ATOM   1189 C C   . TYR A 1 154 ? 0.799   3.660   -12.313 1.00 23.28 ? 154 TYR A C   1 
ATOM   1190 O O   . TYR A 1 154 ? 0.297   3.439   -11.213 1.00 23.72 ? 154 TYR A O   1 
ATOM   1191 C CB  . TYR A 1 154 ? 3.212   3.873   -12.115 1.00 25.24 ? 154 TYR A CB  1 
ATOM   1192 C CG  . TYR A 1 154 ? 4.530   4.502   -12.464 1.00 25.85 ? 154 TYR A CG  1 
ATOM   1193 C CD1 . TYR A 1 154 ? 5.157   5.381   -11.585 1.00 26.93 ? 154 TYR A CD1 1 
ATOM   1194 C CD2 . TYR A 1 154 ? 5.213   4.119   -13.623 1.00 26.81 ? 154 TYR A CD2 1 
ATOM   1195 C CE1 . TYR A 1 154 ? 6.441   5.854   -11.844 1.00 28.72 ? 154 TYR A CE1 1 
ATOM   1196 C CE2 . TYR A 1 154 ? 6.485   4.583   -13.893 1.00 26.90 ? 154 TYR A CE2 1 
ATOM   1197 C CZ  . TYR A 1 154 ? 7.103   5.444   -13.003 1.00 28.44 ? 154 TYR A CZ  1 
ATOM   1198 O OH  . TYR A 1 154 ? 8.393   5.864   -13.245 1.00 30.04 ? 154 TYR A OH  1 
ATOM   1199 N N   . SER A 1 155 ? 0.405   3.037   -13.413 1.00 23.71 ? 155 SER A N   1 
ATOM   1200 C CA  . SER A 1 155 ? -0.648  2.041   -13.389 1.00 23.88 ? 155 SER A CA  1 
ATOM   1201 C C   . SER A 1 155 ? -0.124  0.830   -14.126 1.00 23.91 ? 155 SER A C   1 
ATOM   1202 O O   . SER A 1 155 ? 0.262   0.919   -15.291 1.00 23.53 ? 155 SER A O   1 
ATOM   1203 C CB  . SER A 1 155 ? -1.907  2.565   -14.056 1.00 24.19 ? 155 SER A CB  1 
ATOM   1204 O OG  . SER A 1 155 ? -2.570  3.451   -13.182 1.00 25.59 ? 155 SER A OG  1 
ATOM   1205 N N   . TYR A 1 156 ? -0.041  -0.283  -13.408 1.00 24.17 ? 156 TYR A N   1 
ATOM   1206 C CA  . TYR A 1 156 ? 0.456   -1.523  -13.967 1.00 24.14 ? 156 TYR A CA  1 
ATOM   1207 C C   . TYR A 1 156 ? -0.611  -2.575  -13.926 1.00 25.74 ? 156 TYR A C   1 
ATOM   1208 O O   . TYR A 1 156 ? -1.455  -2.593  -13.027 1.00 24.31 ? 156 TYR A O   1 
ATOM   1209 C CB  . TYR A 1 156 ? 1.622   -2.049  -13.155 1.00 22.85 ? 156 TYR A CB  1 
ATOM   1210 C CG  . TYR A 1 156 ? 2.853   -1.202  -13.164 1.00 23.16 ? 156 TYR A CG  1 
ATOM   1211 C CD1 . TYR A 1 156 ? 3.062   -0.243  -12.173 1.00 22.04 ? 156 TYR A CD1 1 
ATOM   1212 C CD2 . TYR A 1 156 ? 3.854   -1.412  -14.109 1.00 22.27 ? 156 TYR A CD2 1 
ATOM   1213 C CE1 . TYR A 1 156 ? 4.227   0.474   -12.115 1.00 22.61 ? 156 TYR A CE1 1 
ATOM   1214 C CE2 . TYR A 1 156 ? 5.031   -0.699  -14.060 1.00 23.01 ? 156 TYR A CE2 1 
ATOM   1215 C CZ  . TYR A 1 156 ? 5.212   0.242   -13.058 1.00 23.60 ? 156 TYR A CZ  1 
ATOM   1216 O OH  . TYR A 1 156 ? 6.394   0.936   -12.971 1.00 24.89 ? 156 TYR A OH  1 
ATOM   1217 N N   . HIS A 1 157 ? -0.511  -3.497  -14.875 1.00 28.31 ? 157 HIS A N   1 
ATOM   1218 C CA  . HIS A 1 157 ? -1.429  -4.613  -14.983 1.00 31.16 ? 157 HIS A CA  1 
ATOM   1219 C C   . HIS A 1 157 ? -0.722  -5.792  -15.654 1.00 31.11 ? 157 HIS A C   1 
ATOM   1220 O O   . HIS A 1 157 ? 0.370   -5.659  -16.220 1.00 29.81 ? 157 HIS A O   1 
ATOM   1221 C CB  . HIS A 1 157 ? -2.675  -4.215  -15.781 1.00 33.36 ? 157 HIS A CB  1 
ATOM   1222 C CG  . HIS A 1 157 ? -2.372  -3.735  -17.166 1.00 38.24 ? 157 HIS A CG  1 
ATOM   1223 N ND1 . HIS A 1 157 ? -1.789  -2.509  -17.420 1.00 40.48 ? 157 HIS A ND1 1 
ATOM   1224 C CD2 . HIS A 1 157 ? -2.541  -4.329  -18.374 1.00 39.67 ? 157 HIS A CD2 1 
ATOM   1225 C CE1 . HIS A 1 157 ? -1.612  -2.371  -18.723 1.00 41.58 ? 157 HIS A CE1 1 
ATOM   1226 N NE2 . HIS A 1 157 ? -2.060  -3.460  -19.326 1.00 41.24 ? 157 HIS A NE2 1 
ATOM   1227 N N   . ARG A 1 158 ? -1.323  -6.961  -15.487 1.00 31.63 ? 158 ARG A N   1 
ATOM   1228 C CA  . ARG A 1 158 ? -0.851  -8.200  -16.076 1.00 31.14 ? 158 ARG A CA  1 
ATOM   1229 C C   . ARG A 1 158 ? -2.027  -9.149  -15.966 1.00 33.07 ? 158 ARG A C   1 
ATOM   1230 O O   . ARG A 1 158 ? -2.955  -8.907  -15.192 1.00 33.24 ? 158 ARG A O   1 
ATOM   1231 C CB  . ARG A 1 158 ? 0.389   -8.736  -15.357 1.00 28.75 ? 158 ARG A CB  1 
ATOM   1232 C CG  . ARG A 1 158 ? 0.166   -9.348  -14.005 1.00 24.78 ? 158 ARG A CG  1 
ATOM   1233 C CD  . ARG A 1 158 ? 1.470   -9.923  -13.492 1.00 21.37 ? 158 ARG A CD  1 
ATOM   1234 N NE  . ARG A 1 158 ? 1.334   -10.352 -12.103 1.00 19.59 ? 158 ARG A NE  1 
ATOM   1235 C CZ  . ARG A 1 158 ? 2.311   -10.862 -11.366 1.00 17.37 ? 158 ARG A CZ  1 
ATOM   1236 N NH1 . ARG A 1 158 ? 3.520   -11.037 -11.878 1.00 20.22 ? 158 ARG A NH1 1 
ATOM   1237 N NH2 . ARG A 1 158 ? 2.094   -11.140 -10.091 1.00 16.01 ? 158 ARG A NH2 1 
ATOM   1238 N N   . SER A 1 159 ? -2.047  -10.180 -16.796 1.00 35.83 ? 159 SER A N   1 
ATOM   1239 C CA  . SER A 1 159 ? -3.160  -11.118 -16.756 1.00 38.26 ? 159 SER A CA  1 
ATOM   1240 C C   . SER A 1 159 ? -2.871  -12.444 -16.064 1.00 38.88 ? 159 SER A C   1 
ATOM   1241 O O   . SER A 1 159 ? -3.824  -13.252 -15.998 1.00 39.39 ? 159 SER A O   1 
ATOM   1242 C CB  . SER A 1 159 ? -3.712  -11.335 -18.159 1.00 38.86 ? 159 SER A CB  1 
ATOM   1243 O OG  . SER A 1 159 ? -4.171  -10.103 -18.691 1.00 41.45 ? 159 SER A OG  1 
ATOM   1244 O OXT . SER A 1 159 ? -1.740  -12.625 -15.532 1.00 39.38 ? 159 SER A OXT 1 
HETATM 1245 P PA  . NDP B 2 .   ? 3.526   -5.041  7.437   1.00 16.17 ? 200 NDP A PA  1 
HETATM 1246 O O1A . NDP B 2 .   ? 3.628   -5.767  6.165   1.00 17.13 ? 200 NDP A O1A 1 
HETATM 1247 O O2A . NDP B 2 .   ? 2.547   -3.940  7.373   1.00 21.57 ? 200 NDP A O2A 1 
HETATM 1248 O O5B . NDP B 2 .   ? 3.089   -6.025  8.617   1.00 18.55 ? 200 NDP A O5B 1 
HETATM 1249 C C5B . NDP B 2 .   ? 3.950   -7.176  8.893   1.00 20.91 ? 200 NDP A C5B 1 
HETATM 1250 C C4B . NDP B 2 .   ? 3.096   -7.993  9.879   1.00 20.97 ? 200 NDP A C4B 1 
HETATM 1251 O O4B . NDP B 2 .   ? 2.088   -8.673  9.106   1.00 22.38 ? 200 NDP A O4B 1 
HETATM 1252 C C3B . NDP B 2 .   ? 3.853   -9.122  10.602  1.00 22.14 ? 200 NDP A C3B 1 
HETATM 1253 O O3B . NDP B 2 .   ? 4.595   -8.550  11.655  1.00 21.98 ? 200 NDP A O3B 1 
HETATM 1254 C C2B . NDP B 2 .   ? 2.616   -9.999  10.981  1.00 23.78 ? 200 NDP A C2B 1 
HETATM 1255 O O2B . NDP B 2 .   ? 1.844   -9.528  12.044  1.00 24.37 ? 200 NDP A O2B 1 
HETATM 1256 C C1B . NDP B 2 .   ? 1.862   -9.958  9.697   1.00 23.67 ? 200 NDP A C1B 1 
HETATM 1257 N N9A . NDP B 2 .   ? 2.266   -10.966 8.766   1.00 25.36 ? 200 NDP A N9A 1 
HETATM 1258 C C8A . NDP B 2 .   ? 3.272   -10.911 7.848   1.00 25.71 ? 200 NDP A C8A 1 
HETATM 1259 N N7A . NDP B 2 .   ? 3.343   -12.008 7.110   1.00 27.90 ? 200 NDP A N7A 1 
HETATM 1260 C C5A . NDP B 2 .   ? 2.323   -12.795 7.583   1.00 26.39 ? 200 NDP A C5A 1 
HETATM 1261 C C6A . NDP B 2 .   ? 1.896   -14.095 7.197   1.00 26.88 ? 200 NDP A C6A 1 
HETATM 1262 N N6A . NDP B 2 .   ? 2.532   -14.743 6.208   1.00 27.81 ? 200 NDP A N6A 1 
HETATM 1263 N N1A . NDP B 2 .   ? 0.843   -14.624 7.872   1.00 25.35 ? 200 NDP A N1A 1 
HETATM 1264 C C2A . NDP B 2 .   ? 0.267   -13.882 8.875   1.00 24.43 ? 200 NDP A C2A 1 
HETATM 1265 N N3A . NDP B 2 .   ? 0.598   -12.690 9.292   1.00 25.19 ? 200 NDP A N3A 1 
HETATM 1266 C C4A . NDP B 2 .   ? 1.642   -12.194 8.586   1.00 25.76 ? 200 NDP A C4A 1 
HETATM 1267 O O3  . NDP B 2 .   ? 4.891   -4.517  7.903   1.00 19.85 ? 200 NDP A O3  1 
HETATM 1268 P PN  . NDP B 2 .   ? 6.228   -3.860  7.402   1.00 17.68 ? 200 NDP A PN  1 
HETATM 1269 O O1N . NDP B 2 .   ? 7.150   -3.620  8.521   1.00 16.52 ? 200 NDP A O1N 1 
HETATM 1270 O O2N . NDP B 2 .   ? 6.830   -4.657  6.330   1.00 14.37 ? 200 NDP A O2N 1 
HETATM 1271 O O5D . NDP B 2 .   ? 5.729   -2.447  6.727   1.00 19.07 ? 200 NDP A O5D 1 
HETATM 1272 C C5D . NDP B 2 .   ? 5.309   -1.391  7.636   1.00 20.20 ? 200 NDP A C5D 1 
HETATM 1273 C C4D . NDP B 2 .   ? 5.926   -0.085  7.075   1.00 22.32 ? 200 NDP A C4D 1 
HETATM 1274 O O4D . NDP B 2 .   ? 5.354   0.199   5.761   1.00 21.69 ? 200 NDP A O4D 1 
HETATM 1275 C C3D . NDP B 2 .   ? 5.610   1.149   7.950   1.00 23.29 ? 200 NDP A C3D 1 
HETATM 1276 O O3D . NDP B 2 .   ? 6.808   1.918   8.068   1.00 24.85 ? 200 NDP A O3D 1 
HETATM 1277 C C2D . NDP B 2 .   ? 4.487   1.823   7.133   1.00 23.04 ? 200 NDP A C2D 1 
HETATM 1278 O O2D . NDP B 2 .   ? 4.402   3.208   7.471   1.00 24.85 ? 200 NDP A O2D 1 
HETATM 1279 C C1D . NDP B 2 .   ? 4.929   1.572   5.704   1.00 21.58 ? 200 NDP A C1D 1 
HETATM 1280 N N1N . NDP B 2 .   ? 3.795   1.717   4.721   1.00 21.13 ? 200 NDP A N1N 1 
HETATM 1281 C C2N . NDP B 2 .   ? 4.061   2.528   3.587   1.00 18.83 ? 200 NDP A C2N 1 
HETATM 1282 C C3N . NDP B 2 .   ? 3.030   2.664   2.656   1.00 18.06 ? 200 NDP A C3N 1 
HETATM 1283 C C7N . NDP B 2 .   ? 3.333   3.554   1.402   1.00 17.26 ? 200 NDP A C7N 1 
HETATM 1284 O O7N . NDP B 2 .   ? 2.536   3.531   0.491   1.00 18.29 ? 200 NDP A O7N 1 
HETATM 1285 N N7N . NDP B 2 .   ? 4.474   4.291   1.425   1.00 17.72 ? 200 NDP A N7N 1 
HETATM 1286 C C4N . NDP B 2 .   ? 1.732   2.057   2.758   1.00 19.14 ? 200 NDP A C4N 1 
HETATM 1287 C C5N . NDP B 2 .   ? 1.606   1.271   3.962   1.00 18.10 ? 200 NDP A C5N 1 
HETATM 1288 C C6N . NDP B 2 .   ? 2.561   1.083   4.917   1.00 19.10 ? 200 NDP A C6N 1 
HETATM 1289 P P2B . NDP B 2 .   ? 2.205   -10.112 13.582  1.00 26.81 ? 200 NDP A P2B 1 
HETATM 1290 O O1X . NDP B 2 .   ? 3.581   -9.740  13.826  1.00 27.22 ? 200 NDP A O1X 1 
HETATM 1291 O O2X . NDP B 2 .   ? 1.138   -9.337  14.302  1.00 25.32 ? 200 NDP A O2X 1 
HETATM 1292 O O3X . NDP B 2 .   ? 1.959   -11.556 13.406  1.00 27.74 ? 200 NDP A O3X 1 
HETATM 1293 C C1  . TOP C 3 .   ? -1.106  5.342   1.405   1.00 15.23 ? 201 TOP A C1  1 
HETATM 1294 N N2  . TOP C 3 .   ? -0.843  5.880   0.193   1.00 14.14 ? 201 TOP A N2  1 
HETATM 1295 C C3  . TOP C 3 .   ? -0.705  5.075   -0.842  1.00 13.17 ? 201 TOP A C3  1 
HETATM 1296 N N4  . TOP C 3 .   ? -0.454  5.613   -2.073  1.00 11.39 ? 201 TOP A N4  1 
HETATM 1297 N N5  . TOP C 3 .   ? -0.782  3.716   -0.890  1.00 14.17 ? 201 TOP A N5  1 
HETATM 1298 C C6  . TOP C 3 .   ? -1.040  3.130   0.282   1.00 14.33 ? 201 TOP A C6  1 
HETATM 1299 N N7  . TOP C 3 .   ? -1.136  1.795   0.364   1.00 12.76 ? 201 TOP A N7  1 
HETATM 1300 C C8  . TOP C 3 .   ? -1.225  3.979   1.527   1.00 15.61 ? 201 TOP A C8  1 
HETATM 1301 C C9  . TOP C 3 .   ? -1.528  3.326   2.873   1.00 17.36 ? 201 TOP A C9  1 
HETATM 1302 C C10 . TOP C 3 .   ? -1.669  4.285   4.022   1.00 19.86 ? 201 TOP A C10 1 
HETATM 1303 C C11 . TOP C 3 .   ? -0.628  4.281   4.948   1.00 20.96 ? 201 TOP A C11 1 
HETATM 1304 C C12 . TOP C 3 .   ? -0.648  5.156   6.046   1.00 23.76 ? 201 TOP A C12 1 
HETATM 1305 O O13 . TOP C 3 .   ? 0.358   5.190   6.982   1.00 25.32 ? 201 TOP A O13 1 
HETATM 1306 C C14 . TOP C 3 .   ? 1.390   4.236   6.873   1.00 27.06 ? 201 TOP A C14 1 
HETATM 1307 C C15 . TOP C 3 .   ? -1.741  6.032   6.179   1.00 22.76 ? 201 TOP A C15 1 
HETATM 1308 O O16 . TOP C 3 .   ? -1.794  6.931   7.254   1.00 26.44 ? 201 TOP A O16 1 
HETATM 1309 C C17 . TOP C 3 .   ? -1.118  8.085   6.831   1.00 25.80 ? 201 TOP A C17 1 
HETATM 1310 C C18 . TOP C 3 .   ? -2.797  6.038   5.258   1.00 22.26 ? 201 TOP A C18 1 
HETATM 1311 O O19 . TOP C 3 .   ? -3.821  6.951   5.515   1.00 22.20 ? 201 TOP A O19 1 
HETATM 1312 C C20 . TOP C 3 .   ? -4.642  7.152   4.353   1.00 21.94 ? 201 TOP A C20 1 
HETATM 1313 C C21 . TOP C 3 .   ? -2.782  5.156   4.149   1.00 19.95 ? 201 TOP A C21 1 
HETATM 1314 C C1  . GOL D 4 .   ? 10.073  -3.889  6.660   1.00 28.38 ? 202 GOL A C1  1 
HETATM 1315 O O1  . GOL D 4 .   ? 9.395   -4.448  5.508   1.00 23.94 ? 202 GOL A O1  1 
HETATM 1316 C C2  . GOL D 4 .   ? 10.846  -5.032  7.371   1.00 30.26 ? 202 GOL A C2  1 
HETATM 1317 O O2  . GOL D 4 .   ? 10.073  -6.102  7.898   1.00 32.36 ? 202 GOL A O2  1 
HETATM 1318 C C3  . GOL D 4 .   ? 12.068  -4.640  8.221   1.00 31.00 ? 202 GOL A C3  1 
HETATM 1319 O O3  . GOL D 4 .   ? 12.644  -5.730  8.903   1.00 32.11 ? 202 GOL A O3  1 
HETATM 1320 C C1  . GOL E 4 .   ? -7.700  8.348   3.323   1.00 41.16 ? 203 GOL A C1  1 
HETATM 1321 O O1  . GOL E 4 .   ? -8.239  7.046   2.999   1.00 32.77 ? 203 GOL A O1  1 
HETATM 1322 C C2  . GOL E 4 .   ? -7.706  8.528   4.879   1.00 43.24 ? 203 GOL A C2  1 
HETATM 1323 O O2  . GOL E 4 .   ? -8.915  8.205   5.571   1.00 44.59 ? 203 GOL A O2  1 
HETATM 1324 C C3  . GOL E 4 .   ? -6.933  9.739   5.465   1.00 45.21 ? 203 GOL A C3  1 
HETATM 1325 O O3  . GOL E 4 .   ? -5.852  9.358   6.298   1.00 48.61 ? 203 GOL A O3  1 
HETATM 1326 C C1  . GOL F 4 .   ? 11.869  -5.275  -2.053  1.00 43.91 ? 204 GOL A C1  1 
HETATM 1327 O O1  . GOL F 4 .   ? 11.646  -5.107  -3.476  1.00 42.43 ? 204 GOL A O1  1 
HETATM 1328 C C2  . GOL F 4 .   ? 11.225  -6.618  -1.583  1.00 45.44 ? 204 GOL A C2  1 
HETATM 1329 O O2  . GOL F 4 .   ? 12.080  -7.700  -1.242  1.00 45.98 ? 204 GOL A O2  1 
HETATM 1330 C C3  . GOL F 4 .   ? 9.907   -7.045  -2.223  1.00 45.82 ? 204 GOL A C3  1 
HETATM 1331 O O3  . GOL F 4 .   ? 8.995   -7.533  -1.275  1.00 48.43 ? 204 GOL A O3  1 
HETATM 1332 O O   . HOH G 5 .   ? -0.475  5.043   -5.287  1.00 19.06 ? 205 HOH A O   1 
HETATM 1333 O O   . HOH G 5 .   ? 2.415   9.347   0.452   1.00 19.27 ? 206 HOH A O   1 
HETATM 1334 O O   . HOH G 5 .   ? 7.809   -5.350  -0.385  1.00 23.59 ? 207 HOH A O   1 
HETATM 1335 O O   . HOH G 5 .   ? -13.732 -2.631  8.387   1.00 21.70 ? 208 HOH A O   1 
HETATM 1336 O O   . HOH G 5 .   ? 6.375   -11.501 3.185   1.00 19.16 ? 209 HOH A O   1 
HETATM 1337 O O   . HOH G 5 .   ? 10.886  16.589  -5.764  1.00 22.04 ? 210 HOH A O   1 
HETATM 1338 O O   . HOH G 5 .   ? 1.251   11.487  -12.636 1.00 20.77 ? 211 HOH A O   1 
HETATM 1339 O O   . HOH G 5 .   ? -3.712  -0.934  -12.251 1.00 22.19 ? 212 HOH A O   1 
HETATM 1340 O O   . HOH G 5 .   ? 16.114  -1.933  3.511   1.00 30.14 ? 213 HOH A O   1 
HETATM 1341 O O   . HOH G 5 .   ? 4.553   -12.731 -9.048  1.00 21.14 ? 214 HOH A O   1 
HETATM 1342 O O   . HOH G 5 .   ? 10.672  -4.352  3.254   1.00 23.68 ? 215 HOH A O   1 
HETATM 1343 O O   . HOH G 5 .   ? 12.142  -1.602  -3.529  1.00 24.04 ? 216 HOH A O   1 
HETATM 1344 O O   . HOH G 5 .   ? 14.857  8.031   -3.874  1.00 24.68 ? 217 HOH A O   1 
HETATM 1345 O O   . HOH G 5 .   ? 10.750  -7.162  11.135  1.00 28.31 ? 218 HOH A O   1 
HETATM 1346 O O   . HOH G 5 .   ? 6.784   -8.683  -10.270 1.00 27.17 ? 219 HOH A O   1 
HETATM 1347 O O   . HOH G 5 .   ? 6.440   -11.380 9.677   1.00 26.07 ? 220 HOH A O   1 
HETATM 1348 O O   . HOH G 5 .   ? 6.135   -12.084 -11.510 1.00 37.57 ? 221 HOH A O   1 
HETATM 1349 O O   . HOH G 5 .   ? -12.619 5.396   11.163  1.00 27.53 ? 222 HOH A O   1 
HETATM 1350 O O   . HOH G 5 .   ? 15.248  15.374  -2.059  1.00 25.89 ? 223 HOH A O   1 
HETATM 1351 O O   . HOH G 5 .   ? -10.768 0.378   -8.566  1.00 32.70 ? 224 HOH A O   1 
HETATM 1352 O O   . HOH G 5 .   ? -5.440  14.494  -0.877  1.00 41.97 ? 225 HOH A O   1 
HETATM 1353 O O   . HOH G 5 .   ? 13.569  10.715  -9.238  1.00 26.18 ? 226 HOH A O   1 
HETATM 1354 O O   . HOH G 5 .   ? -14.619 -12.721 4.621   1.00 28.29 ? 227 HOH A O   1 
HETATM 1355 O O   . HOH G 5 .   ? 9.205   1.090   9.002   1.00 27.86 ? 228 HOH A O   1 
HETATM 1356 O O   . HOH G 5 .   ? -5.549  -10.631 -9.338  1.00 20.19 ? 229 HOH A O   1 
HETATM 1357 O O   . HOH G 5 .   ? 3.624   -15.374 -1.435  1.00 29.28 ? 230 HOH A O   1 
HETATM 1358 O O   . HOH G 5 .   ? -0.727  8.854   -4.654  1.00 36.52 ? 231 HOH A O   1 
HETATM 1359 O O   . HOH G 5 .   ? -14.269 -5.482  -2.403  1.00 30.91 ? 232 HOH A O   1 
HETATM 1360 O O   . HOH G 5 .   ? -5.468  -2.415  17.483  1.00 37.77 ? 233 HOH A O   1 
HETATM 1361 O O   . HOH G 5 .   ? 17.834  7.666   3.345   1.00 27.38 ? 234 HOH A O   1 
HETATM 1362 O O   . HOH G 5 .   ? -4.111  -1.493  -15.502 1.00 35.15 ? 235 HOH A O   1 
HETATM 1363 O O   . HOH G 5 .   ? 4.284   -12.679 13.329  1.00 32.77 ? 236 HOH A O   1 
HETATM 1364 O O   . HOH G 5 .   ? 16.945  3.919   9.271   1.00 39.51 ? 237 HOH A O   1 
HETATM 1365 O O   . HOH G 5 .   ? -4.243  -6.192  20.393  1.00 49.05 ? 238 HOH A O   1 
HETATM 1366 O O   . HOH G 5 .   ? -1.608  10.824  -13.771 1.00 30.56 ? 239 HOH A O   1 
HETATM 1367 O O   . HOH G 5 .   ? -1.783  9.247   2.662   1.00 48.82 ? 240 HOH A O   1 
HETATM 1368 O O   . HOH G 5 .   ? 6.952   -13.151 7.604   1.00 34.07 ? 241 HOH A O   1 
HETATM 1369 O O   . HOH G 5 .   ? -14.603 0.661   15.936  1.00 55.72 ? 242 HOH A O   1 
HETATM 1370 O O   . HOH G 5 .   ? -5.361  -13.662 -7.148  1.00 29.47 ? 243 HOH A O   1 
HETATM 1371 O O   . HOH G 5 .   ? 0.125   -17.474 6.659   1.00 42.15 ? 244 HOH A O   1 
HETATM 1372 O O   . HOH G 5 .   ? 17.496  8.001   -3.772  1.00 45.58 ? 245 HOH A O   1 
HETATM 1373 O O   . HOH G 5 .   ? -10.514 -10.091 0.164   1.00 29.59 ? 246 HOH A O   1 
HETATM 1374 O O   . HOH G 5 .   ? -1.350  5.099   -9.087  1.00 28.45 ? 247 HOH A O   1 
HETATM 1375 O O   . HOH G 5 .   ? -5.464  9.754   15.940  1.00 38.16 ? 248 HOH A O   1 
HETATM 1376 O O   . HOH G 5 .   ? 12.486  3.945   -9.229  1.00 38.40 ? 249 HOH A O   1 
HETATM 1377 O O   . HOH G 5 .   ? -11.851 -11.337 4.202   1.00 33.16 ? 250 HOH A O   1 
HETATM 1378 O O   . HOH G 5 .   ? -11.265 -7.528  14.901  1.00 28.39 ? 251 HOH A O   1 
HETATM 1379 O O   . HOH G 5 .   ? 10.632  -10.679 -17.843 1.00 46.63 ? 252 HOH A O   1 
HETATM 1380 O O   . HOH G 5 .   ? -13.081 -9.760  2.242   1.00 50.87 ? 253 HOH A O   1 
HETATM 1381 O O   . HOH G 5 .   ? 6.255   11.026  -16.299 1.00 33.34 ? 254 HOH A O   1 
HETATM 1382 O O   . HOH G 5 .   ? 13.175  1.648   9.942   1.00 27.44 ? 255 HOH A O   1 
HETATM 1383 O O   . HOH G 5 .   ? 14.475  12.773  -12.956 1.00 30.85 ? 256 HOH A O   1 
HETATM 1384 O O   . HOH G 5 .   ? 12.304  0.282   -6.911  1.00 38.31 ? 257 HOH A O   1 
HETATM 1385 O O   . HOH G 5 .   ? -9.774  -4.002  -11.720 1.00 35.42 ? 258 HOH A O   1 
HETATM 1386 O O   . HOH G 5 .   ? 8.346   -1.557  9.327   1.00 37.66 ? 259 HOH A O   1 
HETATM 1387 O O   . HOH G 5 .   ? 9.089   -1.193  -7.764  1.00 35.48 ? 260 HOH A O   1 
HETATM 1388 O O   . HOH G 5 .   ? 7.510   1.909   -10.352 1.00 32.24 ? 261 HOH A O   1 
HETATM 1389 O O   . HOH G 5 .   ? 3.611   7.622   8.498   1.00 32.09 ? 262 HOH A O   1 
HETATM 1390 O O   . HOH G 5 .   ? -14.176 7.328   -4.605  1.00 43.60 ? 263 HOH A O   1 
HETATM 1391 O O   . HOH G 5 .   ? 5.195   -12.943 5.409   1.00 45.37 ? 264 HOH A O   1 
HETATM 1392 O O   . HOH G 5 .   ? -6.091  -12.483 -15.057 1.00 50.84 ? 265 HOH A O   1 
HETATM 1393 O O   . HOH G 5 .   ? -14.054 1.108   8.146   1.00 44.50 ? 266 HOH A O   1 
HETATM 1394 O O   . HOH G 5 .   ? -17.098 2.495   6.785   1.00 36.13 ? 267 HOH A O   1 
HETATM 1395 O O   . HOH G 5 .   ? 9.859   8.356   8.646   1.00 51.61 ? 268 HOH A O   1 
HETATM 1396 O O   . HOH G 5 .   ? 7.119   -13.219 1.057   1.00 32.04 ? 269 HOH A O   1 
HETATM 1397 O O   . HOH G 5 .   ? 6.867   -11.303 -3.795  1.00 33.04 ? 270 HOH A O   1 
HETATM 1398 O O   . HOH G 5 .   ? 13.725  -4.661  4.971   1.00 34.56 ? 271 HOH A O   1 
HETATM 1399 O O   . HOH G 5 .   ? 12.005  -9.681  -15.488 1.00 38.85 ? 272 HOH A O   1 
HETATM 1400 O O   . HOH G 5 .   ? -5.581  16.258  -3.861  1.00 48.11 ? 273 HOH A O   1 
HETATM 1401 O O   . HOH G 5 .   ? 1.029   -6.720  18.045  1.00 39.18 ? 274 HOH A O   1 
HETATM 1402 O O   . HOH G 5 .   ? -15.739 -5.525  1.019   1.00 26.77 ? 275 HOH A O   1 
HETATM 1403 O O   . HOH G 5 .   ? 7.262   -8.688  11.274  1.00 40.70 ? 276 HOH A O   1 
HETATM 1404 O O   . HOH G 5 .   ? -10.322 4.339   16.438  1.00 41.95 ? 277 HOH A O   1 
HETATM 1405 O O   . HOH G 5 .   ? -7.011  -12.803 -11.359 1.00 49.76 ? 278 HOH A O   1 
HETATM 1406 O O   . HOH G 5 .   ? -16.400 -7.476  -1.782  1.00 38.82 ? 279 HOH A O   1 
HETATM 1407 O O   . HOH G 5 .   ? 11.199  11.591  -16.045 1.00 36.37 ? 280 HOH A O   1 
HETATM 1408 O O   . HOH G 5 .   ? -0.736  -17.236 10.864  1.00 56.22 ? 281 HOH A O   1 
HETATM 1409 O O   . HOH G 5 .   ? -9.769  0.528   15.826  1.00 45.79 ? 282 HOH A O   1 
HETATM 1410 O O   . HOH G 5 .   ? -5.263  10.893  -9.887  1.00 50.77 ? 283 HOH A O   1 
HETATM 1411 O O   . HOH G 5 .   ? 12.284  8.245   -11.839 1.00 33.57 ? 284 HOH A O   1 
HETATM 1412 O O   . HOH G 5 .   ? 21.902  4.337   3.668   1.00 46.30 ? 285 HOH A O   1 
HETATM 1413 O O   . HOH G 5 .   ? -16.040 -1.081  11.334  1.00 40.38 ? 286 HOH A O   1 
HETATM 1414 O O   . HOH G 5 .   ? -11.995 5.521   13.856  1.00 44.59 ? 287 HOH A O   1 
HETATM 1415 O O   . HOH G 5 .   ? 10.332  -10.681 -20.902 1.00 38.52 ? 288 HOH A O   1 
HETATM 1416 O O   . HOH G 5 .   ? 2.245   -12.103 -18.040 1.00 53.50 ? 289 HOH A O   1 
HETATM 1417 O O   . HOH G 5 .   ? 5.681   -10.100 -20.597 1.00 56.28 ? 290 HOH A O   1 
HETATM 1418 O O   . HOH G 5 .   ? -8.013  -0.867  18.022  1.00 45.44 ? 291 HOH A O   1 
HETATM 1419 O O   . HOH G 5 .   ? 5.627   2.753   -16.133 1.00 57.77 ? 292 HOH A O   1 
HETATM 1420 O O   . HOH G 5 .   ? 0.160   -4.053  17.894  1.00 51.82 ? 293 HOH A O   1 
HETATM 1421 O O   . HOH G 5 .   ? -12.489 7.953   10.348  1.00 47.72 ? 294 HOH A O   1 
HETATM 1422 O O   . HOH G 5 .   ? 19.621  1.901   10.120  1.00 51.64 ? 295 HOH A O   1 
HETATM 1423 O O   . HOH G 5 .   ? 3.681   5.452   -20.174 1.00 41.50 ? 296 HOH A O   1 
HETATM 1424 O O   . HOH G 5 .   ? -0.100  18.626  -6.957  1.00 45.39 ? 297 HOH A O   1 
HETATM 1425 O O   . HOH G 5 .   ? 12.466  -5.683  -12.727 1.00 47.48 ? 298 HOH A O   1 
HETATM 1426 O O   . HOH G 5 .   ? 10.336  -5.827  0.951   1.00 53.75 ? 299 HOH A O   1 
HETATM 1427 O O   . HOH G 5 .   ? 3.752   -1.614  15.040  1.00 46.28 ? 300 HOH A O   1 
HETATM 1428 O O   . HOH G 5 .   ? -0.525  11.985  -16.816 1.00 33.65 ? 301 HOH A O   1 
HETATM 1429 O O   . HOH G 5 .   ? -8.837  -12.324 -7.036  1.00 46.95 ? 302 HOH A O   1 
HETATM 1430 O O   . HOH G 5 .   ? 8.968   4.044   -9.700  1.00 36.11 ? 303 HOH A O   1 
HETATM 1431 O O   . HOH G 5 .   ? -9.728  7.754   8.042   1.00 50.42 ? 304 HOH A O   1 
HETATM 1432 O O   . HOH G 5 .   ? 8.763   -8.289  -4.517  1.00 45.33 ? 305 HOH A O   1 
HETATM 1433 O O   . HOH G 5 .   ? 14.371  -3.614  -3.351  1.00 43.73 ? 306 HOH A O   1 
HETATM 1434 O O   . HOH G 5 .   ? 13.456  10.352  -13.578 1.00 47.63 ? 307 HOH A O   1 
HETATM 1435 O O   . HOH G 5 .   ? -11.997 -4.461  19.117  1.00 50.17 ? 308 HOH A O   1 
HETATM 1436 O O   . HOH G 5 .   ? -0.005  -10.044 -18.817 1.00 52.67 ? 309 HOH A O   1 
HETATM 1437 O O   . HOH G 5 .   ? -2.369  -18.221 3.079   1.00 40.65 ? 310 HOH A O   1 
HETATM 1438 O O   . HOH G 5 .   ? 9.660   5.259   -15.552 1.00 38.00 ? 311 HOH A O   1 
HETATM 1439 O O   . HOH G 5 .   ? -10.830 11.148  -3.034  1.00 50.35 ? 312 HOH A O   1 
HETATM 1440 O O   . HOH G 5 .   ? 1.654   13.601  3.594   1.00 49.37 ? 313 HOH A O   1 
HETATM 1441 O O   . HOH G 5 .   ? -8.125  -16.352 -1.156  1.00 51.57 ? 314 HOH A O   1 
HETATM 1442 O O   . HOH G 5 .   ? -9.353  1.841   -10.688 1.00 40.94 ? 315 HOH A O   1 
HETATM 1443 O O   . HOH G 5 .   ? -7.395  -14.189 14.644  1.00 47.89 ? 316 HOH A O   1 
HETATM 1444 O O   . HOH G 5 .   ? -0.466  11.506  -4.946  1.00 53.39 ? 317 HOH A O   1 
# 
